data_9MXV
#
_entry.id   9MXV
#
loop_
_entity.id
_entity.type
_entity.pdbx_description
1 polymer 'Major vault protein'
2 non-polymer "ADENOSINE-5'-DIPHOSPHATE"
#
_entity_poly.entity_id   1
_entity_poly.type   'polypeptide(L)'
_entity_poly.pdbx_seq_one_letter_code
;MATEEFIIRIPPYHYIHVLDQNSNVSRVEVGPKTYIRQDNERVLFAPMRMVTVPPRHYCTVANPVSRDAQGLVLFDVTGQ
VRLRHADLEIRLAQDPFPLYPGEVLEKDITPLQVVLPNTALHLKALLDFEDKDGDKVVAGDEWLFEGPGTYIPRKEVEVV
EIIQATIIRQNQALRLRARKECWDRDGKERVTGEEWLVTTVGAYLPAVFEEVLDLVDAVILTEKTALHLRARRNFRDFRG
VSRRTGEEWLVTVQDTEAHVPDVHEEVLGVVPITTLGPHNYCVILDPVGPDGKNQLGQKRVVKGEKSFFLQPGEQLEQGI
QDVYVLSEQQGLLLRALQPLEEGEDEEKVSHQAGDHWLIRGPLEYVPSAKVEVVEERQAIPLDENEGIYVQDVKTGKVRA
VIGSTYMLTQDEVLWEKELPPGVEELLNKGQDPLADRGEKDTAKSLQPLAPRNKTRVVSYRVPHNAAVQVYDYREKRARV
VFGPELVSLGPEEQFTVLSLSAGRPKRPHARRALCLLLGPDFFTDVITIETADHARLQLQLAYNWHFEVNDRKDPQETAK
LFSVPDFVGDACKAIASRVRGAVASVTFDDFHKNSARIIRTAVFGFETSEAKGPDGMALPRPRDQAVFPQNGLVVSSVDV
QSVEPVDQRTRDALQRSVQLAIEITTNSQEAAAKHEAQRLEQEARGRLERQKILDQSEAEKARKELLELEALSMAVESTG
TAKAEAESRAEAARIEGEGSVLQAKLKAQALAIETEAELQRVQKVRELELVYARAQLELEVSKAQQLAEVEVKKFKQMTE
AIGPSTIRDLAVAGPEMQVKLLQSLGLKSTLITDGSTPINLFNTAFGLLGMGPEGQPLGRRVASGPSPGEGISPQSAQAP
QAPGDNHVVPVLR
;
_entity_poly.pdbx_strand_id   A,B
#
# COMPACT_ATOMS: atom_id res chain seq x y z
N GLU A 5 -0.15 -1.44 -27.52
CA GLU A 5 0.56 -2.54 -28.14
C GLU A 5 0.02 -2.84 -29.53
N PHE A 6 -0.72 -1.88 -30.09
CA PHE A 6 -1.26 -2.01 -31.43
C PHE A 6 -0.35 -1.26 -32.38
N ILE A 7 0.15 -0.11 -31.92
CA ILE A 7 1.04 0.72 -32.71
C ILE A 7 2.47 0.33 -32.32
N ILE A 8 3.29 0.09 -33.34
CA ILE A 8 4.64 -0.42 -33.19
C ILE A 8 5.49 0.13 -34.32
N ARG A 9 6.61 0.77 -33.97
CA ARG A 9 7.46 1.43 -34.94
C ARG A 9 8.72 0.61 -35.12
N ILE A 10 9.03 0.26 -36.38
CA ILE A 10 10.17 -0.56 -36.72
C ILE A 10 11.26 0.37 -37.27
N PRO A 11 12.43 0.45 -36.63
CA PRO A 11 13.48 1.34 -37.12
C PRO A 11 13.90 0.96 -38.52
N PRO A 12 14.66 1.81 -39.20
CA PRO A 12 15.17 1.44 -40.53
C PRO A 12 16.13 0.27 -40.42
N TYR A 13 16.13 -0.55 -41.47
CA TYR A 13 16.91 -1.78 -41.53
C TYR A 13 16.63 -2.65 -40.31
N HIS A 14 15.39 -3.08 -40.19
CA HIS A 14 14.96 -4.02 -39.16
C HIS A 14 13.82 -4.84 -39.73
N TYR A 15 13.15 -5.59 -38.86
CA TYR A 15 11.97 -6.35 -39.26
C TYR A 15 11.29 -6.91 -38.02
N ILE A 16 10.09 -7.47 -38.24
CA ILE A 16 9.37 -8.26 -37.25
C ILE A 16 8.57 -9.32 -38.01
N HIS A 17 7.97 -10.25 -37.26
CA HIS A 17 7.04 -11.22 -37.81
C HIS A 17 5.72 -11.13 -37.07
N VAL A 18 4.62 -11.15 -37.83
CA VAL A 18 3.28 -11.07 -37.28
C VAL A 18 2.47 -12.24 -37.85
N LEU A 19 1.65 -12.86 -36.98
CA LEU A 19 0.83 -14.01 -37.35
C LEU A 19 -0.63 -13.62 -37.46
N ASP A 20 -1.26 -14.01 -38.57
CA ASP A 20 -2.67 -13.73 -38.80
C ASP A 20 -3.51 -14.93 -38.38
N GLN A 21 -4.26 -14.79 -37.30
CA GLN A 21 -4.91 -15.95 -36.69
C GLN A 21 -6.18 -16.39 -37.42
N ASN A 22 -6.45 -15.81 -38.58
CA ASN A 22 -7.61 -16.23 -39.35
C ASN A 22 -7.20 -17.45 -40.17
N SER A 23 -6.11 -17.31 -40.89
CA SER A 23 -5.55 -18.42 -41.66
C SER A 23 -4.38 -19.09 -40.95
N ASN A 24 -3.91 -18.51 -39.85
CA ASN A 24 -2.76 -19.03 -39.11
C ASN A 24 -1.52 -19.12 -40.02
N VAL A 25 -1.36 -18.14 -40.89
CA VAL A 25 -0.20 -18.04 -41.76
C VAL A 25 0.62 -16.82 -41.34
N SER A 26 1.94 -16.96 -41.34
CA SER A 26 2.78 -15.90 -40.81
C SER A 26 3.65 -15.29 -41.90
N ARG A 27 4.07 -14.06 -41.63
CA ARG A 27 4.85 -13.26 -42.55
C ARG A 27 5.79 -12.29 -41.84
N VAL A 28 6.44 -11.43 -42.62
CA VAL A 28 7.46 -10.53 -42.10
C VAL A 28 7.19 -9.12 -42.58
N GLU A 29 7.41 -8.15 -41.70
CA GLU A 29 7.21 -6.73 -42.02
C GLU A 29 8.57 -6.06 -42.01
N VAL A 30 9.01 -5.61 -43.18
CA VAL A 30 10.38 -5.12 -43.39
C VAL A 30 10.33 -3.68 -43.83
N GLY A 31 11.23 -2.86 -43.29
CA GLY A 31 11.39 -1.50 -43.75
C GLY A 31 11.40 -0.50 -42.62
N PRO A 32 11.73 0.75 -42.95
CA PRO A 32 11.60 1.84 -41.98
C PRO A 32 10.16 2.32 -41.87
N LYS A 33 9.34 1.66 -41.04
CA LYS A 33 7.92 1.95 -40.98
C LYS A 33 7.43 2.12 -39.55
N THR A 34 6.32 2.84 -39.41
CA THR A 34 5.47 2.70 -38.24
C THR A 34 4.35 1.73 -38.57
N TYR A 35 4.22 0.69 -37.76
CA TYR A 35 3.33 -0.42 -38.09
C TYR A 35 2.13 -0.41 -37.16
N ILE A 36 0.96 -0.65 -37.73
CA ILE A 36 -0.30 -0.66 -37.01
C ILE A 36 -0.90 -2.04 -37.19
N ARG A 37 -1.07 -2.78 -36.10
CA ARG A 37 -1.59 -4.13 -36.21
C ARG A 37 -3.10 -4.14 -36.00
N GLN A 38 -3.74 -5.18 -36.51
CA GLN A 38 -5.15 -5.39 -36.24
C GLN A 38 -5.30 -5.98 -34.85
N ASP A 39 -6.49 -6.54 -34.61
CA ASP A 39 -6.83 -7.17 -33.35
C ASP A 39 -6.78 -8.67 -33.50
N ASN A 40 -7.04 -9.15 -34.72
CA ASN A 40 -6.95 -10.58 -35.00
C ASN A 40 -5.49 -11.01 -35.13
N GLU A 41 -4.60 -10.07 -35.41
CA GLU A 41 -3.19 -10.35 -35.62
C GLU A 41 -2.42 -10.27 -34.31
N ARG A 42 -1.22 -10.86 -34.31
CA ARG A 42 -0.28 -10.77 -33.20
C ARG A 42 1.14 -10.67 -33.73
N VAL A 43 1.91 -9.73 -33.16
CA VAL A 43 3.33 -9.58 -33.44
C VAL A 43 4.07 -10.62 -32.60
N LEU A 44 5.07 -11.27 -33.21
CA LEU A 44 5.68 -12.43 -32.56
C LEU A 44 6.74 -12.02 -31.55
N PHE A 45 7.65 -11.14 -31.93
CA PHE A 45 8.76 -10.76 -31.06
C PHE A 45 9.03 -9.27 -31.26
N ALA A 46 9.91 -8.72 -30.41
CA ALA A 46 10.35 -7.34 -30.45
C ALA A 46 11.34 -7.14 -31.58
N PRO A 47 11.34 -5.96 -32.22
CA PRO A 47 12.15 -5.74 -33.43
C PRO A 47 13.59 -6.24 -33.37
N MET A 48 14.04 -6.89 -34.44
CA MET A 48 15.39 -7.43 -34.55
C MET A 48 16.06 -6.89 -35.80
N ARG A 49 17.33 -6.50 -35.67
CA ARG A 49 18.06 -5.94 -36.80
C ARG A 49 18.33 -7.02 -37.83
N MET A 50 18.01 -6.74 -39.09
CA MET A 50 18.18 -7.75 -40.12
C MET A 50 19.65 -7.90 -40.46
N VAL A 51 20.14 -9.14 -40.36
CA VAL A 51 21.57 -9.41 -40.24
C VAL A 51 22.30 -9.00 -41.50
N THR A 52 23.50 -8.44 -41.31
CA THR A 52 24.36 -7.96 -42.38
C THR A 52 25.65 -8.75 -42.35
N VAL A 53 25.99 -9.39 -43.47
CA VAL A 53 27.24 -10.12 -43.61
C VAL A 53 28.22 -9.25 -44.38
N PRO A 54 29.32 -8.81 -43.77
CA PRO A 54 30.26 -7.93 -44.46
C PRO A 54 30.91 -8.63 -45.64
N PRO A 55 31.73 -7.92 -46.42
CA PRO A 55 32.52 -8.59 -47.45
C PRO A 55 33.53 -9.55 -46.83
N ARG A 56 34.04 -10.44 -47.69
CA ARG A 56 34.91 -11.56 -47.29
C ARG A 56 34.42 -12.23 -46.00
N HIS A 57 33.12 -12.50 -45.94
CA HIS A 57 32.51 -13.21 -44.82
C HIS A 57 31.36 -14.06 -45.31
N TYR A 58 30.72 -14.76 -44.36
CA TYR A 58 29.93 -15.93 -44.66
C TYR A 58 28.88 -16.16 -43.58
N CYS A 59 27.78 -16.82 -43.95
CA CYS A 59 26.80 -17.30 -42.98
C CYS A 59 25.96 -18.40 -43.61
N THR A 60 25.48 -19.31 -42.76
CA THR A 60 24.61 -20.41 -43.17
C THR A 60 23.25 -20.25 -42.48
N VAL A 61 22.19 -20.26 -43.28
CA VAL A 61 20.82 -20.13 -42.78
C VAL A 61 20.10 -21.44 -43.04
N ALA A 62 19.75 -22.14 -41.97
CA ALA A 62 19.02 -23.39 -42.09
C ALA A 62 17.62 -23.15 -42.62
N ASN A 63 17.17 -24.05 -43.49
CA ASN A 63 15.83 -24.02 -44.07
C ASN A 63 15.62 -22.73 -44.85
N PRO A 64 16.30 -22.54 -45.97
CA PRO A 64 16.12 -21.31 -46.74
C PRO A 64 14.76 -21.30 -47.43
N VAL A 65 14.29 -20.10 -47.75
CA VAL A 65 13.08 -19.96 -48.55
C VAL A 65 13.34 -20.46 -49.96
N SER A 66 12.27 -20.80 -50.68
CA SER A 66 12.40 -21.12 -52.08
C SER A 66 12.46 -19.83 -52.90
N ARG A 67 12.83 -19.97 -54.17
CA ARG A 67 12.95 -18.83 -55.06
C ARG A 67 12.45 -19.20 -56.45
N ASP A 68 12.22 -18.18 -57.27
CA ASP A 68 11.84 -18.37 -58.65
C ASP A 68 13.05 -18.10 -59.56
N ALA A 69 12.82 -18.09 -60.87
CA ALA A 69 13.91 -17.84 -61.80
C ALA A 69 14.50 -16.44 -61.61
N GLN A 70 13.68 -15.49 -61.17
CA GLN A 70 14.18 -14.15 -60.90
C GLN A 70 14.86 -14.08 -59.54
N GLY A 71 14.62 -15.07 -58.69
CA GLY A 71 15.11 -15.06 -57.33
C GLY A 71 14.14 -14.51 -56.31
N LEU A 72 12.87 -14.39 -56.66
CA LEU A 72 11.87 -13.84 -55.75
C LEU A 72 11.35 -14.92 -54.84
N VAL A 73 10.91 -14.51 -53.64
CA VAL A 73 10.46 -15.48 -52.65
C VAL A 73 9.10 -16.03 -53.06
N LEU A 74 8.88 -17.31 -52.77
CA LEU A 74 7.63 -17.98 -53.10
C LEU A 74 6.78 -18.17 -51.84
N PHE A 75 5.49 -17.92 -51.97
CA PHE A 75 4.52 -18.12 -50.91
C PHE A 75 3.61 -19.28 -51.26
N ASP A 76 2.92 -19.79 -50.24
CA ASP A 76 1.89 -20.80 -50.44
C ASP A 76 0.60 -20.15 -50.92
N VAL A 77 -0.37 -21.00 -51.26
CA VAL A 77 -1.72 -20.51 -51.52
C VAL A 77 -2.32 -19.92 -50.25
N THR A 78 -1.98 -20.49 -49.09
CA THR A 78 -2.47 -19.94 -47.83
C THR A 78 -1.78 -18.64 -47.48
N GLY A 79 -0.62 -18.37 -48.10
CA GLY A 79 0.10 -17.14 -47.82
C GLY A 79 1.36 -17.39 -47.03
N GLN A 80 1.60 -18.65 -46.66
CA GLN A 80 2.79 -19.01 -45.92
C GLN A 80 4.00 -19.02 -46.84
N VAL A 81 5.16 -18.70 -46.28
CA VAL A 81 6.39 -18.67 -47.07
C VAL A 81 6.82 -20.09 -47.40
N ARG A 82 7.27 -20.27 -48.65
CA ARG A 82 7.73 -21.56 -49.14
C ARG A 82 9.13 -21.82 -48.61
N LEU A 83 9.35 -22.99 -48.02
CA LEU A 83 10.66 -23.29 -47.46
C LEU A 83 11.27 -24.52 -48.09
N ARG A 84 12.55 -24.73 -47.79
CA ARG A 84 13.28 -25.94 -48.15
C ARG A 84 13.76 -26.60 -46.86
N HIS A 85 13.28 -27.81 -46.60
CA HIS A 85 13.44 -28.40 -45.27
C HIS A 85 14.72 -29.23 -45.18
N ALA A 86 15.35 -29.17 -44.00
CA ALA A 86 16.61 -29.87 -43.75
C ALA A 86 17.65 -29.50 -44.79
N ASP A 87 17.58 -28.28 -45.29
CA ASP A 87 18.44 -27.79 -46.35
C ASP A 87 19.11 -26.52 -45.87
N LEU A 88 20.28 -26.23 -46.45
CA LEU A 88 21.09 -25.08 -46.09
C LEU A 88 21.39 -24.25 -47.32
N GLU A 89 21.83 -23.02 -47.08
CA GLU A 89 22.17 -22.10 -48.15
C GLU A 89 23.53 -21.49 -47.87
N ILE A 90 24.19 -21.04 -48.94
CA ILE A 90 25.50 -20.43 -48.88
C ILE A 90 25.32 -18.94 -49.07
N ARG A 91 25.40 -18.17 -47.98
CA ARG A 91 25.13 -16.74 -48.03
C ARG A 91 26.43 -15.98 -47.85
N LEU A 92 26.92 -15.39 -48.95
CA LEU A 92 28.08 -14.54 -48.93
C LEU A 92 27.64 -13.09 -48.75
N ALA A 93 28.57 -12.16 -48.97
CA ALA A 93 28.29 -10.75 -48.72
C ALA A 93 27.20 -10.22 -49.63
N GLN A 94 26.24 -9.51 -49.04
CA GLN A 94 25.13 -8.93 -49.78
C GLN A 94 24.39 -7.94 -48.89
N ASP A 95 23.26 -7.44 -49.40
CA ASP A 95 22.47 -6.46 -48.68
C ASP A 95 21.81 -7.08 -47.45
N PRO A 96 21.38 -6.29 -46.48
CA PRO A 96 20.83 -6.86 -45.24
C PRO A 96 19.50 -7.56 -45.42
N PHE A 97 19.56 -8.80 -45.89
CA PHE A 97 18.37 -9.63 -46.01
C PHE A 97 17.70 -9.83 -44.65
N PRO A 98 16.37 -9.99 -44.63
CA PRO A 98 15.70 -10.40 -43.39
C PRO A 98 15.52 -11.90 -43.32
N LEU A 99 15.35 -12.43 -42.11
CA LEU A 99 14.98 -13.83 -41.91
C LEU A 99 13.47 -13.96 -41.87
N TYR A 100 12.93 -14.89 -42.64
CA TYR A 100 11.48 -15.08 -42.72
C TYR A 100 11.06 -16.04 -41.60
N PRO A 101 9.77 -16.31 -41.45
CA PRO A 101 9.35 -17.29 -40.43
C PRO A 101 9.80 -18.70 -40.79
N GLY A 102 10.29 -19.42 -39.79
CA GLY A 102 10.83 -20.74 -40.05
C GLY A 102 12.22 -20.73 -40.66
N GLU A 103 12.92 -19.60 -40.59
CA GLU A 103 14.30 -19.47 -41.02
C GLU A 103 15.17 -19.45 -39.78
N VAL A 104 16.14 -20.34 -39.72
CA VAL A 104 17.05 -20.40 -38.59
C VAL A 104 18.44 -20.01 -39.06
N LEU A 105 19.20 -19.35 -38.19
CA LEU A 105 20.57 -18.94 -38.47
C LEU A 105 21.50 -20.03 -37.97
N GLU A 106 22.09 -20.78 -38.89
CA GLU A 106 22.89 -21.95 -38.51
C GLU A 106 24.27 -21.54 -38.01
N LYS A 107 25.02 -20.78 -38.81
CA LYS A 107 26.28 -20.22 -38.38
C LYS A 107 26.23 -18.71 -38.55
N ASP A 108 26.73 -17.99 -37.54
CA ASP A 108 26.79 -16.54 -37.57
C ASP A 108 27.69 -16.07 -38.70
N ILE A 109 27.80 -14.74 -38.82
CA ILE A 109 28.79 -14.19 -39.72
C ILE A 109 30.17 -14.61 -39.22
N THR A 110 30.89 -15.33 -40.04
CA THR A 110 32.22 -15.83 -39.76
C THR A 110 33.17 -15.39 -40.87
N PRO A 111 34.47 -15.32 -40.59
CA PRO A 111 35.41 -14.92 -41.64
C PRO A 111 35.77 -16.07 -42.57
N LEU A 112 35.75 -15.76 -43.86
CA LEU A 112 36.24 -16.70 -44.85
C LEU A 112 37.72 -16.97 -44.62
N GLN A 113 38.07 -18.22 -44.37
CA GLN A 113 39.45 -18.61 -44.03
C GLN A 113 40.26 -18.81 -45.31
N VAL A 114 41.41 -18.15 -45.37
CA VAL A 114 42.23 -18.07 -46.57
C VAL A 114 43.37 -19.07 -46.46
N VAL A 115 43.68 -19.73 -47.57
CA VAL A 115 44.69 -20.78 -47.58
C VAL A 115 46.06 -20.16 -47.78
N LEU A 116 47.00 -20.52 -46.92
CA LEU A 116 48.33 -19.93 -46.97
C LEU A 116 49.15 -20.59 -48.08
N PRO A 117 50.29 -20.03 -48.47
CA PRO A 117 51.15 -20.74 -49.42
C PRO A 117 51.81 -21.95 -48.78
N ASN A 118 52.08 -22.95 -49.62
CA ASN A 118 52.65 -24.23 -49.18
C ASN A 118 51.80 -24.90 -48.13
N THR A 119 50.49 -24.96 -48.38
CA THR A 119 49.57 -25.72 -47.55
C THR A 119 48.36 -26.05 -48.39
N ALA A 120 47.46 -26.86 -47.83
CA ALA A 120 46.29 -27.32 -48.57
C ALA A 120 45.17 -27.72 -47.62
N LEU A 121 43.95 -27.64 -48.12
CA LEU A 121 42.76 -28.00 -47.36
C LEU A 121 42.27 -29.37 -47.81
N HIS A 122 41.96 -30.22 -46.84
CA HIS A 122 41.51 -31.58 -47.10
C HIS A 122 39.99 -31.63 -46.99
N LEU A 123 39.30 -31.70 -48.14
CA LEU A 123 37.85 -31.55 -48.20
C LEU A 123 37.20 -32.79 -48.79
N LYS A 124 36.21 -33.32 -48.07
CA LYS A 124 35.48 -34.52 -48.45
C LYS A 124 34.01 -34.18 -48.70
N ALA A 125 33.44 -34.77 -49.75
CA ALA A 125 32.05 -34.53 -50.09
C ALA A 125 31.12 -35.33 -49.17
N LEU A 126 30.26 -34.61 -48.43
CA LEU A 126 29.28 -35.29 -47.58
C LEU A 126 28.15 -35.87 -48.41
N LEU A 127 27.55 -35.07 -49.27
CA LEU A 127 26.45 -35.49 -50.12
C LEU A 127 26.85 -35.32 -51.56
N ASP A 128 26.38 -36.23 -52.41
CA ASP A 128 26.69 -36.18 -53.83
C ASP A 128 26.27 -34.83 -54.42
N PHE A 129 26.97 -34.42 -55.47
CA PHE A 129 26.66 -33.18 -56.15
C PHE A 129 27.39 -33.18 -57.48
N GLU A 130 27.29 -32.06 -58.19
CA GLU A 130 27.95 -31.88 -59.48
C GLU A 130 28.98 -30.78 -59.35
N ASP A 131 30.11 -30.95 -60.05
CA ASP A 131 31.28 -30.12 -59.80
C ASP A 131 31.28 -28.89 -60.71
N LYS A 132 32.09 -27.90 -60.32
CA LYS A 132 32.19 -26.67 -61.10
C LYS A 132 32.81 -26.94 -62.48
N ASP A 133 33.69 -27.93 -62.57
CA ASP A 133 34.38 -28.22 -63.82
C ASP A 133 33.59 -29.13 -64.74
N GLY A 134 32.37 -29.50 -64.36
CA GLY A 134 31.56 -30.41 -65.15
C GLY A 134 31.57 -31.84 -64.66
N ASP A 135 32.08 -32.10 -63.47
CA ASP A 135 32.21 -33.47 -62.98
C ASP A 135 31.11 -33.78 -61.97
N LYS A 136 30.87 -35.07 -61.79
CA LYS A 136 29.93 -35.56 -60.78
C LYS A 136 30.72 -36.14 -59.62
N VAL A 137 30.60 -35.51 -58.46
CA VAL A 137 31.42 -35.82 -57.30
C VAL A 137 30.58 -36.67 -56.35
N VAL A 138 30.72 -38.00 -56.47
CA VAL A 138 29.96 -38.90 -55.61
C VAL A 138 30.35 -38.65 -54.15
N ALA A 139 29.36 -38.74 -53.28
CA ALA A 139 29.60 -38.51 -51.86
C ALA A 139 30.65 -39.49 -51.34
N GLY A 140 31.57 -38.98 -50.54
CA GLY A 140 32.67 -39.77 -50.03
C GLY A 140 33.99 -39.60 -50.74
N ASP A 141 34.06 -38.72 -51.74
CA ASP A 141 35.31 -38.48 -52.44
C ASP A 141 36.20 -37.53 -51.64
N GLU A 142 37.48 -37.53 -51.99
CA GLU A 142 38.51 -36.77 -51.29
C GLU A 142 39.17 -35.79 -52.26
N TRP A 143 39.39 -34.57 -51.80
CA TRP A 143 40.00 -33.52 -52.60
C TRP A 143 41.17 -32.90 -51.86
N LEU A 144 41.88 -32.05 -52.59
CA LEU A 144 42.82 -31.09 -52.00
C LEU A 144 42.60 -29.76 -52.69
N PHE A 145 42.18 -28.75 -51.94
CA PHE A 145 42.22 -27.38 -52.41
C PHE A 145 43.48 -26.73 -51.88
N GLU A 146 44.44 -26.48 -52.78
CA GLU A 146 45.76 -26.04 -52.38
C GLU A 146 46.11 -24.76 -53.10
N GLY A 147 47.19 -24.13 -52.64
CA GLY A 147 47.62 -22.86 -53.16
C GLY A 147 47.39 -21.78 -52.13
N PRO A 148 47.58 -20.51 -52.52
CA PRO A 148 47.33 -19.39 -51.60
C PRO A 148 45.91 -18.83 -51.63
N GLY A 149 44.96 -19.49 -52.26
CA GLY A 149 43.67 -18.87 -52.51
C GLY A 149 42.78 -18.80 -51.29
N THR A 150 41.56 -18.28 -51.50
CA THR A 150 40.52 -18.29 -50.49
C THR A 150 39.52 -19.41 -50.79
N TYR A 151 39.06 -20.08 -49.75
CA TYR A 151 38.08 -21.15 -49.89
C TYR A 151 36.69 -20.66 -49.50
N ILE A 152 35.77 -20.72 -50.45
CA ILE A 152 34.36 -20.40 -50.21
C ILE A 152 33.65 -21.70 -49.82
N PRO A 153 33.06 -21.80 -48.63
CA PRO A 153 32.48 -23.07 -48.20
C PRO A 153 31.36 -23.51 -49.13
N ARG A 154 30.97 -24.77 -48.97
CA ARG A 154 29.81 -25.30 -49.66
C ARG A 154 28.99 -26.07 -48.65
N LYS A 155 27.78 -26.45 -49.06
CA LYS A 155 26.87 -27.15 -48.14
C LYS A 155 27.24 -28.61 -48.00
N GLU A 156 27.32 -29.32 -49.12
CA GLU A 156 27.53 -30.75 -49.16
C GLU A 156 29.01 -31.12 -49.15
N VAL A 157 29.90 -30.16 -48.91
CA VAL A 157 31.34 -30.38 -48.94
C VAL A 157 31.92 -29.91 -47.62
N GLU A 158 32.65 -30.80 -46.95
CA GLU A 158 33.13 -30.56 -45.60
C GLU A 158 34.65 -30.62 -45.60
N VAL A 159 35.28 -29.74 -44.83
CA VAL A 159 36.73 -29.66 -44.77
C VAL A 159 37.21 -30.53 -43.61
N VAL A 160 38.08 -31.49 -43.91
CA VAL A 160 38.52 -32.44 -42.89
C VAL A 160 39.67 -31.85 -42.08
N GLU A 161 40.63 -31.24 -42.76
CA GLU A 161 41.83 -30.73 -42.11
C GLU A 161 42.67 -29.96 -43.12
N ILE A 162 43.73 -29.35 -42.61
CA ILE A 162 44.72 -28.66 -43.43
C ILE A 162 46.03 -29.42 -43.32
N ILE A 163 46.73 -29.56 -44.44
CA ILE A 163 47.98 -30.31 -44.50
C ILE A 163 49.09 -29.36 -44.90
N GLN A 164 50.18 -29.36 -44.14
CA GLN A 164 51.34 -28.56 -44.47
C GLN A 164 52.25 -29.29 -45.45
N ALA A 165 53.06 -28.53 -46.16
CA ALA A 165 54.09 -29.14 -46.98
C ALA A 165 55.25 -29.60 -46.09
N THR A 166 55.94 -30.63 -46.56
CA THR A 166 57.19 -31.07 -45.97
C THR A 166 58.32 -30.61 -46.87
N ILE A 167 59.44 -30.23 -46.28
CA ILE A 167 60.56 -29.65 -47.01
C ILE A 167 61.58 -30.74 -47.32
N ILE A 168 61.96 -30.85 -48.59
CA ILE A 168 62.95 -31.81 -49.05
C ILE A 168 64.15 -31.02 -49.57
N ARG A 169 65.30 -31.19 -48.91
CA ARG A 169 66.52 -30.51 -49.31
C ARG A 169 67.28 -31.36 -50.32
N GLN A 170 68.51 -30.98 -50.61
CA GLN A 170 69.33 -31.79 -51.49
C GLN A 170 69.79 -33.04 -50.75
N ASN A 171 69.94 -34.14 -51.50
CA ASN A 171 70.34 -35.46 -50.97
C ASN A 171 69.40 -35.99 -49.90
N GLN A 172 68.11 -36.01 -50.19
CA GLN A 172 67.09 -36.53 -49.27
C GLN A 172 66.00 -37.21 -50.07
N ALA A 173 65.23 -38.10 -49.44
CA ALA A 173 64.16 -38.78 -50.18
C ALA A 173 62.70 -38.69 -49.71
N LEU A 174 62.45 -38.56 -48.40
CA LEU A 174 61.08 -38.49 -47.88
C LEU A 174 60.11 -39.65 -48.22
N ARG A 175 60.28 -40.80 -47.59
CA ARG A 175 59.43 -41.95 -47.84
C ARG A 175 57.93 -41.76 -47.54
N LEU A 176 57.08 -42.26 -48.43
CA LEU A 176 55.62 -42.16 -48.32
C LEU A 176 54.92 -43.52 -48.42
N ARG A 177 53.95 -43.75 -47.54
CA ARG A 177 53.18 -44.99 -47.54
C ARG A 177 51.71 -44.74 -47.89
N ALA A 178 51.17 -45.52 -48.83
CA ALA A 178 49.78 -45.36 -49.29
C ALA A 178 48.64 -45.76 -48.34
N ARG A 179 47.68 -44.85 -48.16
CA ARG A 179 46.48 -45.12 -47.35
C ARG A 179 45.64 -46.21 -47.98
N LYS A 180 45.54 -46.21 -49.31
CA LYS A 180 44.70 -47.14 -50.05
C LYS A 180 45.31 -47.31 -51.44
N GLU A 181 44.73 -48.21 -52.22
CA GLU A 181 45.19 -48.37 -53.59
C GLU A 181 45.05 -47.06 -54.33
N CYS A 182 46.13 -46.64 -54.99
CA CYS A 182 46.19 -45.27 -55.48
C CYS A 182 47.04 -45.11 -56.73
N TRP A 183 47.44 -43.87 -56.97
CA TRP A 183 48.32 -43.52 -58.06
C TRP A 183 49.35 -42.54 -57.53
N ASP A 184 50.37 -42.24 -58.30
CA ASP A 184 51.41 -41.34 -57.79
C ASP A 184 51.80 -40.33 -58.87
N ARG A 185 52.42 -39.25 -58.41
CA ARG A 185 52.87 -38.16 -59.27
C ARG A 185 53.65 -38.69 -60.45
N ASP A 186 54.56 -39.61 -60.17
CA ASP A 186 55.38 -40.18 -61.22
C ASP A 186 54.58 -41.02 -62.18
N GLY A 187 53.27 -41.15 -61.94
CA GLY A 187 52.40 -41.81 -62.89
C GLY A 187 52.54 -43.32 -62.94
N LYS A 188 52.64 -43.96 -61.78
CA LYS A 188 52.74 -45.41 -61.72
C LYS A 188 51.95 -45.99 -60.56
N GLU A 189 51.43 -47.19 -60.79
CA GLU A 189 50.57 -47.88 -59.84
C GLU A 189 51.18 -47.96 -58.44
N ARG A 190 50.34 -47.80 -57.42
CA ARG A 190 50.67 -48.16 -56.06
C ARG A 190 49.51 -48.96 -55.50
N VAL A 191 49.76 -49.70 -54.43
CA VAL A 191 48.75 -50.51 -53.77
C VAL A 191 48.77 -50.19 -52.29
N THR A 192 47.80 -50.76 -51.56
CA THR A 192 47.69 -50.48 -50.14
C THR A 192 48.90 -51.02 -49.40
N GLY A 193 49.50 -50.20 -48.55
CA GLY A 193 50.64 -50.60 -47.76
C GLY A 193 51.99 -50.38 -48.41
N GLU A 194 52.03 -50.25 -49.74
CA GLU A 194 53.29 -50.07 -50.44
C GLU A 194 53.93 -48.74 -50.05
N GLU A 195 55.26 -48.71 -50.10
CA GLU A 195 56.01 -47.51 -49.75
C GLU A 195 56.94 -47.14 -50.90
N TRP A 196 57.32 -45.87 -50.95
CA TRP A 196 58.24 -45.37 -51.97
C TRP A 196 58.86 -44.06 -51.50
N LEU A 197 59.78 -43.51 -52.27
CA LEU A 197 60.45 -42.26 -51.92
C LEU A 197 60.35 -41.23 -53.04
N VAL A 198 59.99 -39.99 -52.69
CA VAL A 198 59.90 -38.92 -53.70
C VAL A 198 61.10 -37.98 -53.62
N THR A 199 62.07 -38.18 -54.50
CA THR A 199 63.33 -37.41 -54.45
C THR A 199 63.32 -35.88 -54.61
N THR A 200 62.51 -35.36 -55.54
CA THR A 200 62.42 -33.91 -55.84
C THR A 200 62.63 -32.92 -54.70
N VAL A 201 63.50 -31.94 -54.94
CA VAL A 201 63.84 -30.93 -53.94
C VAL A 201 62.78 -29.82 -53.96
N GLY A 202 62.54 -29.25 -52.79
CA GLY A 202 61.56 -28.19 -52.67
C GLY A 202 60.64 -28.37 -51.47
N ALA A 203 59.37 -28.06 -51.66
CA ALA A 203 58.33 -28.33 -50.67
C ALA A 203 57.27 -29.20 -51.30
N TYR A 204 56.78 -30.18 -50.54
CA TYR A 204 55.98 -31.27 -51.07
C TYR A 204 54.65 -31.35 -50.34
N LEU A 205 53.55 -31.36 -51.10
CA LEU A 205 52.24 -31.62 -50.51
C LEU A 205 51.85 -33.06 -50.76
N PRO A 206 51.65 -33.86 -49.73
CA PRO A 206 51.16 -35.22 -49.97
C PRO A 206 49.74 -35.21 -50.48
N ALA A 207 49.39 -36.22 -51.26
CA ALA A 207 48.03 -36.38 -51.73
C ALA A 207 47.12 -36.76 -50.56
N VAL A 208 45.84 -36.97 -50.86
CA VAL A 208 44.87 -37.36 -49.86
C VAL A 208 45.15 -38.80 -49.41
N PHE A 209 45.60 -39.62 -50.35
CA PHE A 209 45.82 -41.03 -50.07
C PHE A 209 47.26 -41.32 -49.65
N GLU A 210 48.17 -40.40 -49.91
CA GLU A 210 49.55 -40.57 -49.48
C GLU A 210 49.70 -40.07 -48.06
N GLU A 211 50.65 -40.65 -47.34
CA GLU A 211 51.02 -40.11 -46.04
C GLU A 211 52.54 -40.04 -45.92
N VAL A 212 52.99 -39.05 -45.17
CA VAL A 212 54.40 -38.81 -44.93
C VAL A 212 54.85 -39.65 -43.75
N LEU A 213 55.98 -40.34 -43.90
CA LEU A 213 56.52 -41.17 -42.84
C LEU A 213 57.76 -40.56 -42.19
N ASP A 214 58.80 -40.27 -42.99
CA ASP A 214 60.04 -39.73 -42.43
C ASP A 214 61.00 -39.35 -43.55
N LEU A 215 61.88 -38.41 -43.24
CA LEU A 215 62.92 -37.95 -44.14
C LEU A 215 64.12 -38.88 -44.05
N VAL A 216 64.74 -39.17 -45.19
CA VAL A 216 65.87 -40.08 -45.27
C VAL A 216 66.97 -39.43 -46.09
N ASP A 217 68.08 -39.12 -45.44
CA ASP A 217 69.19 -38.41 -46.07
C ASP A 217 70.24 -39.39 -46.57
N ALA A 218 71.01 -38.95 -47.57
CA ALA A 218 71.95 -39.85 -48.23
C ALA A 218 73.10 -40.19 -47.30
N VAL A 219 73.75 -41.31 -47.61
CA VAL A 219 75.01 -41.69 -46.99
C VAL A 219 76.14 -41.23 -47.91
N ILE A 220 77.12 -40.55 -47.35
CA ILE A 220 78.21 -39.99 -48.14
C ILE A 220 79.32 -41.01 -48.22
N LEU A 221 79.80 -41.28 -49.43
CA LEU A 221 80.81 -42.29 -49.67
C LEU A 221 82.12 -41.63 -50.09
N THR A 222 83.23 -42.17 -49.60
CA THR A 222 84.56 -41.67 -49.88
C THR A 222 85.45 -42.82 -50.36
N GLU A 223 86.75 -42.53 -50.46
CA GLU A 223 87.68 -43.56 -50.91
C GLU A 223 87.97 -44.57 -49.81
N LYS A 224 87.70 -44.19 -48.58
CA LYS A 224 88.02 -45.00 -47.40
C LYS A 224 86.78 -45.66 -46.80
N THR A 225 85.73 -45.84 -47.57
CA THR A 225 84.42 -46.21 -47.05
C THR A 225 83.60 -46.89 -48.12
N ALA A 226 82.75 -47.81 -47.66
CA ALA A 226 81.75 -48.44 -48.51
C ALA A 226 80.51 -48.70 -47.69
N LEU A 227 79.45 -49.14 -48.36
CA LEU A 227 78.14 -49.24 -47.76
C LEU A 227 77.56 -50.63 -48.00
N HIS A 228 77.24 -51.32 -46.91
CA HIS A 228 76.84 -52.71 -46.94
C HIS A 228 75.32 -52.80 -46.92
N LEU A 229 74.73 -53.27 -48.03
CA LEU A 229 73.29 -53.26 -48.21
C LEU A 229 72.78 -54.68 -48.42
N ARG A 230 71.57 -54.93 -47.95
CA ARG A 230 70.88 -56.21 -48.08
C ARG A 230 69.53 -55.99 -48.73
N ALA A 231 69.10 -56.92 -49.58
CA ALA A 231 67.83 -56.75 -50.26
C ALA A 231 66.65 -57.13 -49.36
N ARG A 232 65.71 -56.22 -49.20
CA ARG A 232 64.45 -56.51 -48.54
C ARG A 232 63.61 -57.47 -49.37
N ARG A 233 63.56 -57.23 -50.66
CA ARG A 233 62.82 -58.06 -51.61
C ARG A 233 63.56 -58.04 -52.94
N ASN A 234 62.96 -58.64 -53.96
CA ASN A 234 63.57 -58.61 -55.28
C ASN A 234 63.32 -57.27 -55.94
N PHE A 235 64.35 -56.66 -56.51
CA PHE A 235 64.18 -55.34 -57.09
C PHE A 235 65.33 -55.02 -58.03
N ARG A 236 65.36 -53.77 -58.48
CA ARG A 236 66.41 -53.25 -59.35
C ARG A 236 66.98 -51.99 -58.70
N ASP A 237 68.31 -51.87 -58.71
CA ASP A 237 68.93 -50.70 -58.11
C ASP A 237 69.37 -49.72 -59.19
N PHE A 238 70.02 -48.64 -58.76
CA PHE A 238 70.28 -47.52 -59.67
C PHE A 238 71.33 -47.85 -60.72
N ARG A 239 72.17 -48.86 -60.45
CA ARG A 239 73.07 -49.34 -61.50
C ARG A 239 72.30 -50.10 -62.57
N GLY A 240 71.05 -50.44 -62.31
CA GLY A 240 70.29 -51.32 -63.16
C GLY A 240 70.53 -52.79 -62.91
N VAL A 241 71.34 -53.14 -61.91
CA VAL A 241 71.63 -54.53 -61.61
C VAL A 241 70.50 -55.10 -60.76
N SER A 242 70.15 -56.35 -61.04
CA SER A 242 69.03 -57.00 -60.39
C SER A 242 69.47 -57.58 -59.05
N ARG A 243 68.58 -57.52 -58.07
CA ARG A 243 68.88 -57.92 -56.69
C ARG A 243 67.81 -58.87 -56.19
N ARG A 244 68.20 -60.08 -55.81
CA ARG A 244 67.27 -61.05 -55.25
C ARG A 244 67.14 -60.85 -53.75
N THR A 245 66.12 -61.46 -53.19
CA THR A 245 65.86 -61.31 -51.75
C THR A 245 67.04 -61.87 -50.97
N GLY A 246 67.52 -61.09 -50.01
CA GLY A 246 68.52 -61.58 -49.08
C GLY A 246 69.97 -61.35 -49.48
N GLU A 247 70.28 -61.23 -50.76
CA GLU A 247 71.67 -61.18 -51.15
C GLU A 247 72.26 -59.82 -50.81
N GLU A 248 73.59 -59.77 -50.68
CA GLU A 248 74.27 -58.62 -50.12
C GLU A 248 75.33 -58.13 -51.10
N TRP A 249 75.65 -56.85 -51.01
CA TRP A 249 76.67 -56.28 -51.87
C TRP A 249 77.18 -55.00 -51.21
N LEU A 250 78.17 -54.40 -51.85
CA LEU A 250 78.76 -53.16 -51.38
C LEU A 250 78.61 -52.08 -52.45
N VAL A 251 78.37 -50.84 -52.00
CA VAL A 251 78.33 -49.67 -52.87
C VAL A 251 79.54 -48.82 -52.53
N THR A 252 80.33 -48.49 -53.55
CA THR A 252 81.59 -47.77 -53.38
C THR A 252 81.46 -46.35 -53.90
N VAL A 253 82.50 -45.54 -53.67
CA VAL A 253 82.48 -44.17 -54.14
C VAL A 253 82.65 -44.12 -55.64
N GLN A 254 83.00 -45.24 -56.26
CA GLN A 254 82.99 -45.31 -57.72
C GLN A 254 81.58 -45.50 -58.26
N ASP A 255 80.63 -45.85 -57.39
CA ASP A 255 79.24 -45.92 -57.81
C ASP A 255 78.56 -44.56 -57.68
N THR A 256 78.53 -44.02 -56.47
CA THR A 256 77.95 -42.71 -56.22
C THR A 256 78.67 -42.09 -55.03
N GLU A 257 78.64 -40.77 -54.96
CA GLU A 257 79.22 -40.10 -53.79
C GLU A 257 78.18 -39.92 -52.70
N ALA A 258 76.91 -39.94 -53.08
CA ALA A 258 75.82 -39.88 -52.12
C ALA A 258 74.78 -40.91 -52.53
N HIS A 259 74.46 -41.80 -51.60
CA HIS A 259 73.47 -42.82 -51.84
C HIS A 259 72.43 -42.72 -50.74
N VAL A 260 71.17 -42.75 -51.15
CA VAL A 260 70.06 -42.82 -50.21
C VAL A 260 69.56 -44.26 -50.21
N PRO A 261 69.50 -44.91 -49.06
CA PRO A 261 68.98 -46.28 -49.02
C PRO A 261 67.55 -46.39 -49.52
N ASP A 262 67.35 -47.24 -50.50
CA ASP A 262 66.03 -47.47 -51.08
C ASP A 262 65.10 -48.09 -50.04
N VAL A 263 63.84 -48.29 -50.45
CA VAL A 263 62.88 -48.94 -49.54
C VAL A 263 63.04 -50.46 -49.62
N HIS A 264 63.75 -50.94 -50.64
CA HIS A 264 64.01 -52.35 -50.85
C HIS A 264 65.40 -52.76 -50.40
N GLU A 265 66.04 -51.98 -49.53
CA GLU A 265 67.41 -52.20 -49.13
C GLU A 265 67.52 -52.10 -47.62
N GLU A 266 68.53 -52.74 -47.07
CA GLU A 266 68.81 -52.68 -45.64
C GLU A 266 70.26 -52.29 -45.42
N VAL A 267 70.48 -51.30 -44.56
CA VAL A 267 71.83 -50.82 -44.28
C VAL A 267 72.39 -51.68 -43.16
N LEU A 268 73.32 -52.58 -43.52
CA LEU A 268 73.94 -53.44 -42.52
C LEU A 268 75.12 -52.74 -41.86
N GLY A 269 75.78 -51.83 -42.56
CA GLY A 269 76.78 -51.01 -41.92
C GLY A 269 77.76 -50.47 -42.92
N VAL A 270 78.70 -49.69 -42.40
CA VAL A 270 79.70 -48.99 -43.20
C VAL A 270 81.03 -49.73 -43.07
N VAL A 271 81.69 -49.95 -44.19
CA VAL A 271 82.83 -50.86 -44.29
C VAL A 271 84.09 -50.01 -44.40
N PRO A 272 84.89 -49.90 -43.35
CA PRO A 272 86.17 -49.19 -43.49
C PRO A 272 87.12 -49.98 -44.35
N ILE A 273 87.90 -49.27 -45.16
CA ILE A 273 88.79 -49.93 -46.11
C ILE A 273 89.90 -50.67 -45.37
N THR A 274 90.46 -51.68 -46.01
CA THR A 274 91.60 -52.42 -45.51
C THR A 274 92.81 -52.11 -46.38
N THR A 275 93.81 -51.46 -45.81
CA THR A 275 94.97 -51.07 -46.58
C THR A 275 96.18 -51.89 -46.15
N LEU A 276 96.88 -52.45 -47.12
CA LEU A 276 98.11 -53.18 -46.90
C LEU A 276 99.27 -52.35 -47.42
N GLY A 277 100.30 -52.16 -46.60
CA GLY A 277 101.50 -51.49 -47.03
C GLY A 277 102.48 -52.47 -47.66
N PRO A 278 103.55 -51.97 -48.27
CA PRO A 278 104.46 -52.86 -49.00
C PRO A 278 105.22 -53.83 -48.11
N HIS A 279 105.02 -53.73 -46.79
CA HIS A 279 105.60 -54.63 -45.81
C HIS A 279 104.53 -55.45 -45.11
N ASN A 280 103.30 -55.42 -45.63
CA ASN A 280 102.14 -56.04 -45.01
C ASN A 280 101.50 -57.03 -45.96
N TYR A 281 100.98 -58.12 -45.40
CA TYR A 281 100.10 -59.00 -46.14
C TYR A 281 98.96 -59.40 -45.21
N CYS A 282 98.03 -60.16 -45.77
CA CYS A 282 96.89 -60.66 -45.02
C CYS A 282 96.45 -61.96 -45.67
N VAL A 283 95.55 -62.67 -45.00
CA VAL A 283 94.93 -63.86 -45.55
C VAL A 283 93.43 -63.69 -45.42
N ILE A 284 92.70 -63.90 -46.51
CA ILE A 284 91.26 -63.71 -46.54
C ILE A 284 90.56 -65.06 -46.43
N LEU A 285 89.64 -65.16 -45.48
CA LEU A 285 88.89 -66.39 -45.26
C LEU A 285 87.57 -66.32 -46.02
N ASP A 286 87.27 -67.37 -46.79
CA ASP A 286 86.08 -67.48 -47.62
C ASP A 286 86.08 -66.41 -48.70
N PRO A 287 87.10 -66.34 -49.55
CA PRO A 287 87.16 -65.27 -50.55
C PRO A 287 86.02 -65.41 -51.56
N VAL A 288 85.69 -64.29 -52.19
CA VAL A 288 84.68 -64.30 -53.25
C VAL A 288 85.32 -64.74 -54.55
N GLY A 289 84.67 -65.65 -55.25
CA GLY A 289 85.21 -66.19 -56.47
C GLY A 289 84.80 -65.41 -57.70
N PRO A 290 85.07 -65.97 -58.88
CA PRO A 290 84.67 -65.28 -60.11
C PRO A 290 83.17 -65.10 -60.24
N ASP A 291 82.38 -66.08 -59.83
CA ASP A 291 80.94 -66.05 -59.96
C ASP A 291 80.25 -65.23 -58.89
N GLY A 292 81.00 -64.57 -58.02
CA GLY A 292 80.41 -63.72 -57.01
C GLY A 292 80.00 -64.41 -55.74
N LYS A 293 80.37 -65.67 -55.56
CA LYS A 293 80.05 -66.41 -54.35
C LYS A 293 81.26 -66.47 -53.43
N ASN A 294 81.03 -66.40 -52.12
CA ASN A 294 82.05 -66.79 -51.17
C ASN A 294 82.45 -68.23 -51.40
N GLN A 295 83.74 -68.46 -51.51
CA GLN A 295 84.30 -69.80 -51.65
C GLN A 295 84.57 -70.33 -50.25
N LEU A 296 83.63 -71.12 -49.74
CA LEU A 296 83.66 -71.50 -48.34
C LEU A 296 84.80 -72.46 -48.06
N GLY A 297 85.43 -72.29 -46.90
CA GLY A 297 86.50 -73.19 -46.49
C GLY A 297 87.78 -73.06 -47.28
N GLN A 298 87.87 -71.99 -48.08
CA GLN A 298 89.06 -71.68 -48.86
C GLN A 298 89.69 -70.41 -48.26
N LYS A 299 90.84 -70.02 -48.79
CA LYS A 299 91.52 -68.83 -48.31
C LYS A 299 92.47 -68.31 -49.37
N ARG A 300 92.74 -67.01 -49.31
CA ARG A 300 93.59 -66.34 -50.28
C ARG A 300 94.56 -65.42 -49.58
N VAL A 301 95.82 -65.51 -49.96
CA VAL A 301 96.89 -64.70 -49.39
C VAL A 301 97.05 -63.46 -50.25
N VAL A 302 96.71 -62.31 -49.68
CA VAL A 302 96.77 -61.03 -50.35
C VAL A 302 97.96 -60.28 -49.81
N LYS A 303 98.92 -59.98 -50.68
CA LYS A 303 100.19 -59.35 -50.30
C LYS A 303 100.49 -58.06 -51.07
N GLY A 304 101.44 -57.29 -50.56
CA GLY A 304 101.90 -56.05 -51.16
C GLY A 304 101.13 -54.86 -50.67
N GLU A 305 101.50 -53.68 -51.16
CA GLU A 305 100.77 -52.49 -50.75
C GLU A 305 99.53 -52.52 -51.61
N LYS A 306 98.39 -52.60 -50.96
CA LYS A 306 97.13 -52.66 -51.67
C LYS A 306 96.01 -52.17 -50.78
N SER A 307 94.92 -51.76 -51.41
CA SER A 307 93.76 -51.29 -50.69
C SER A 307 92.56 -51.96 -51.32
N PHE A 308 91.70 -52.51 -50.48
CA PHE A 308 90.51 -53.19 -50.96
C PHE A 308 89.48 -53.14 -49.84
N PHE A 309 88.25 -53.50 -50.16
CA PHE A 309 87.19 -53.66 -49.19
C PHE A 309 86.91 -55.14 -49.00
N LEU A 310 86.86 -55.58 -47.74
CA LEU A 310 86.33 -56.89 -47.44
C LEU A 310 84.86 -56.98 -47.83
N GLN A 311 84.58 -57.77 -48.85
CA GLN A 311 83.24 -57.98 -49.34
C GLN A 311 82.41 -58.73 -48.31
N PRO A 312 81.09 -58.86 -48.51
CA PRO A 312 80.28 -59.60 -47.54
C PRO A 312 80.63 -61.07 -47.51
N GLY A 313 80.81 -61.60 -46.30
CA GLY A 313 81.21 -62.97 -46.13
C GLY A 313 82.68 -63.18 -45.97
N GLU A 314 83.50 -62.41 -46.68
CA GLU A 314 84.95 -62.47 -46.54
C GLU A 314 85.37 -62.06 -45.14
N GLN A 315 86.60 -62.39 -44.79
CA GLN A 315 87.08 -62.17 -43.43
C GLN A 315 88.60 -62.27 -43.44
N LEU A 316 89.23 -61.57 -42.49
CA LEU A 316 90.68 -61.67 -42.33
C LEU A 316 91.00 -62.65 -41.21
N GLU A 317 92.07 -63.41 -41.41
CA GLU A 317 92.39 -64.49 -40.48
C GLU A 317 93.07 -63.96 -39.23
N GLN A 318 94.20 -63.27 -39.39
CA GLN A 318 94.89 -62.69 -38.24
C GLN A 318 95.12 -61.19 -38.37
N GLY A 319 94.23 -60.46 -39.03
CA GLY A 319 94.43 -59.04 -39.20
C GLY A 319 95.49 -58.75 -40.22
N ILE A 320 96.02 -57.53 -40.15
CA ILE A 320 97.15 -57.17 -41.01
C ILE A 320 98.41 -57.79 -40.42
N GLN A 321 99.32 -58.23 -41.29
CA GLN A 321 100.48 -58.99 -40.87
C GLN A 321 101.73 -58.44 -41.53
N ASP A 322 102.87 -58.92 -41.03
CA ASP A 322 104.17 -58.43 -41.47
C ASP A 322 104.87 -59.47 -42.32
N VAL A 323 105.37 -59.04 -43.47
CA VAL A 323 106.20 -59.88 -44.32
C VAL A 323 107.50 -60.22 -43.61
N TYR A 324 108.01 -61.43 -43.86
CA TYR A 324 109.28 -61.90 -43.30
C TYR A 324 110.45 -61.40 -44.12
N VAL A 325 111.26 -60.52 -43.55
CA VAL A 325 112.52 -60.12 -44.17
C VAL A 325 113.63 -60.84 -43.43
N LEU A 326 114.44 -61.58 -44.17
CA LEU A 326 115.48 -62.42 -43.60
C LEU A 326 116.83 -61.83 -43.96
N SER A 327 117.69 -61.72 -42.96
CA SER A 327 119.09 -61.42 -43.21
C SER A 327 119.79 -62.62 -43.82
N GLU A 328 121.09 -62.49 -44.04
CA GLU A 328 121.87 -63.64 -44.47
C GLU A 328 122.19 -64.59 -43.33
N GLN A 329 122.03 -64.16 -42.09
CA GLN A 329 122.31 -65.00 -40.94
C GLN A 329 121.04 -65.63 -40.37
N GLN A 330 119.95 -65.68 -41.13
CA GLN A 330 118.62 -66.02 -40.62
C GLN A 330 117.87 -66.89 -41.61
N GLY A 331 117.17 -67.89 -41.09
CA GLY A 331 116.45 -68.82 -41.94
C GLY A 331 115.16 -69.30 -41.30
N LEU A 332 114.34 -69.95 -42.11
CA LEU A 332 113.03 -70.45 -41.69
C LEU A 332 112.90 -71.91 -42.09
N LEU A 333 112.36 -72.73 -41.19
CA LEU A 333 112.07 -74.12 -41.49
C LEU A 333 110.60 -74.23 -41.88
N LEU A 334 110.34 -74.65 -43.10
CA LEU A 334 109.00 -74.61 -43.67
C LEU A 334 108.44 -76.01 -43.78
N ARG A 335 107.12 -76.16 -43.70
CA ARG A 335 106.46 -77.46 -43.73
C ARG A 335 105.30 -77.43 -44.69
N ALA A 336 105.27 -78.38 -45.63
CA ALA A 336 104.18 -78.46 -46.58
C ALA A 336 102.98 -79.17 -45.98
N LEU A 337 101.80 -78.56 -46.14
CA LEU A 337 100.56 -79.18 -45.69
C LEU A 337 99.89 -79.99 -46.78
N GLN A 338 99.87 -79.48 -48.01
CA GLN A 338 99.43 -80.17 -49.21
C GLN A 338 100.64 -80.31 -50.14
N PRO A 339 100.57 -81.13 -51.18
CA PRO A 339 101.62 -81.12 -52.19
C PRO A 339 101.61 -79.79 -52.93
N LEU A 340 102.79 -79.22 -53.12
CA LEU A 340 102.88 -77.88 -53.67
C LEU A 340 104.11 -77.76 -54.54
N GLU A 341 104.35 -76.53 -54.99
CA GLU A 341 105.54 -76.18 -55.74
C GLU A 341 105.77 -74.68 -55.60
N GLU A 342 106.72 -74.30 -54.73
CA GLU A 342 106.92 -72.91 -54.39
C GLU A 342 107.65 -72.20 -55.54
N GLY A 343 107.04 -71.13 -56.03
CA GLY A 343 107.61 -70.40 -57.16
C GLY A 343 108.23 -69.08 -56.80
N GLU A 344 109.56 -69.04 -56.76
CA GLU A 344 110.30 -67.80 -56.54
C GLU A 344 111.34 -67.54 -57.61
N ASP A 345 111.79 -68.58 -58.31
CA ASP A 345 112.71 -68.46 -59.43
C ASP A 345 112.38 -69.58 -60.42
N GLU A 346 113.30 -69.84 -61.35
CA GLU A 346 113.10 -70.96 -62.26
C GLU A 346 113.14 -72.29 -61.53
N GLU A 347 113.73 -72.31 -60.33
CA GLU A 347 113.78 -73.51 -59.50
C GLU A 347 112.54 -73.54 -58.61
N LYS A 348 111.38 -73.68 -59.26
CA LYS A 348 110.13 -73.87 -58.56
C LYS A 348 110.05 -75.33 -58.14
N VAL A 349 110.47 -75.62 -56.92
CA VAL A 349 110.69 -77.00 -56.47
C VAL A 349 109.38 -77.56 -55.91
N SER A 350 109.10 -78.81 -56.23
CA SER A 350 107.91 -79.47 -55.72
C SER A 350 108.19 -80.09 -54.35
N HIS A 351 107.20 -80.03 -53.48
CA HIS A 351 107.28 -80.64 -52.16
C HIS A 351 106.07 -81.55 -51.96
N GLN A 352 106.14 -82.41 -50.96
CA GLN A 352 105.06 -83.35 -50.69
C GLN A 352 104.37 -83.00 -49.37
N ALA A 353 103.28 -83.69 -49.09
CA ALA A 353 102.37 -83.21 -48.04
C ALA A 353 102.92 -83.36 -46.64
N GLY A 354 104.18 -83.73 -46.48
CA GLY A 354 104.70 -83.77 -45.14
C GLY A 354 106.12 -83.25 -45.03
N ASP A 355 106.62 -82.61 -46.08
CA ASP A 355 108.03 -82.28 -46.13
C ASP A 355 108.41 -81.16 -45.16
N HIS A 356 109.71 -81.07 -44.93
CA HIS A 356 110.35 -79.92 -44.34
C HIS A 356 111.41 -79.42 -45.30
N TRP A 357 111.75 -78.15 -45.18
CA TRP A 357 112.90 -77.60 -45.90
C TRP A 357 113.21 -76.24 -45.32
N LEU A 358 114.48 -75.88 -45.35
CA LEU A 358 114.96 -74.61 -44.82
C LEU A 358 115.05 -73.59 -45.95
N ILE A 359 114.58 -72.37 -45.67
CA ILE A 359 114.75 -71.26 -46.60
C ILE A 359 115.70 -70.28 -45.93
N ARG A 360 116.74 -69.88 -46.65
CA ARG A 360 117.74 -68.98 -46.10
C ARG A 360 118.00 -67.86 -47.08
N GLY A 361 118.54 -66.76 -46.57
CA GLY A 361 119.19 -65.79 -47.38
C GLY A 361 118.68 -64.41 -47.08
N PRO A 362 119.24 -63.41 -47.71
CA PRO A 362 118.62 -62.09 -47.67
C PRO A 362 117.43 -62.06 -48.61
N LEU A 363 116.21 -62.09 -48.07
CA LEU A 363 115.04 -62.07 -48.93
C LEU A 363 113.81 -61.75 -48.10
N GLU A 364 112.68 -61.68 -48.78
CA GLU A 364 111.40 -61.36 -48.16
C GLU A 364 110.38 -62.45 -48.51
N TYR A 365 109.79 -63.04 -47.48
CA TYR A 365 108.93 -64.22 -47.64
C TYR A 365 107.55 -63.94 -47.06
N VAL A 366 106.51 -64.33 -47.78
CA VAL A 366 105.17 -64.46 -47.25
C VAL A 366 104.79 -65.93 -47.29
N PRO A 367 104.22 -66.48 -46.23
CA PRO A 367 103.82 -67.89 -46.26
C PRO A 367 102.74 -68.13 -47.29
N SER A 368 102.83 -69.25 -47.98
CA SER A 368 101.75 -69.67 -48.85
C SER A 368 100.55 -70.07 -48.01
N ALA A 369 99.46 -70.45 -48.68
CA ALA A 369 98.28 -70.90 -47.95
C ALA A 369 98.43 -72.34 -47.51
N LYS A 370 99.33 -73.07 -48.15
CA LYS A 370 99.58 -74.47 -47.83
C LYS A 370 101.00 -74.71 -47.34
N VAL A 371 101.58 -73.76 -46.63
CA VAL A 371 102.91 -73.88 -46.03
C VAL A 371 102.81 -73.38 -44.61
N GLU A 372 103.54 -74.04 -43.70
CA GLU A 372 103.61 -73.65 -42.31
C GLU A 372 105.04 -73.28 -41.94
N VAL A 373 105.19 -72.14 -41.27
CA VAL A 373 106.46 -71.78 -40.65
C VAL A 373 106.51 -72.50 -39.31
N VAL A 374 107.56 -73.28 -39.07
CA VAL A 374 107.65 -74.01 -37.82
C VAL A 374 108.75 -73.46 -36.93
N GLU A 375 109.69 -72.70 -37.50
CA GLU A 375 110.84 -72.31 -36.71
C GLU A 375 111.61 -71.22 -37.45
N GLU A 376 112.37 -70.46 -36.68
CA GLU A 376 113.37 -69.52 -37.18
C GLU A 376 114.74 -70.00 -36.74
N ARG A 377 115.73 -69.92 -37.63
CA ARG A 377 117.08 -70.35 -37.31
C ARG A 377 118.09 -69.23 -37.53
N GLN A 378 119.19 -69.29 -36.79
CA GLN A 378 120.33 -68.42 -36.97
C GLN A 378 121.56 -69.24 -37.31
N ALA A 379 122.33 -68.79 -38.29
CA ALA A 379 123.67 -69.34 -38.47
C ALA A 379 124.45 -69.21 -37.17
N ILE A 380 125.24 -70.22 -36.88
CA ILE A 380 126.05 -70.26 -35.65
C ILE A 380 127.47 -69.85 -36.02
N PRO A 381 127.99 -68.77 -35.46
CA PRO A 381 129.33 -68.29 -35.83
C PRO A 381 130.40 -69.20 -35.24
N LEU A 382 131.38 -69.55 -36.07
CA LEU A 382 132.45 -70.46 -35.68
C LEU A 382 133.76 -69.98 -36.27
N ASP A 383 134.78 -69.84 -35.43
CA ASP A 383 136.10 -69.52 -35.90
C ASP A 383 136.79 -70.78 -36.40
N GLU A 384 137.79 -70.60 -37.24
CA GLU A 384 138.66 -71.72 -37.63
C GLU A 384 139.16 -72.42 -36.38
N ASN A 385 139.18 -73.76 -36.41
CA ASN A 385 139.51 -74.56 -35.23
C ASN A 385 138.51 -74.32 -34.11
N GLU A 386 137.23 -74.48 -34.42
CA GLU A 386 136.15 -74.40 -33.47
C GLU A 386 134.94 -75.05 -34.14
N GLY A 387 134.04 -75.61 -33.34
CA GLY A 387 132.98 -76.37 -33.99
C GLY A 387 131.88 -76.81 -33.07
N ILE A 388 130.97 -77.58 -33.64
CA ILE A 388 129.85 -78.18 -32.94
C ILE A 388 129.54 -79.54 -33.57
N TYR A 389 128.90 -80.41 -32.78
CA TYR A 389 128.52 -81.74 -33.24
C TYR A 389 127.06 -81.69 -33.68
N VAL A 390 126.80 -82.09 -34.93
CA VAL A 390 125.45 -82.08 -35.48
C VAL A 390 125.03 -83.52 -35.73
N GLN A 391 123.75 -83.80 -35.53
CA GLN A 391 123.19 -85.09 -35.87
C GLN A 391 122.23 -84.96 -37.03
N ASP A 392 122.34 -85.84 -38.00
CA ASP A 392 121.37 -85.94 -39.09
C ASP A 392 120.30 -86.94 -38.69
N VAL A 393 119.18 -86.44 -38.15
CA VAL A 393 118.18 -87.34 -37.57
C VAL A 393 117.53 -88.19 -38.65
N LYS A 394 117.63 -87.77 -39.91
CA LYS A 394 117.10 -88.61 -40.98
C LYS A 394 117.93 -89.88 -41.15
N THR A 395 119.24 -89.75 -41.18
CA THR A 395 120.09 -90.90 -41.40
C THR A 395 120.71 -91.42 -40.11
N GLY A 396 120.61 -90.67 -39.02
CA GLY A 396 121.12 -91.07 -37.73
C GLY A 396 122.49 -90.55 -37.37
N LYS A 397 123.36 -90.29 -38.35
CA LYS A 397 124.77 -90.03 -38.12
C LYS A 397 125.01 -88.79 -37.27
N VAL A 398 126.15 -88.75 -36.59
CA VAL A 398 126.63 -87.52 -35.97
C VAL A 398 128.00 -87.24 -36.55
N ARG A 399 128.33 -85.96 -36.64
CA ARG A 399 129.62 -85.55 -37.16
C ARG A 399 130.02 -84.27 -36.47
N ALA A 400 131.31 -83.99 -36.49
CA ALA A 400 131.85 -82.72 -36.06
C ALA A 400 131.99 -81.81 -37.28
N VAL A 401 131.49 -80.59 -37.16
CA VAL A 401 131.60 -79.58 -38.21
C VAL A 401 132.40 -78.40 -37.65
N ILE A 402 133.52 -78.11 -38.31
CA ILE A 402 134.60 -77.31 -37.73
C ILE A 402 134.94 -76.19 -38.71
N GLY A 403 134.98 -74.95 -38.21
CA GLY A 403 135.77 -73.97 -38.91
C GLY A 403 135.14 -72.69 -39.41
N SER A 404 133.88 -72.73 -39.83
CA SER A 404 133.23 -71.57 -40.41
C SER A 404 131.85 -71.40 -39.78
N THR A 405 131.27 -70.23 -40.01
CA THR A 405 129.92 -69.97 -39.53
C THR A 405 128.95 -70.90 -40.25
N TYR A 406 128.03 -71.50 -39.49
CA TYR A 406 127.25 -72.62 -39.97
C TYR A 406 125.80 -72.56 -39.50
N MET A 407 124.88 -72.77 -40.44
CA MET A 407 123.47 -72.87 -40.13
C MET A 407 123.02 -74.31 -40.33
N LEU A 408 122.55 -74.93 -39.26
CA LEU A 408 122.01 -76.28 -39.34
C LEU A 408 120.98 -76.37 -40.44
N THR A 409 121.24 -77.20 -41.44
CA THR A 409 120.25 -77.40 -42.47
C THR A 409 119.06 -78.16 -41.88
N GLN A 410 118.11 -78.49 -42.75
CA GLN A 410 116.92 -79.22 -42.34
C GLN A 410 117.27 -80.62 -41.86
N ASP A 411 116.48 -81.13 -40.93
CA ASP A 411 116.66 -82.45 -40.32
C ASP A 411 118.05 -82.69 -39.72
N GLU A 412 118.57 -81.66 -39.07
CA GLU A 412 119.84 -81.69 -38.37
C GLU A 412 119.63 -81.04 -37.01
N VAL A 413 120.23 -81.61 -35.97
CA VAL A 413 120.09 -81.07 -34.62
C VAL A 413 121.43 -81.09 -33.91
N LEU A 414 121.58 -80.23 -32.91
CA LEU A 414 122.80 -80.18 -32.12
C LEU A 414 122.87 -81.44 -31.28
N TRP A 415 124.06 -82.03 -31.20
CA TRP A 415 124.24 -83.26 -30.44
C TRP A 415 125.17 -83.06 -29.26
N GLU A 416 124.71 -83.45 -28.08
CA GLU A 416 125.52 -83.34 -26.87
C GLU A 416 126.52 -84.49 -26.75
N LYS A 417 127.78 -84.17 -26.44
CA LYS A 417 128.80 -85.18 -26.28
C LYS A 417 129.19 -85.33 -24.83
N GLU A 418 128.93 -86.49 -24.26
CA GLU A 418 129.25 -86.74 -22.85
C GLU A 418 130.71 -87.11 -22.64
N LEU A 419 131.21 -86.83 -21.44
CA LEU A 419 132.58 -87.14 -21.08
C LEU A 419 132.61 -88.04 -19.86
N PRO A 420 133.55 -88.98 -19.82
CA PRO A 420 133.68 -89.90 -18.68
C PRO A 420 133.99 -89.15 -17.39
N PRO A 421 133.46 -89.62 -16.25
CA PRO A 421 133.63 -89.03 -14.93
C PRO A 421 135.04 -88.53 -14.62
N GLY A 422 135.14 -87.23 -14.36
CA GLY A 422 136.41 -86.59 -14.01
C GLY A 422 137.21 -86.04 -15.18
N VAL A 423 136.81 -86.36 -16.40
CA VAL A 423 137.51 -85.84 -17.58
C VAL A 423 137.38 -84.33 -17.71
N GLU A 424 136.22 -83.80 -17.36
CA GLU A 424 135.96 -82.37 -17.47
C GLU A 424 136.90 -81.53 -16.61
N GLU A 425 137.18 -81.99 -15.40
CA GLU A 425 138.08 -81.24 -14.52
C GLU A 425 139.46 -81.15 -15.15
N LEU A 426 139.94 -82.24 -15.73
CA LEU A 426 141.25 -82.23 -16.36
C LEU A 426 141.28 -81.26 -17.53
N LEU A 427 140.21 -81.24 -18.31
CA LEU A 427 140.13 -80.35 -19.46
C LEU A 427 140.14 -78.87 -19.12
N ASN A 428 139.38 -78.50 -18.09
CA ASN A 428 139.30 -77.09 -17.70
C ASN A 428 139.92 -76.69 -16.36
N LYS A 429 139.55 -77.39 -15.30
CA LYS A 429 140.09 -77.05 -13.98
C LYS A 429 141.60 -77.26 -13.96
N GLY A 430 142.04 -78.36 -14.55
CA GLY A 430 143.47 -78.67 -14.59
C GLY A 430 144.19 -77.98 -15.73
N GLN A 431 143.73 -78.22 -16.95
CA GLN A 431 144.32 -77.67 -18.17
C GLN A 431 145.82 -77.96 -18.35
N ASP A 432 146.65 -76.94 -18.39
CA ASP A 432 148.09 -77.21 -18.54
C ASP A 432 148.71 -77.76 -17.27
N PRO A 433 149.43 -78.88 -17.41
CA PRO A 433 150.13 -79.48 -16.28
C PRO A 433 151.54 -78.93 -16.23
N LEU A 434 152.04 -78.49 -17.37
CA LEU A 434 153.37 -77.92 -17.51
C LEU A 434 153.57 -76.60 -16.73
N ALA A 435 152.58 -75.71 -16.81
CA ALA A 435 152.62 -74.37 -16.19
C ALA A 435 152.67 -74.35 -14.69
N ASP A 436 151.97 -75.29 -14.06
CA ASP A 436 151.97 -75.38 -12.61
C ASP A 436 151.92 -76.84 -12.13
N ARG A 437 152.71 -77.20 -11.13
CA ARG A 437 152.63 -78.57 -10.62
C ARG A 437 152.59 -78.66 -9.10
N GLY A 438 151.47 -78.20 -8.54
CA GLY A 438 151.29 -78.21 -7.10
C GLY A 438 149.92 -78.72 -6.71
N LEU A 449 133.48 -73.56 -13.57
CA LEU A 449 132.63 -72.58 -12.90
C LEU A 449 131.24 -72.53 -13.53
N ALA A 450 131.21 -72.49 -14.85
CA ALA A 450 129.95 -72.46 -15.59
C ALA A 450 129.81 -73.73 -16.39
N PRO A 451 128.60 -74.32 -16.38
CA PRO A 451 128.36 -75.56 -17.13
C PRO A 451 128.74 -75.39 -18.59
N ARG A 452 129.62 -76.23 -19.09
CA ARG A 452 130.05 -76.15 -20.48
C ARG A 452 128.93 -76.56 -21.41
N ASN A 453 128.92 -75.99 -22.60
CA ASN A 453 127.95 -76.34 -23.59
C ASN A 453 128.42 -77.70 -24.08
N LYS A 454 127.54 -78.69 -24.09
CA LYS A 454 127.93 -80.03 -24.50
C LYS A 454 127.93 -80.24 -26.00
N THR A 455 127.25 -79.37 -26.71
CA THR A 455 127.19 -79.48 -28.17
C THR A 455 128.44 -78.88 -28.81
N ARG A 456 129.40 -78.43 -28.02
CA ARG A 456 130.61 -77.86 -28.57
C ARG A 456 131.72 -78.89 -28.68
N VAL A 457 132.34 -78.93 -29.86
CA VAL A 457 133.48 -79.81 -30.08
C VAL A 457 134.53 -79.61 -29.00
N VAL A 458 134.97 -80.71 -28.41
CA VAL A 458 135.83 -80.67 -27.23
C VAL A 458 137.29 -80.62 -27.66
N SER A 459 137.99 -79.57 -27.25
CA SER A 459 139.38 -79.37 -27.61
C SER A 459 140.24 -79.31 -26.35
N TYR A 460 141.54 -79.47 -26.55
CA TYR A 460 142.53 -79.42 -25.49
C TYR A 460 143.83 -78.91 -26.07
N ARG A 461 144.41 -77.91 -25.42
CA ARG A 461 145.75 -77.43 -25.77
C ARG A 461 146.75 -78.31 -25.06
N VAL A 462 147.60 -78.99 -25.85
CA VAL A 462 148.61 -79.88 -25.31
C VAL A 462 149.85 -79.03 -25.01
N PRO A 463 150.39 -79.08 -23.80
CA PRO A 463 151.52 -78.20 -23.47
C PRO A 463 152.81 -78.65 -24.14
N HIS A 464 153.77 -77.72 -24.19
CA HIS A 464 155.09 -78.02 -24.70
C HIS A 464 155.71 -79.21 -23.98
N ASN A 465 156.43 -80.04 -24.72
CA ASN A 465 157.15 -81.19 -24.17
C ASN A 465 156.20 -82.15 -23.48
N ALA A 466 155.14 -82.51 -24.19
CA ALA A 466 154.14 -83.41 -23.64
C ALA A 466 153.47 -84.13 -24.79
N ALA A 467 152.53 -85.02 -24.44
CA ALA A 467 151.75 -85.76 -25.42
C ALA A 467 150.50 -86.33 -24.80
N VAL A 468 149.45 -86.44 -25.61
CA VAL A 468 148.19 -87.03 -25.22
C VAL A 468 147.95 -88.23 -26.09
N GLN A 469 147.06 -89.12 -25.64
CA GLN A 469 146.65 -90.26 -26.44
C GLN A 469 145.15 -90.23 -26.57
N VAL A 470 144.67 -90.40 -27.79
CA VAL A 470 143.25 -90.28 -28.09
C VAL A 470 142.89 -91.42 -29.04
N TYR A 471 141.82 -92.13 -28.71
CA TYR A 471 141.34 -93.24 -29.52
C TYR A 471 139.95 -92.94 -30.07
N ASP A 472 139.71 -93.34 -31.30
CA ASP A 472 138.45 -93.11 -32.00
C ASP A 472 137.68 -94.42 -32.04
N TYR A 473 136.67 -94.53 -31.19
CA TYR A 473 135.97 -95.80 -31.03
C TYR A 473 135.01 -96.09 -32.17
N ARG A 474 134.78 -95.09 -33.02
CA ARG A 474 133.90 -95.29 -34.17
C ARG A 474 134.70 -95.74 -35.39
N GLU A 475 135.67 -94.93 -35.77
CA GLU A 475 136.54 -95.22 -36.90
C GLU A 475 137.64 -96.19 -36.55
N LYS A 476 137.72 -96.62 -35.29
CA LYS A 476 138.67 -97.64 -34.85
C LYS A 476 140.09 -97.27 -35.24
N ARG A 477 140.56 -96.15 -34.72
CA ARG A 477 141.78 -95.54 -35.18
C ARG A 477 142.44 -94.79 -34.04
N ALA A 478 143.75 -94.97 -33.89
CA ALA A 478 144.49 -94.42 -32.76
C ALA A 478 145.42 -93.32 -33.24
N ARG A 479 145.73 -92.40 -32.35
CA ARG A 479 146.70 -91.36 -32.62
C ARG A 479 147.25 -90.84 -31.31
N VAL A 480 148.50 -90.39 -31.38
CA VAL A 480 149.17 -89.69 -30.29
C VAL A 480 149.69 -88.37 -30.85
N VAL A 481 149.35 -87.27 -30.18
CA VAL A 481 149.75 -85.96 -30.61
C VAL A 481 150.85 -85.49 -29.68
N PHE A 482 151.84 -84.79 -30.24
CA PHE A 482 152.95 -84.26 -29.47
C PHE A 482 152.89 -82.74 -29.39
N GLY A 483 153.26 -82.23 -28.23
CA GLY A 483 153.84 -80.93 -28.13
C GLY A 483 152.85 -79.83 -27.85
N PRO A 484 153.06 -78.69 -28.46
CA PRO A 484 152.27 -77.50 -28.10
C PRO A 484 150.95 -77.35 -28.84
N GLU A 485 150.43 -78.41 -29.47
CA GLU A 485 149.27 -78.25 -30.32
C GLU A 485 147.95 -78.32 -29.57
N LEU A 486 146.88 -78.02 -30.30
CA LEU A 486 145.50 -78.16 -29.86
C LEU A 486 144.95 -79.47 -30.41
N VAL A 487 144.27 -80.24 -29.57
CA VAL A 487 143.69 -81.51 -29.98
C VAL A 487 142.18 -81.44 -29.77
N SER A 488 141.43 -81.87 -30.77
CA SER A 488 139.97 -81.81 -30.74
C SER A 488 139.40 -83.22 -30.82
N LEU A 489 138.56 -83.57 -29.85
CA LEU A 489 137.90 -84.86 -29.88
C LEU A 489 136.84 -84.89 -30.98
N GLY A 490 136.78 -86.02 -31.68
CA GLY A 490 135.71 -86.26 -32.60
C GLY A 490 134.44 -86.65 -31.88
N PRO A 491 133.43 -87.04 -32.63
CA PRO A 491 132.17 -87.46 -31.99
C PRO A 491 132.33 -88.56 -30.97
N GLU A 492 133.15 -89.58 -31.26
CA GLU A 492 133.32 -90.71 -30.38
C GLU A 492 134.75 -90.90 -29.90
N GLU A 493 135.64 -89.96 -30.14
CA GLU A 493 137.01 -90.06 -29.64
C GLU A 493 137.06 -89.77 -28.14
N GLN A 494 138.13 -90.25 -27.50
CA GLN A 494 138.28 -90.17 -26.06
C GLN A 494 139.75 -89.89 -25.73
N PHE A 495 139.99 -89.37 -24.53
CA PHE A 495 141.35 -89.20 -24.04
C PHE A 495 141.72 -90.36 -23.13
N THR A 496 143.01 -90.66 -23.07
CA THR A 496 143.53 -91.51 -22.02
C THR A 496 143.80 -90.65 -20.79
N VAL A 497 143.42 -91.15 -19.63
CA VAL A 497 143.70 -90.48 -18.37
C VAL A 497 144.79 -91.26 -17.67
N LEU A 498 145.86 -90.56 -17.31
CA LEU A 498 147.00 -91.16 -16.63
C LEU A 498 146.90 -90.88 -15.15
N SER A 499 146.86 -91.94 -14.34
CA SER A 499 146.86 -91.83 -12.90
C SER A 499 148.28 -92.06 -12.40
N LEU A 500 148.82 -91.12 -11.64
CA LEU A 500 150.25 -91.07 -11.39
C LEU A 500 150.51 -90.96 -9.89
N SER A 501 151.74 -91.29 -9.51
CA SER A 501 152.12 -91.22 -8.11
C SER A 501 152.62 -89.83 -7.75
N ALA A 502 152.25 -89.37 -6.56
CA ALA A 502 152.68 -88.07 -6.07
C ALA A 502 152.74 -88.11 -4.56
N GLY A 503 153.38 -87.10 -3.99
CA GLY A 503 153.56 -87.01 -2.55
C GLY A 503 155.03 -87.08 -2.17
N ARG A 504 155.33 -86.77 -0.91
CA ARG A 504 156.72 -86.82 -0.45
C ARG A 504 157.18 -88.27 -0.51
N PRO A 505 156.60 -89.11 0.35
CA PRO A 505 156.86 -90.53 0.27
C PRO A 505 155.80 -91.00 -0.73
N LYS A 506 156.13 -90.94 -2.01
CA LYS A 506 155.24 -91.28 -3.12
C LYS A 506 154.16 -92.35 -2.94
N ARG A 507 152.91 -91.94 -3.10
CA ARG A 507 151.76 -92.81 -3.03
C ARG A 507 151.14 -92.92 -4.41
N PRO A 508 150.70 -94.10 -4.80
CA PRO A 508 150.05 -94.25 -6.11
C PRO A 508 148.67 -93.59 -6.10
N HIS A 509 148.25 -93.17 -7.28
CA HIS A 509 146.91 -92.63 -7.50
C HIS A 509 146.69 -91.34 -6.71
N ALA A 510 147.61 -90.39 -6.87
CA ALA A 510 147.51 -89.09 -6.23
C ALA A 510 147.44 -87.94 -7.22
N ARG A 511 147.69 -88.20 -8.48
CA ARG A 511 147.65 -87.17 -9.52
C ARG A 511 146.98 -87.80 -10.72
N ARG A 512 146.27 -87.01 -11.51
CA ARG A 512 145.60 -87.46 -12.72
C ARG A 512 145.85 -86.46 -13.83
N ALA A 513 146.09 -86.96 -15.03
CA ALA A 513 146.45 -86.10 -16.14
C ALA A 513 145.90 -86.66 -17.43
N LEU A 514 145.91 -85.83 -18.46
CA LEU A 514 145.58 -86.27 -19.81
C LEU A 514 146.79 -86.25 -20.72
N CYS A 515 147.74 -85.37 -20.45
CA CYS A 515 148.98 -85.30 -21.20
C CYS A 515 150.09 -85.97 -20.40
N LEU A 516 150.97 -86.63 -21.14
CA LEU A 516 152.19 -87.19 -20.58
C LEU A 516 153.29 -86.17 -20.74
N LEU A 517 153.81 -85.68 -19.62
CA LEU A 517 154.97 -84.81 -19.65
C LEU A 517 156.16 -85.66 -20.07
N LEU A 518 156.58 -85.51 -21.32
CA LEU A 518 157.73 -86.23 -21.82
C LEU A 518 159.03 -85.64 -21.31
N GLY A 519 159.04 -84.33 -21.08
CA GLY A 519 160.27 -83.57 -21.10
C GLY A 519 161.10 -83.73 -19.86
N PRO A 520 162.36 -83.31 -19.95
CA PRO A 520 163.30 -83.48 -18.84
C PRO A 520 162.84 -82.78 -17.58
N ASP A 521 162.51 -83.56 -16.55
CA ASP A 521 162.22 -82.99 -15.26
C ASP A 521 162.91 -83.87 -14.23
N PHE A 522 162.64 -83.60 -12.97
CA PHE A 522 163.04 -84.49 -11.90
C PHE A 522 161.86 -84.75 -10.99
N PHE A 523 161.90 -85.91 -10.32
CA PHE A 523 161.04 -86.15 -9.18
C PHE A 523 161.87 -86.66 -8.03
N THR A 524 161.33 -86.49 -6.83
CA THR A 524 162.09 -86.60 -5.60
C THR A 524 161.39 -87.59 -4.68
N ASP A 525 162.16 -88.46 -4.04
CA ASP A 525 161.59 -89.48 -3.18
C ASP A 525 162.37 -89.58 -1.87
N VAL A 526 161.67 -90.01 -0.83
CA VAL A 526 162.25 -90.26 0.48
C VAL A 526 162.27 -91.75 0.73
N ILE A 527 163.47 -92.31 0.89
CA ILE A 527 163.64 -93.75 1.05
C ILE A 527 164.00 -94.03 2.51
N THR A 528 163.89 -95.30 2.91
CA THR A 528 164.48 -95.78 4.15
C THR A 528 165.31 -97.01 3.84
N ILE A 529 166.61 -96.92 4.10
CA ILE A 529 167.58 -97.97 3.81
C ILE A 529 168.08 -98.49 5.15
N GLU A 530 168.95 -99.49 5.11
CA GLU A 530 169.59 -100.01 6.31
C GLU A 530 170.90 -100.68 5.94
N THR A 531 171.87 -100.55 6.83
CA THR A 531 173.25 -100.94 6.59
C THR A 531 173.55 -102.33 7.13
N ALA A 532 174.70 -102.86 6.72
CA ALA A 532 175.14 -104.16 7.25
C ALA A 532 175.27 -104.12 8.76
N ASP A 533 175.23 -102.93 9.35
CA ASP A 533 175.35 -102.72 10.78
C ASP A 533 174.00 -102.50 11.46
N HIS A 534 172.93 -102.42 10.68
CA HIS A 534 171.57 -102.21 11.17
C HIS A 534 171.37 -100.78 11.64
N ALA A 535 172.09 -99.86 11.01
CA ALA A 535 171.87 -98.43 11.17
C ALA A 535 170.80 -97.98 10.17
N ARG A 536 169.66 -97.56 10.70
CA ARG A 536 168.48 -97.24 9.88
C ARG A 536 168.58 -95.81 9.38
N LEU A 537 168.66 -95.64 8.06
CA LEU A 537 168.93 -94.35 7.45
C LEU A 537 167.73 -93.91 6.62
N GLN A 538 167.54 -92.59 6.53
CA GLN A 538 166.45 -92.00 5.77
C GLN A 538 167.02 -91.03 4.74
N LEU A 539 166.72 -91.27 3.46
CA LEU A 539 167.39 -90.58 2.37
C LEU A 539 166.44 -89.71 1.56
N GLN A 540 166.95 -88.58 1.07
CA GLN A 540 166.27 -87.65 0.18
C GLN A 540 166.93 -87.74 -1.18
N LEU A 541 166.23 -88.30 -2.18
CA LEU A 541 166.82 -88.53 -3.48
C LEU A 541 166.00 -87.83 -4.56
N ALA A 542 166.63 -87.60 -5.70
CA ALA A 542 166.01 -86.91 -6.83
C ALA A 542 166.45 -87.56 -8.12
N TYR A 543 165.53 -87.71 -9.07
CA TYR A 543 165.76 -88.51 -10.26
C TYR A 543 165.52 -87.68 -11.50
N ASN A 544 166.57 -87.43 -12.26
CA ASN A 544 166.48 -86.69 -13.51
C ASN A 544 166.15 -87.66 -14.63
N TRP A 545 165.03 -87.43 -15.31
CA TRP A 545 164.47 -88.38 -16.26
C TRP A 545 163.99 -87.67 -17.53
N HIS A 546 163.80 -88.46 -18.59
CA HIS A 546 163.15 -87.99 -19.80
C HIS A 546 162.86 -89.19 -20.68
N PHE A 547 162.04 -88.97 -21.71
CA PHE A 547 161.66 -90.01 -22.66
C PHE A 547 162.39 -89.81 -23.97
N GLU A 548 163.26 -90.75 -24.32
CA GLU A 548 163.79 -90.84 -25.66
C GLU A 548 162.64 -91.25 -26.57
N VAL A 549 162.36 -90.44 -27.57
CA VAL A 549 161.34 -90.75 -28.56
C VAL A 549 162.03 -90.78 -29.90
N ASN A 550 162.41 -91.98 -30.34
CA ASN A 550 163.19 -92.12 -31.56
C ASN A 550 162.48 -91.52 -32.75
N ASP A 551 161.30 -92.03 -33.08
CA ASP A 551 160.51 -91.55 -34.21
C ASP A 551 159.14 -91.18 -33.72
N ARG A 552 158.76 -89.92 -33.88
CA ARG A 552 157.46 -89.47 -33.38
C ARG A 552 156.33 -89.87 -34.32
N LYS A 553 156.66 -90.24 -35.56
CA LYS A 553 155.63 -90.66 -36.51
C LYS A 553 155.34 -92.15 -36.41
N ASP A 554 156.23 -92.89 -35.73
CA ASP A 554 156.14 -94.33 -35.56
C ASP A 554 155.01 -94.71 -34.62
N PRO A 555 153.94 -95.31 -35.11
CA PRO A 555 152.79 -95.59 -34.24
C PRO A 555 153.02 -96.73 -33.28
N GLN A 556 153.99 -97.60 -33.55
CA GLN A 556 154.25 -98.71 -32.65
C GLN A 556 155.07 -98.25 -31.45
N GLU A 557 156.11 -97.46 -31.71
CA GLU A 557 156.90 -96.91 -30.61
C GLU A 557 156.07 -95.94 -29.78
N THR A 558 155.32 -95.06 -30.44
CA THR A 558 154.69 -93.95 -29.74
C THR A 558 153.62 -94.42 -28.78
N ALA A 559 153.04 -95.59 -29.03
CA ALA A 559 152.06 -96.12 -28.10
C ALA A 559 152.71 -96.62 -26.83
N LYS A 560 153.97 -97.04 -26.90
CA LYS A 560 154.64 -97.57 -25.71
C LYS A 560 154.86 -96.50 -24.67
N LEU A 561 154.81 -95.22 -25.05
CA LEU A 561 154.90 -94.16 -24.06
C LEU A 561 153.81 -94.28 -23.02
N PHE A 562 152.72 -94.96 -23.37
CA PHE A 562 151.57 -95.09 -22.51
C PHE A 562 151.38 -96.51 -21.99
N SER A 563 152.35 -97.39 -22.23
CA SER A 563 152.29 -98.76 -21.76
C SER A 563 152.25 -98.82 -20.25
N VAL A 564 153.31 -98.37 -19.61
CA VAL A 564 153.44 -98.41 -18.16
C VAL A 564 152.42 -97.45 -17.57
N PRO A 565 151.44 -97.92 -16.81
CA PRO A 565 150.40 -97.02 -16.29
C PRO A 565 150.93 -95.88 -15.44
N ASP A 566 151.78 -96.18 -14.47
CA ASP A 566 152.29 -95.18 -13.53
C ASP A 566 153.80 -95.15 -13.63
N PHE A 567 154.32 -94.36 -14.56
CA PHE A 567 155.75 -94.43 -14.84
C PHE A 567 156.57 -93.76 -13.74
N VAL A 568 155.92 -92.98 -12.88
CA VAL A 568 156.62 -92.33 -11.79
C VAL A 568 156.90 -93.33 -10.68
N GLY A 569 155.85 -93.91 -10.12
CA GLY A 569 156.03 -94.87 -9.03
C GLY A 569 156.77 -96.10 -9.48
N ASP A 570 156.71 -96.42 -10.77
CA ASP A 570 157.47 -97.54 -11.29
C ASP A 570 158.96 -97.33 -11.13
N ALA A 571 159.46 -96.15 -11.53
CA ALA A 571 160.88 -95.87 -11.44
C ALA A 571 161.30 -95.60 -10.00
N CYS A 572 160.38 -95.12 -9.17
CA CYS A 572 160.71 -94.91 -7.77
C CYS A 572 161.01 -96.22 -7.07
N LYS A 573 160.01 -97.11 -7.02
CA LYS A 573 160.18 -98.39 -6.36
C LYS A 573 161.25 -99.27 -7.01
N ALA A 574 161.43 -99.16 -8.32
CA ALA A 574 162.43 -99.98 -8.99
C ALA A 574 163.83 -99.47 -8.70
N ILE A 575 163.97 -98.20 -8.37
CA ILE A 575 165.26 -97.68 -7.94
C ILE A 575 165.41 -97.79 -6.44
N ALA A 576 164.33 -97.56 -5.68
CA ALA A 576 164.42 -97.67 -4.23
C ALA A 576 164.83 -99.07 -3.79
N SER A 577 164.61 -100.07 -4.64
CA SER A 577 165.02 -101.42 -4.31
C SER A 577 166.49 -101.64 -4.65
N ARG A 578 166.95 -101.07 -5.77
CA ARG A 578 168.35 -101.16 -6.13
C ARG A 578 169.24 -100.52 -5.09
N VAL A 579 168.70 -99.57 -4.33
CA VAL A 579 169.49 -98.86 -3.33
C VAL A 579 169.48 -99.59 -2.01
N ARG A 580 168.34 -100.19 -1.66
CA ARG A 580 168.25 -100.91 -0.39
C ARG A 580 169.09 -102.18 -0.44
N GLY A 581 169.35 -102.69 -1.64
CA GLY A 581 170.09 -103.93 -1.77
C GLY A 581 171.57 -103.73 -1.56
N ALA A 582 172.16 -102.76 -2.26
CA ALA A 582 173.60 -102.57 -2.17
C ALA A 582 174.03 -102.12 -0.78
N VAL A 583 173.13 -101.47 -0.03
CA VAL A 583 173.56 -100.77 1.18
C VAL A 583 173.45 -101.69 2.40
N ALA A 584 172.71 -102.78 2.32
CA ALA A 584 172.73 -103.74 3.41
C ALA A 584 174.02 -104.56 3.38
N SER A 585 174.72 -104.54 2.26
CA SER A 585 176.01 -105.20 2.14
C SER A 585 177.17 -104.25 2.41
N VAL A 586 176.88 -103.02 2.82
CA VAL A 586 177.88 -102.00 3.08
C VAL A 586 177.69 -101.51 4.52
N THR A 587 178.79 -101.15 5.17
CA THR A 587 178.72 -100.73 6.56
C THR A 587 178.48 -99.22 6.67
N PHE A 588 178.19 -98.78 7.88
CA PHE A 588 177.72 -97.41 8.08
C PHE A 588 178.80 -96.39 7.74
N ASP A 589 179.95 -96.52 8.39
CA ASP A 589 181.08 -95.62 8.19
C ASP A 589 181.42 -95.52 6.72
N ASP A 590 181.49 -96.67 6.05
CA ASP A 590 181.78 -96.70 4.62
C ASP A 590 180.72 -95.95 3.84
N PHE A 591 179.47 -95.99 4.32
CA PHE A 591 178.40 -95.36 3.58
C PHE A 591 178.29 -93.88 3.90
N HIS A 592 178.34 -93.52 5.19
CA HIS A 592 178.41 -92.11 5.56
C HIS A 592 179.52 -91.39 4.80
N LYS A 593 180.49 -92.13 4.30
CA LYS A 593 181.65 -91.50 3.69
C LYS A 593 181.57 -91.53 2.16
N ASN A 594 181.07 -92.62 1.60
CA ASN A 594 181.07 -92.83 0.15
C ASN A 594 179.66 -92.90 -0.43
N SER A 595 178.67 -92.42 0.34
CA SER A 595 177.27 -92.49 -0.06
C SER A 595 177.04 -92.07 -1.50
N ALA A 596 177.87 -91.19 -2.04
CA ALA A 596 177.62 -90.66 -3.37
C ALA A 596 178.05 -91.66 -4.44
N ARG A 597 179.22 -92.29 -4.27
CA ARG A 597 179.65 -93.30 -5.23
C ARG A 597 178.89 -94.60 -5.04
N ILE A 598 178.56 -94.95 -3.80
CA ILE A 598 177.77 -96.14 -3.56
C ILE A 598 176.45 -96.07 -4.32
N ILE A 599 175.66 -95.04 -4.03
CA ILE A 599 174.32 -94.93 -4.61
C ILE A 599 174.38 -94.84 -6.12
N ARG A 600 175.39 -94.15 -6.65
CA ARG A 600 175.45 -94.01 -8.10
C ARG A 600 175.62 -95.35 -8.80
N THR A 601 176.41 -96.25 -8.22
CA THR A 601 176.65 -97.53 -8.89
C THR A 601 175.49 -98.50 -8.64
N ALA A 602 174.85 -98.41 -7.48
CA ALA A 602 173.68 -99.25 -7.22
C ALA A 602 172.56 -98.94 -8.21
N VAL A 603 172.55 -97.73 -8.76
CA VAL A 603 171.51 -97.36 -9.71
C VAL A 603 171.97 -97.63 -11.13
N PHE A 604 173.22 -97.31 -11.44
CA PHE A 604 173.75 -97.47 -12.77
C PHE A 604 174.72 -98.64 -12.77
N GLY A 605 174.21 -99.84 -13.03
CA GLY A 605 175.06 -101.00 -13.01
C GLY A 605 175.92 -101.11 -14.26
N PHE A 606 176.97 -101.91 -14.16
CA PHE A 606 177.96 -102.00 -15.23
C PHE A 606 177.42 -102.71 -16.46
N ARG A 623 178.45 -96.62 -16.98
CA ARG A 623 176.99 -96.55 -17.11
C ARG A 623 176.47 -95.23 -16.58
N ASP A 624 176.03 -94.36 -17.49
CA ASP A 624 175.61 -93.02 -17.09
C ASP A 624 174.09 -92.90 -17.03
N GLN A 625 173.36 -93.93 -17.43
CA GLN A 625 171.92 -93.86 -17.51
C GLN A 625 171.27 -95.20 -17.28
N ALA A 626 170.13 -95.19 -16.60
CA ALA A 626 169.29 -96.36 -16.43
C ALA A 626 168.11 -96.25 -17.39
N VAL A 627 168.06 -97.14 -18.37
CA VAL A 627 166.99 -97.16 -19.35
C VAL A 627 165.92 -98.13 -18.86
N PHE A 628 164.66 -97.76 -19.10
CA PHE A 628 163.51 -98.61 -18.81
C PHE A 628 162.81 -98.91 -20.12
N PRO A 629 163.09 -100.04 -20.76
CA PRO A 629 162.74 -100.20 -22.18
C PRO A 629 161.26 -100.39 -22.44
N GLN A 630 160.46 -100.71 -21.42
CA GLN A 630 159.02 -100.88 -21.65
C GLN A 630 158.41 -99.64 -22.28
N ASN A 631 158.55 -98.49 -21.63
CA ASN A 631 158.01 -97.24 -22.14
C ASN A 631 159.07 -96.34 -22.73
N GLY A 632 160.34 -96.52 -22.39
CA GLY A 632 161.42 -95.73 -22.95
C GLY A 632 161.96 -94.66 -22.04
N LEU A 633 161.55 -94.63 -20.78
CA LEU A 633 162.10 -93.69 -19.81
C LEU A 633 163.61 -93.90 -19.66
N VAL A 634 164.31 -92.86 -19.21
CA VAL A 634 165.69 -93.00 -18.78
C VAL A 634 165.87 -92.18 -17.51
N VAL A 635 166.87 -92.52 -16.72
CA VAL A 635 167.24 -91.76 -15.53
C VAL A 635 168.70 -91.41 -15.70
N SER A 636 169.00 -90.12 -15.88
CA SER A 636 170.37 -89.73 -16.24
C SER A 636 171.19 -89.37 -15.02
N SER A 637 170.54 -89.06 -13.90
CA SER A 637 171.31 -88.74 -12.71
C SER A 637 170.45 -88.95 -11.47
N VAL A 638 171.12 -89.23 -10.37
CA VAL A 638 170.51 -89.23 -9.04
C VAL A 638 171.27 -88.26 -8.16
N ASP A 639 170.56 -87.27 -7.63
CA ASP A 639 171.10 -86.32 -6.68
C ASP A 639 170.68 -86.78 -5.29
N VAL A 640 171.64 -87.08 -4.43
CA VAL A 640 171.33 -87.40 -3.05
C VAL A 640 171.43 -86.12 -2.24
N GLN A 641 170.39 -85.85 -1.45
CA GLN A 641 170.19 -84.54 -0.87
C GLN A 641 170.24 -84.50 0.64
N SER A 642 170.08 -85.64 1.29
CA SER A 642 170.09 -85.71 2.74
C SER A 642 170.18 -87.17 3.13
N VAL A 643 170.98 -87.46 4.14
CA VAL A 643 171.11 -88.80 4.70
C VAL A 643 171.05 -88.69 6.21
N GLU A 644 170.02 -89.29 6.81
CA GLU A 644 169.81 -89.10 8.21
C GLU A 644 169.48 -90.41 8.93
N PRO A 645 170.11 -90.66 10.08
CA PRO A 645 169.63 -91.74 10.94
C PRO A 645 168.22 -91.45 11.45
N VAL A 646 167.35 -92.45 11.36
CA VAL A 646 165.99 -92.28 11.84
C VAL A 646 165.96 -92.06 13.34
N ASP A 647 166.67 -92.88 14.09
CA ASP A 647 166.61 -92.82 15.55
C ASP A 647 167.43 -91.66 16.08
N GLN A 648 166.94 -91.06 17.16
CA GLN A 648 167.63 -89.89 17.73
C GLN A 648 168.83 -90.32 18.55
N ARG A 649 168.73 -91.45 19.25
CA ARG A 649 169.84 -91.89 20.10
C ARG A 649 171.06 -92.27 19.26
N THR A 650 170.85 -92.57 17.99
CA THR A 650 171.99 -92.73 17.09
C THR A 650 172.61 -91.38 16.78
N ARG A 651 171.79 -90.35 16.67
CA ARG A 651 172.29 -89.02 16.36
C ARG A 651 173.02 -88.42 17.55
N ASP A 652 172.66 -88.82 18.76
CA ASP A 652 173.44 -88.47 19.93
C ASP A 652 174.81 -89.15 19.91
N ALA A 653 174.83 -90.45 19.66
CA ALA A 653 176.08 -91.18 19.58
C ALA A 653 177.00 -90.59 18.52
N LEU A 654 176.42 -89.99 17.48
CA LEU A 654 177.25 -89.32 16.49
C LEU A 654 177.62 -87.91 16.94
N GLN A 655 176.91 -87.37 17.91
CA GLN A 655 177.22 -86.04 18.40
C GLN A 655 178.45 -86.04 19.29
N ARG A 656 178.59 -87.05 20.14
CA ARG A 656 179.79 -87.14 20.95
C ARG A 656 181.01 -87.47 20.10
N SER A 657 180.79 -87.96 18.89
CA SER A 657 181.92 -88.24 18.02
C SER A 657 182.63 -86.98 17.59
N VAL A 658 181.91 -85.86 17.48
CA VAL A 658 182.53 -84.65 16.97
C VAL A 658 183.13 -83.83 18.11
N GLN A 659 182.54 -83.90 19.30
CA GLN A 659 183.12 -83.24 20.46
C GLN A 659 184.54 -83.72 20.71
N LEU A 660 184.79 -85.01 20.50
CA LEU A 660 186.15 -85.52 20.53
C LEU A 660 186.98 -84.95 19.41
N ALA A 661 186.46 -84.95 18.18
CA ALA A 661 187.26 -84.50 17.05
C ALA A 661 187.77 -83.08 17.26
N ILE A 662 187.00 -82.25 17.97
CA ILE A 662 187.45 -80.89 18.25
C ILE A 662 188.59 -80.91 19.25
N GLU A 663 188.44 -81.64 20.36
CA GLU A 663 189.48 -81.67 21.38
C GLU A 663 190.77 -82.26 20.86
N ILE A 664 190.71 -82.97 19.73
CA ILE A 664 191.92 -83.55 19.18
C ILE A 664 192.74 -82.49 18.45
N THR A 665 192.10 -81.41 18.01
CA THR A 665 192.84 -80.35 17.35
C THR A 665 193.27 -79.28 18.33
N THR A 666 192.53 -79.10 19.43
CA THR A 666 192.97 -78.17 20.46
C THR A 666 194.15 -78.74 21.24
N ASN A 667 194.22 -80.06 21.36
CA ASN A 667 195.35 -80.67 22.04
C ASN A 667 196.59 -80.63 21.16
N SER A 668 196.41 -80.50 19.85
CA SER A 668 197.55 -80.57 18.95
C SER A 668 198.24 -79.23 18.81
N GLN A 669 197.49 -78.13 18.94
CA GLN A 669 198.13 -76.82 18.94
C GLN A 669 198.79 -76.55 20.28
N GLU A 670 198.21 -77.08 21.37
CA GLU A 670 198.77 -76.88 22.69
C GLU A 670 200.02 -77.71 22.88
N ALA A 671 200.12 -78.83 22.16
CA ALA A 671 201.35 -79.60 22.18
C ALA A 671 202.36 -79.07 21.17
N ALA A 672 201.89 -78.39 20.13
CA ALA A 672 202.82 -77.83 19.15
C ALA A 672 203.36 -76.50 19.62
N ALA A 673 202.60 -75.80 20.47
CA ALA A 673 203.11 -74.60 21.10
C ALA A 673 204.16 -74.93 22.14
N LYS A 674 203.89 -75.93 22.97
CA LYS A 674 204.80 -76.31 24.03
C LYS A 674 206.14 -76.76 23.47
N HIS A 675 206.14 -77.39 22.30
CA HIS A 675 207.40 -77.85 21.75
C HIS A 675 208.21 -76.68 21.19
N GLU A 676 207.54 -75.59 20.83
CA GLU A 676 208.24 -74.40 20.36
C GLU A 676 208.72 -73.55 21.53
N ALA A 677 207.91 -73.47 22.59
CA ALA A 677 208.36 -72.85 23.82
C ALA A 677 209.64 -73.51 24.32
N GLN A 678 209.65 -74.84 24.38
CA GLN A 678 210.80 -75.56 24.91
C GLN A 678 212.01 -75.44 24.01
N ARG A 679 211.80 -75.17 22.73
CA ARG A 679 212.96 -75.08 21.84
C ARG A 679 213.66 -73.76 22.01
N LEU A 680 212.89 -72.68 22.15
CA LEU A 680 213.50 -71.36 22.29
C LEU A 680 214.13 -71.19 23.66
N GLU A 681 213.43 -71.64 24.70
CA GLU A 681 213.98 -71.60 26.05
C GLU A 681 215.36 -72.24 26.12
N GLN A 682 215.65 -73.16 25.20
CA GLN A 682 216.96 -73.79 25.17
C GLN A 682 217.93 -73.01 24.31
N GLU A 683 217.42 -72.24 23.35
CA GLU A 683 218.33 -71.46 22.53
C GLU A 683 218.90 -70.30 23.32
N ALA A 684 218.14 -69.79 24.29
CA ALA A 684 218.66 -68.77 25.19
C ALA A 684 219.66 -69.38 26.16
N ARG A 685 219.25 -70.43 26.88
CA ARG A 685 220.15 -71.12 27.82
C ARG A 685 221.46 -71.49 27.15
N GLY A 686 221.42 -71.84 25.87
CA GLY A 686 222.66 -72.16 25.19
C GLY A 686 223.59 -70.97 25.11
N ARG A 687 223.02 -69.76 24.98
CA ARG A 687 223.83 -68.55 24.89
C ARG A 687 224.14 -67.98 26.26
N LEU A 688 223.16 -67.98 27.16
CA LEU A 688 223.39 -67.41 28.49
C LEU A 688 224.49 -68.19 29.21
N GLU A 689 224.55 -69.50 29.00
CA GLU A 689 225.60 -70.30 29.63
C GLU A 689 226.92 -70.09 28.93
N ARG A 690 226.91 -69.92 27.62
CA ARG A 690 228.16 -69.63 26.92
C ARG A 690 228.65 -68.22 27.23
N GLN A 691 227.74 -67.30 27.50
CA GLN A 691 228.15 -65.93 27.75
C GLN A 691 228.84 -65.79 29.10
N LYS A 692 228.38 -66.53 30.11
CA LYS A 692 229.04 -66.47 31.41
C LYS A 692 230.49 -66.94 31.32
N ILE A 693 230.76 -67.92 30.47
CA ILE A 693 232.11 -68.43 30.35
C ILE A 693 232.99 -67.46 29.58
N LEU A 694 232.42 -66.76 28.61
CA LEU A 694 233.19 -65.79 27.85
C LEU A 694 233.49 -64.55 28.68
N ASP A 695 232.68 -64.30 29.72
CA ASP A 695 232.99 -63.22 30.65
C ASP A 695 234.13 -63.59 31.57
N GLN A 696 234.11 -64.82 32.09
CA GLN A 696 235.10 -65.22 33.07
C GLN A 696 236.48 -65.32 32.45
N SER A 697 236.55 -65.40 31.12
CA SER A 697 237.84 -65.26 30.46
C SER A 697 238.29 -63.81 30.51
N GLU A 698 237.35 -62.87 30.58
CA GLU A 698 237.70 -61.46 30.66
C GLU A 698 238.03 -61.07 32.09
N ALA A 699 237.31 -61.62 33.06
CA ALA A 699 237.61 -61.37 34.47
C ALA A 699 238.74 -62.27 34.95
N GLU A 700 239.55 -62.75 34.01
CA GLU A 700 240.70 -63.57 34.34
C GLU A 700 241.96 -63.02 33.69
N LYS A 701 241.83 -62.38 32.52
CA LYS A 701 242.99 -61.73 31.94
C LYS A 701 243.41 -60.53 32.75
N ALA A 702 242.46 -59.87 33.41
CA ALA A 702 242.79 -58.79 34.31
C ALA A 702 243.23 -59.33 35.66
N ARG A 703 242.62 -60.43 36.11
CA ARG A 703 242.99 -60.98 37.41
C ARG A 703 244.40 -61.54 37.40
N LYS A 704 244.94 -61.83 36.21
CA LYS A 704 246.37 -62.17 36.18
C LYS A 704 247.20 -60.95 36.47
N GLU A 705 246.70 -59.77 36.08
CA GLU A 705 247.44 -58.55 36.34
C GLU A 705 247.38 -58.17 37.81
N LEU A 706 246.21 -58.33 38.44
CA LEU A 706 246.13 -58.13 39.89
C LEU A 706 247.05 -59.08 40.63
N LEU A 707 247.28 -60.27 40.08
CA LEU A 707 248.11 -61.25 40.78
C LEU A 707 249.59 -60.94 40.67
N GLU A 708 250.04 -60.46 39.51
CA GLU A 708 251.48 -60.24 39.38
C GLU A 708 251.90 -58.95 40.07
N LEU A 709 250.94 -58.05 40.33
CA LEU A 709 251.26 -56.88 41.15
C LEU A 709 251.31 -57.24 42.62
N GLU A 710 250.49 -58.20 43.05
CA GLU A 710 250.60 -58.68 44.42
C GLU A 710 251.90 -59.43 44.66
N ALA A 711 252.55 -59.86 43.59
CA ALA A 711 253.81 -60.57 43.76
C ALA A 711 254.96 -59.60 43.95
N LEU A 712 254.87 -58.43 43.34
CA LEU A 712 255.84 -57.38 43.64
C LEU A 712 255.62 -56.84 45.04
N SER A 713 254.37 -56.64 45.42
CA SER A 713 254.05 -56.12 46.74
C SER A 713 254.46 -57.09 47.84
N MET A 714 254.23 -58.38 47.64
CA MET A 714 254.56 -59.34 48.68
C MET A 714 256.06 -59.53 48.80
N ALA A 715 256.79 -59.27 47.71
CA ALA A 715 258.24 -59.19 47.81
C ALA A 715 258.65 -58.14 48.83
N VAL A 716 258.03 -56.96 48.78
CA VAL A 716 258.41 -55.86 49.66
C VAL A 716 258.14 -56.22 51.12
N GLU A 717 256.92 -56.70 51.42
CA GLU A 717 256.58 -56.99 52.81
C GLU A 717 257.50 -58.04 53.42
N SER A 718 258.14 -58.87 52.60
CA SER A 718 258.94 -59.96 53.13
C SER A 718 260.42 -59.63 53.13
N THR A 719 260.94 -59.11 52.02
CA THR A 719 262.36 -58.74 52.03
C THR A 719 262.62 -57.56 52.93
N GLY A 720 261.63 -56.69 53.10
CA GLY A 720 261.81 -55.55 53.98
C GLY A 720 261.75 -55.94 55.44
N THR A 721 260.88 -56.90 55.78
CA THR A 721 260.79 -57.34 57.16
C THR A 721 262.03 -58.10 57.59
N ALA A 722 262.53 -58.98 56.73
CA ALA A 722 263.69 -59.78 57.10
C ALA A 722 264.96 -58.95 57.04
N LYS A 723 265.03 -57.99 56.13
CA LYS A 723 266.15 -57.07 56.11
C LYS A 723 266.23 -56.23 57.38
N ALA A 724 265.07 -55.92 57.96
CA ALA A 724 265.04 -55.03 59.11
C ALA A 724 265.46 -55.75 60.38
N GLU A 725 264.96 -56.96 60.59
CA GLU A 725 265.25 -57.70 61.82
C GLU A 725 266.67 -58.23 61.83
N ALA A 726 267.31 -58.33 60.66
CA ALA A 726 268.65 -58.87 60.61
C ALA A 726 269.69 -57.77 60.71
N GLU A 727 269.41 -56.59 60.15
CA GLU A 727 270.35 -55.48 60.28
C GLU A 727 270.35 -54.92 61.68
N SER A 728 269.25 -55.08 62.42
CA SER A 728 269.25 -54.67 63.81
C SER A 728 270.18 -55.54 64.64
N ARG A 729 270.16 -56.85 64.42
CA ARG A 729 271.02 -57.75 65.18
C ARG A 729 272.48 -57.56 64.81
N ALA A 730 272.75 -57.13 63.58
CA ALA A 730 274.13 -56.94 63.17
C ALA A 730 274.72 -55.70 63.81
N GLU A 731 273.88 -54.71 64.08
CA GLU A 731 274.36 -53.46 64.65
C GLU A 731 274.60 -53.59 66.14
N ALA A 732 273.68 -54.24 66.85
CA ALA A 732 273.90 -54.49 68.27
C ALA A 732 275.14 -55.34 68.51
N ALA A 733 275.39 -56.31 67.64
CA ALA A 733 276.55 -57.17 67.83
C ALA A 733 277.84 -56.47 67.44
N ARG A 734 277.76 -55.39 66.66
CA ARG A 734 278.95 -54.61 66.38
C ARG A 734 279.32 -53.74 67.56
N ILE A 735 278.32 -53.17 68.25
CA ILE A 735 278.59 -52.39 69.44
C ILE A 735 279.21 -53.25 70.51
N GLU A 736 278.66 -54.44 70.74
CA GLU A 736 279.24 -55.39 71.68
C GLU A 736 280.65 -55.77 71.26
N GLY A 737 280.91 -55.83 69.96
CA GLY A 737 282.20 -56.29 69.49
C GLY A 737 283.28 -55.24 69.60
N GLU A 738 282.92 -53.97 69.38
CA GLU A 738 283.90 -52.90 69.55
C GLU A 738 284.12 -52.60 71.02
N GLY A 739 283.10 -52.80 71.85
CA GLY A 739 283.28 -52.62 73.28
C GLY A 739 284.13 -53.72 73.89
N SER A 740 283.97 -54.95 73.41
CA SER A 740 284.72 -56.07 73.96
C SER A 740 286.22 -55.88 73.76
N VAL A 741 286.61 -55.23 72.67
CA VAL A 741 288.03 -54.98 72.46
C VAL A 741 288.55 -54.01 73.50
N LEU A 742 287.79 -52.95 73.79
CA LEU A 742 288.17 -52.02 74.85
C LEU A 742 288.06 -52.68 76.22
N GLN A 743 286.92 -53.33 76.49
CA GLN A 743 286.74 -54.01 77.77
C GLN A 743 287.86 -55.00 78.04
N ALA A 744 288.30 -55.73 77.02
CA ALA A 744 289.41 -56.65 77.19
C ALA A 744 290.75 -55.95 77.26
N LYS A 745 290.78 -54.65 76.98
CA LYS A 745 292.03 -53.90 77.07
C LYS A 745 292.24 -53.37 78.47
N LEU A 746 291.18 -52.78 79.05
CA LEU A 746 291.27 -52.26 80.41
C LEU A 746 291.38 -53.40 81.41
N LYS A 747 290.72 -54.52 81.14
CA LYS A 747 290.82 -55.67 82.03
C LYS A 747 292.24 -56.21 82.07
N ALA A 748 293.02 -55.94 81.02
CA ALA A 748 294.39 -56.42 81.01
C ALA A 748 295.32 -55.47 81.77
N GLN A 749 294.97 -54.18 81.82
CA GLN A 749 295.73 -53.26 82.66
C GLN A 749 295.63 -53.64 84.12
N ALA A 750 294.42 -53.92 84.60
CA ALA A 750 294.24 -54.30 85.99
C ALA A 750 294.88 -55.63 86.29
N LEU A 751 294.98 -56.50 85.29
CA LEU A 751 295.64 -57.79 85.49
C LEU A 751 297.14 -57.62 85.58
N ALA A 752 297.68 -56.56 84.97
CA ALA A 752 299.11 -56.29 85.08
C ALA A 752 299.44 -55.63 86.41
N ILE A 753 298.55 -54.76 86.88
CA ILE A 753 298.76 -54.07 88.14
C ILE A 753 298.76 -55.06 89.30
N GLU A 754 297.81 -55.99 89.30
CA GLU A 754 297.71 -56.90 90.44
C GLU A 754 298.66 -58.08 90.29
N THR A 755 299.18 -58.30 89.08
CA THR A 755 300.25 -59.27 88.92
C THR A 755 301.57 -58.68 89.39
N GLU A 756 301.82 -57.41 89.07
CA GLU A 756 303.01 -56.75 89.59
C GLU A 756 303.00 -56.69 91.10
N ALA A 757 301.87 -56.32 91.70
CA ALA A 757 301.77 -56.26 93.15
C ALA A 757 302.02 -57.63 93.77
N GLU A 758 301.36 -58.66 93.25
CA GLU A 758 301.45 -59.98 93.85
C GLU A 758 302.87 -60.53 93.80
N LEU A 759 303.56 -60.35 92.68
CA LEU A 759 304.89 -60.93 92.56
C LEU A 759 305.92 -60.14 93.36
N GLN A 760 305.68 -58.85 93.57
CA GLN A 760 306.53 -58.10 94.50
C GLN A 760 306.47 -58.69 95.89
N ARG A 761 305.28 -59.11 96.32
CA ARG A 761 305.13 -59.69 97.65
C ARG A 761 305.70 -61.09 97.70
N VAL A 762 305.27 -61.97 96.78
CA VAL A 762 305.74 -63.35 96.77
C VAL A 762 307.26 -63.38 96.73
N GLN A 763 307.87 -62.54 95.91
CA GLN A 763 309.32 -62.50 95.84
C GLN A 763 309.91 -62.06 97.18
N LYS A 764 309.37 -60.98 97.74
CA LYS A 764 309.93 -60.42 98.97
C LYS A 764 309.71 -61.36 100.14
N VAL A 765 308.62 -62.13 100.12
CA VAL A 765 308.39 -63.11 101.16
C VAL A 765 309.36 -64.27 101.04
N ARG A 766 309.34 -64.98 99.90
CA ARG A 766 310.09 -66.22 99.79
C ARG A 766 311.59 -65.98 99.91
N GLU A 767 312.07 -64.82 99.50
CA GLU A 767 313.50 -64.55 99.61
C GLU A 767 313.91 -64.43 101.07
N LEU A 768 313.04 -63.83 101.90
CA LEU A 768 313.32 -63.70 103.32
C LEU A 768 313.15 -65.03 104.04
N GLU A 769 312.17 -65.83 103.62
CA GLU A 769 311.98 -67.15 104.21
C GLU A 769 313.13 -68.09 103.90
N LEU A 770 313.86 -67.83 102.82
CA LEU A 770 315.00 -68.67 102.47
C LEU A 770 316.15 -68.45 103.42
N VAL A 771 316.26 -67.23 103.98
CA VAL A 771 317.29 -66.95 104.97
C VAL A 771 317.04 -67.75 106.23
N TYR A 772 315.79 -67.73 106.71
CA TYR A 772 315.42 -68.51 107.89
C TYR A 772 315.57 -70.00 107.62
N ALA A 773 315.33 -70.42 106.38
CA ALA A 773 315.36 -71.85 106.05
C ALA A 773 316.77 -72.42 106.18
N ARG A 774 317.78 -71.63 105.81
CA ARG A 774 319.14 -72.15 105.85
C ARG A 774 319.79 -71.93 107.21
N ALA A 775 319.22 -71.03 108.02
CA ALA A 775 319.69 -70.90 109.40
C ALA A 775 319.23 -72.09 110.22
N GLN A 776 318.05 -72.63 109.93
CA GLN A 776 317.61 -73.85 110.59
C GLN A 776 318.51 -75.02 110.19
N LEU A 777 319.11 -74.95 109.00
CA LEU A 777 319.90 -76.06 108.49
C LEU A 777 321.22 -76.20 109.22
N GLU A 778 321.99 -75.11 109.28
CA GLU A 778 323.28 -75.17 109.96
C GLU A 778 323.08 -75.47 111.44
N LEU A 779 321.94 -75.09 112.01
CA LEU A 779 321.65 -75.45 113.39
C LEU A 779 321.30 -76.93 113.49
N GLU A 780 320.57 -77.45 112.50
CA GLU A 780 320.32 -78.88 112.43
C GLU A 780 321.62 -79.66 112.26
N VAL A 781 322.47 -79.22 111.34
CA VAL A 781 323.75 -79.90 111.14
C VAL A 781 324.63 -79.76 112.37
N SER A 782 324.54 -78.61 113.04
CA SER A 782 325.31 -78.40 114.25
C SER A 782 324.97 -79.44 115.31
N LYS A 783 323.70 -79.80 115.41
CA LYS A 783 323.27 -80.78 116.40
C LYS A 783 323.73 -82.18 116.02
N ALA A 784 323.42 -82.62 114.79
CA ALA A 784 323.68 -83.99 114.40
C ALA A 784 325.15 -84.36 114.54
N GLN A 785 326.04 -83.42 114.22
CA GLN A 785 327.46 -83.72 114.27
C GLN A 785 327.98 -83.63 115.71
N GLN A 786 327.36 -82.80 116.53
CA GLN A 786 327.87 -82.59 117.88
C GLN A 786 327.38 -83.65 118.84
N LEU A 787 326.18 -84.19 118.60
CA LEU A 787 325.75 -85.34 119.38
C LEU A 787 326.41 -86.62 118.87
N ALA A 788 326.95 -86.58 117.66
CA ALA A 788 327.68 -87.73 117.14
C ALA A 788 329.08 -87.80 117.74
N GLU A 789 329.55 -86.70 118.31
CA GLU A 789 330.83 -86.73 119.02
C GLU A 789 330.68 -87.44 120.36
N VAL A 790 329.65 -87.09 121.12
CA VAL A 790 329.46 -87.70 122.42
C VAL A 790 329.12 -89.17 122.27
N GLU A 791 328.55 -89.56 121.13
CA GLU A 791 328.27 -90.97 120.88
C GLU A 791 329.55 -91.74 120.57
N VAL A 792 330.40 -91.19 119.71
CA VAL A 792 331.62 -91.88 119.33
C VAL A 792 332.59 -91.95 120.51
N LYS A 793 332.83 -90.81 121.15
CA LYS A 793 333.81 -90.78 122.23
C LYS A 793 333.40 -91.68 123.38
N LYS A 794 332.10 -91.69 123.71
CA LYS A 794 331.62 -92.57 124.76
C LYS A 794 331.71 -94.02 124.33
N PHE A 795 331.54 -94.29 123.04
CA PHE A 795 331.78 -95.65 122.55
C PHE A 795 333.25 -96.00 122.60
N LYS A 796 334.11 -95.04 122.29
CA LYS A 796 335.54 -95.32 122.22
C LYS A 796 336.14 -95.56 123.60
N GLN A 797 335.69 -94.80 124.60
CA GLN A 797 336.25 -94.97 125.94
C GLN A 797 335.92 -96.35 126.50
N MET A 798 334.67 -96.76 126.44
CA MET A 798 334.28 -98.04 127.02
C MET A 798 334.45 -99.20 126.06
N THR A 799 334.91 -98.95 124.84
CA THR A 799 335.30 -100.05 123.98
C THR A 799 336.71 -100.54 124.30
N GLU A 800 337.57 -99.65 124.79
CA GLU A 800 338.91 -100.02 125.24
C GLU A 800 338.93 -100.55 126.67
N ALA A 801 337.94 -100.17 127.50
CA ALA A 801 337.86 -100.72 128.85
C ALA A 801 337.66 -102.22 128.81
N ILE A 802 336.71 -102.68 127.99
CA ILE A 802 336.57 -104.12 127.75
C ILE A 802 337.77 -104.64 126.98
N GLY A 803 338.17 -103.92 125.93
CA GLY A 803 339.29 -104.29 125.10
C GLY A 803 338.85 -105.00 123.83
N PRO A 804 339.41 -104.57 122.69
CA PRO A 804 339.02 -105.22 121.42
C PRO A 804 339.67 -106.58 121.23
N SER A 805 339.65 -107.39 122.29
CA SER A 805 340.09 -108.78 122.24
C SER A 805 339.10 -109.65 123.00
N THR A 806 338.36 -109.03 123.92
CA THR A 806 337.35 -109.72 124.72
C THR A 806 335.94 -109.48 124.22
N ILE A 807 335.68 -108.33 123.57
CA ILE A 807 334.36 -108.02 123.04
C ILE A 807 333.86 -109.06 122.05
N ARG A 808 334.77 -109.85 121.47
CA ARG A 808 334.35 -110.91 120.54
C ARG A 808 333.77 -112.12 121.28
N ASP A 809 333.76 -112.09 122.62
CA ASP A 809 333.32 -113.23 123.41
C ASP A 809 332.06 -112.94 124.23
N LEU A 810 331.28 -111.93 123.85
CA LEU A 810 330.01 -111.63 124.52
C LEU A 810 328.81 -112.15 123.74
N ALA A 811 329.02 -112.68 122.54
CA ALA A 811 327.97 -113.36 121.80
C ALA A 811 328.57 -114.46 120.93
N VAL A 812 328.60 -115.68 121.45
CA VAL A 812 329.20 -116.81 120.74
C VAL A 812 328.22 -117.96 120.61
N GLU B 5 -3.64 5.88 -26.66
CA GLU B 5 -4.41 7.07 -26.98
C GLU B 5 -4.07 7.58 -28.38
N PHE B 6 -3.42 6.74 -29.17
CA PHE B 6 -3.07 7.10 -30.54
C PHE B 6 -4.11 6.49 -31.47
N ILE B 7 -4.55 5.29 -31.14
CA ILE B 7 -5.57 4.59 -31.91
C ILE B 7 -6.92 4.90 -31.28
N ILE B 8 -7.87 5.28 -32.12
CA ILE B 8 -9.18 5.74 -31.70
C ILE B 8 -10.19 5.38 -32.78
N ARG B 9 -11.24 4.68 -32.40
CA ARG B 9 -12.24 4.17 -33.33
C ARG B 9 -13.50 5.01 -33.20
N ILE B 10 -13.96 5.54 -34.32
CA ILE B 10 -15.14 6.39 -34.37
C ILE B 10 -16.30 5.55 -34.90
N PRO B 11 -17.37 5.36 -34.13
CA PRO B 11 -18.49 4.54 -34.60
C PRO B 11 -19.10 5.14 -35.86
N PRO B 12 -19.96 4.40 -36.55
CA PRO B 12 -20.64 4.97 -37.72
C PRO B 12 -21.56 6.10 -37.30
N TYR B 13 -21.69 7.09 -38.19
CA TYR B 13 -22.46 8.30 -37.94
C TYR B 13 -22.02 8.97 -36.64
N HIS B 14 -20.75 9.39 -36.62
CA HIS B 14 -20.19 10.15 -35.53
C HIS B 14 -19.13 11.06 -36.11
N TYR B 15 -18.33 11.67 -35.23
CA TYR B 15 -17.21 12.50 -35.67
C TYR B 15 -16.35 12.85 -34.46
N ILE B 16 -15.19 13.44 -34.75
CA ILE B 16 -14.33 14.09 -33.76
C ILE B 16 -13.64 15.26 -34.43
N HIS B 17 -12.93 16.06 -33.63
CA HIS B 17 -12.08 17.13 -34.14
C HIS B 17 -10.66 16.93 -33.61
N VAL B 18 -9.68 17.09 -34.50
CA VAL B 18 -8.27 16.94 -34.17
C VAL B 18 -7.53 18.18 -34.64
N LEU B 19 -6.59 18.67 -33.82
CA LEU B 19 -5.83 19.87 -34.10
C LEU B 19 -4.40 19.52 -34.47
N ASP B 20 -3.92 20.10 -35.58
CA ASP B 20 -2.56 19.87 -36.05
C ASP B 20 -1.67 21.00 -35.56
N GLN B 21 -0.77 20.70 -34.62
CA GLN B 21 -0.03 21.74 -33.93
C GLN B 21 1.12 22.31 -34.75
N ASN B 22 1.24 21.92 -36.01
CA ASN B 22 2.28 22.48 -36.86
C ASN B 22 1.78 23.81 -37.40
N SER B 23 0.59 23.78 -37.98
CA SER B 23 -0.05 24.99 -38.48
C SER B 23 -1.10 25.53 -37.51
N ASN B 24 -1.42 24.77 -36.47
CA ASN B 24 -2.46 25.14 -35.50
C ASN B 24 -3.80 25.38 -36.20
N VAL B 25 -4.10 24.54 -37.19
CA VAL B 25 -5.38 24.58 -37.89
C VAL B 25 -6.13 23.29 -37.57
N SER B 26 -7.44 23.42 -37.38
CA SER B 26 -8.21 22.28 -36.90
C SER B 26 -9.23 21.84 -37.95
N ARG B 27 -9.63 20.58 -37.82
CA ARG B 27 -10.53 19.93 -38.75
C ARG B 27 -11.38 18.85 -38.07
N VAL B 28 -12.13 18.11 -38.89
CA VAL B 28 -13.08 17.14 -38.39
C VAL B 28 -12.89 15.83 -39.12
N GLU B 29 -13.00 14.72 -38.40
CA GLU B 29 -12.87 13.37 -38.95
C GLU B 29 -14.23 12.69 -38.87
N VAL B 30 -14.84 12.43 -40.02
CA VAL B 30 -16.21 11.97 -40.11
C VAL B 30 -16.24 10.62 -40.80
N GLY B 31 -17.06 9.71 -40.27
CA GLY B 31 -17.31 8.45 -40.91
C GLY B 31 -17.18 7.27 -39.98
N PRO B 32 -17.57 6.10 -40.45
CA PRO B 32 -17.30 4.86 -39.70
C PRO B 32 -15.87 4.39 -39.86
N LYS B 33 -14.94 4.91 -39.06
CA LYS B 33 -13.52 4.63 -39.25
C LYS B 33 -12.85 4.23 -37.94
N THR B 34 -11.73 3.52 -38.08
CA THR B 34 -10.73 3.47 -37.03
C THR B 34 -9.66 4.50 -37.35
N TYR B 35 -9.41 5.40 -36.41
CA TYR B 35 -8.56 6.55 -36.67
C TYR B 35 -7.24 6.40 -35.94
N ILE B 36 -6.15 6.75 -36.62
CA ILE B 36 -4.81 6.65 -36.08
C ILE B 36 -4.22 8.05 -36.12
N ARG B 37 -3.90 8.61 -34.96
CA ARG B 37 -3.38 9.96 -34.92
C ARG B 37 -1.86 9.95 -34.92
N GLN B 38 -1.28 11.07 -35.34
CA GLN B 38 0.15 11.25 -35.24
C GLN B 38 0.51 11.62 -33.80
N ASP B 39 1.72 12.14 -33.65
CA ASP B 39 2.23 12.56 -32.35
C ASP B 39 2.18 14.08 -32.25
N ASN B 40 2.28 14.74 -33.39
CA ASN B 40 2.17 16.19 -33.43
C ASN B 40 0.71 16.63 -33.28
N GLU B 41 -0.22 15.73 -33.59
CA GLU B 41 -1.64 16.03 -33.55
C GLU B 41 -2.24 15.73 -32.18
N ARG B 42 -3.41 16.30 -31.92
CA ARG B 42 -4.19 16.01 -30.73
C ARG B 42 -5.68 15.99 -31.05
N VAL B 43 -6.36 14.96 -30.55
CA VAL B 43 -7.80 14.84 -30.65
C VAL B 43 -8.41 15.72 -29.57
N LEU B 44 -9.48 16.44 -29.91
CA LEU B 44 -9.97 17.48 -29.01
C LEU B 44 -10.90 16.91 -27.94
N PHE B 45 -11.87 16.09 -28.34
CA PHE B 45 -12.85 15.55 -27.39
C PHE B 45 -13.15 14.11 -27.77
N ALA B 46 -13.91 13.43 -26.92
CA ALA B 46 -14.37 12.07 -27.12
C ALA B 46 -15.51 12.03 -28.12
N PRO B 47 -15.61 10.98 -28.94
CA PRO B 47 -16.59 10.95 -30.04
C PRO B 47 -18.00 11.41 -29.70
N MET B 48 -18.59 12.22 -30.58
CA MET B 48 -19.93 12.76 -30.41
C MET B 48 -20.77 12.42 -31.63
N ARG B 49 -22.01 12.00 -31.39
CA ARG B 49 -22.90 11.62 -32.49
C ARG B 49 -23.30 12.85 -33.27
N MET B 50 -23.16 12.77 -34.60
CA MET B 50 -23.46 13.94 -35.42
C MET B 50 -24.97 14.13 -35.52
N VAL B 51 -25.42 15.35 -35.15
CA VAL B 51 -26.81 15.57 -34.80
C VAL B 51 -27.72 15.35 -35.99
N THR B 52 -28.89 14.76 -35.73
CA THR B 52 -29.88 14.45 -36.74
C THR B 52 -31.16 15.21 -36.41
N VAL B 53 -31.64 16.02 -37.34
CA VAL B 53 -32.89 16.75 -37.19
C VAL B 53 -33.98 16.00 -37.95
N PRO B 54 -35.00 15.47 -37.28
CA PRO B 54 -36.03 14.69 -37.96
C PRO B 54 -36.82 15.56 -38.90
N PRO B 55 -37.74 14.98 -39.67
CA PRO B 55 -38.67 15.80 -40.46
C PRO B 55 -39.56 16.63 -39.57
N ARG B 56 -40.19 17.65 -40.18
CA ARG B 56 -40.97 18.68 -39.49
C ARG B 56 -40.30 19.14 -38.19
N HIS B 57 -39.00 19.41 -38.27
CA HIS B 57 -38.25 19.93 -37.14
C HIS B 57 -37.15 20.87 -37.64
N TYR B 58 -36.39 21.41 -36.70
CA TYR B 58 -35.63 22.62 -36.91
C TYR B 58 -34.44 22.68 -35.95
N CYS B 59 -33.40 23.41 -36.36
CA CYS B 59 -32.29 23.73 -35.47
C CYS B 59 -31.52 24.93 -36.02
N THR B 60 -30.93 25.71 -35.12
CA THR B 60 -30.10 26.86 -35.46
C THR B 60 -28.68 26.61 -35.00
N VAL B 61 -27.73 26.75 -35.93
CA VAL B 61 -26.30 26.56 -35.65
C VAL B 61 -25.60 27.90 -35.80
N ALA B 62 -25.11 28.43 -34.67
CA ALA B 62 -24.39 29.69 -34.70
C ALA B 62 -23.07 29.55 -35.44
N ASN B 63 -22.74 30.59 -36.21
CA ASN B 63 -21.49 30.66 -36.96
C ASN B 63 -21.40 29.53 -37.97
N PRO B 64 -22.25 29.51 -38.99
CA PRO B 64 -22.18 28.42 -39.97
C PRO B 64 -20.94 28.54 -40.84
N VAL B 65 -20.52 27.41 -41.42
CA VAL B 65 -19.44 27.41 -42.39
C VAL B 65 -19.89 28.14 -43.65
N SER B 66 -18.92 28.60 -44.43
CA SER B 66 -19.23 29.14 -45.74
C SER B 66 -19.43 28.01 -46.74
N ARG B 67 -19.97 28.35 -47.91
CA ARG B 67 -20.23 27.36 -48.95
C ARG B 67 -19.92 27.96 -50.31
N ASP B 68 -19.82 27.08 -51.30
CA ASP B 68 -19.62 27.50 -52.69
C ASP B 68 -20.95 27.37 -53.44
N ALA B 69 -20.90 27.57 -54.75
CA ALA B 69 -22.12 27.46 -55.56
C ALA B 69 -22.69 26.04 -55.51
N GLN B 70 -21.82 25.04 -55.35
CA GLN B 70 -22.30 23.67 -55.24
C GLN B 70 -22.78 23.38 -53.82
N GLY B 71 -22.42 24.23 -52.86
CA GLY B 71 -22.72 23.99 -51.47
C GLY B 71 -21.62 23.29 -50.69
N LEU B 72 -20.41 23.23 -51.25
CA LEU B 72 -19.31 22.56 -50.58
C LEU B 72 -18.64 23.49 -49.58
N VAL B 73 -18.05 22.89 -48.53
CA VAL B 73 -17.46 23.69 -47.47
C VAL B 73 -16.17 24.31 -47.97
N LEU B 74 -15.90 25.53 -47.51
CA LEU B 74 -14.69 26.25 -47.89
C LEU B 74 -13.69 26.25 -46.75
N PHE B 75 -12.42 26.04 -47.11
CA PHE B 75 -11.32 26.09 -46.17
C PHE B 75 -10.44 27.30 -46.44
N ASP B 76 -9.62 27.64 -45.46
CA ASP B 76 -8.60 28.67 -45.64
C ASP B 76 -7.40 28.13 -46.39
N VAL B 77 -6.48 29.03 -46.71
CA VAL B 77 -5.18 28.61 -47.24
C VAL B 77 -4.42 27.83 -46.18
N THR B 78 -4.60 28.19 -44.91
CA THR B 78 -3.94 27.46 -43.83
C THR B 78 -4.59 26.11 -43.60
N GLY B 79 -5.82 25.93 -44.09
CA GLY B 79 -6.52 24.67 -43.93
C GLY B 79 -7.65 24.76 -42.93
N GLN B 80 -7.82 25.94 -42.34
CA GLN B 80 -8.89 26.17 -41.38
C GLN B 80 -10.22 26.32 -42.11
N VAL B 81 -11.30 25.90 -41.47
CA VAL B 81 -12.62 25.98 -42.07
C VAL B 81 -13.08 27.43 -42.10
N ARG B 82 -13.69 27.80 -43.23
CA ARG B 82 -14.20 29.15 -43.44
C ARG B 82 -15.52 29.32 -42.69
N LEU B 83 -15.64 30.37 -41.89
CA LEU B 83 -16.85 30.55 -41.11
C LEU B 83 -17.54 31.87 -41.45
N ARG B 84 -18.76 32.02 -40.94
CA ARG B 84 -19.52 33.25 -40.99
C ARG B 84 -19.80 33.68 -39.56
N HIS B 85 -19.29 34.84 -39.17
CA HIS B 85 -19.25 35.21 -37.76
C HIS B 85 -20.49 35.99 -37.36
N ALA B 86 -20.95 35.74 -36.14
CA ALA B 86 -22.16 36.38 -35.60
C ALA B 86 -23.34 36.18 -36.53
N ASP B 87 -23.34 35.04 -37.23
CA ASP B 87 -24.35 34.72 -38.21
C ASP B 87 -24.97 33.38 -37.87
N LEU B 88 -26.20 33.18 -38.33
CA LEU B 88 -26.97 31.98 -38.03
C LEU B 88 -27.45 31.35 -39.33
N GLU B 89 -27.86 30.09 -39.24
CA GLU B 89 -28.36 29.36 -40.39
C GLU B 89 -29.68 28.69 -40.02
N ILE B 90 -30.48 28.43 -41.05
CA ILE B 90 -31.79 27.80 -40.91
C ILE B 90 -31.64 26.35 -41.36
N ARG B 91 -31.58 25.42 -40.41
CA ARG B 91 -31.33 24.01 -40.72
C ARG B 91 -32.60 23.22 -40.50
N LEU B 92 -33.24 22.82 -41.60
CA LEU B 92 -34.41 21.96 -41.56
C LEU B 92 -33.97 20.50 -41.68
N ALA B 93 -34.92 19.61 -41.91
CA ALA B 93 -34.63 18.18 -41.93
C ALA B 93 -33.68 17.83 -43.06
N GLN B 94 -32.66 17.03 -42.73
CA GLN B 94 -31.66 16.59 -43.70
C GLN B 94 -30.83 15.48 -43.10
N ASP B 95 -29.79 15.09 -43.83
CA ASP B 95 -28.90 14.01 -43.39
C ASP B 95 -28.09 14.44 -42.19
N PRO B 96 -27.52 13.50 -41.43
CA PRO B 96 -26.80 13.86 -40.19
C PRO B 96 -25.50 14.60 -40.45
N PHE B 97 -25.61 15.90 -40.69
CA PHE B 97 -24.45 16.76 -40.84
C PHE B 97 -23.59 16.74 -39.58
N PRO B 98 -22.27 16.91 -39.71
CA PRO B 98 -21.43 17.12 -38.53
C PRO B 98 -21.22 18.59 -38.24
N LEU B 99 -20.88 18.92 -36.99
CA LEU B 99 -20.47 20.27 -36.63
C LEU B 99 -18.96 20.40 -36.77
N TYR B 100 -18.53 21.45 -37.45
CA TYR B 100 -17.11 21.68 -37.69
C TYR B 100 -16.52 22.44 -36.51
N PRO B 101 -15.21 22.71 -36.49
CA PRO B 101 -14.65 23.51 -35.39
C PRO B 101 -15.13 24.94 -35.47
N GLY B 102 -15.47 25.50 -34.30
CA GLY B 102 -16.04 26.83 -34.26
C GLY B 102 -17.48 26.91 -34.66
N GLU B 103 -18.17 25.78 -34.69
CA GLU B 103 -19.60 25.70 -34.94
C GLU B 103 -20.30 25.47 -33.61
N VAL B 104 -21.24 26.32 -33.27
CA VAL B 104 -21.98 26.19 -32.03
C VAL B 104 -23.43 25.87 -32.36
N LEU B 105 -24.07 25.06 -31.52
CA LEU B 105 -25.47 24.69 -31.66
C LEU B 105 -26.31 25.68 -30.87
N GLU B 106 -27.02 26.56 -31.57
CA GLU B 106 -27.74 27.64 -30.90
C GLU B 106 -29.04 27.14 -30.28
N LYS B 107 -29.90 26.51 -31.09
CA LYS B 107 -31.11 25.87 -30.57
C LYS B 107 -31.09 24.41 -30.99
N ASP B 108 -31.45 23.54 -30.06
CA ASP B 108 -31.53 22.11 -30.31
C ASP B 108 -32.59 21.81 -31.37
N ILE B 109 -32.73 20.53 -31.69
CA ILE B 109 -33.85 20.12 -32.51
C ILE B 109 -35.13 20.42 -31.77
N THR B 110 -35.94 21.26 -32.35
CA THR B 110 -37.23 21.70 -31.82
C THR B 110 -38.32 21.44 -32.84
N PRO B 111 -39.57 21.30 -32.40
CA PRO B 111 -40.65 21.07 -33.36
C PRO B 111 -41.12 22.35 -34.02
N LEU B 112 -41.29 22.25 -35.34
CA LEU B 112 -41.90 23.34 -36.09
C LEU B 112 -43.34 23.54 -35.62
N GLN B 113 -43.64 24.74 -35.13
CA GLN B 113 -44.94 25.05 -34.54
C GLN B 113 -45.92 25.45 -35.65
N VAL B 114 -47.08 24.79 -35.65
CA VAL B 114 -48.05 24.90 -36.73
C VAL B 114 -49.16 25.85 -36.30
N VAL B 115 -49.60 26.69 -37.23
CA VAL B 115 -50.60 27.71 -36.93
C VAL B 115 -51.99 27.12 -37.04
N LEU B 116 -52.80 27.31 -36.01
CA LEU B 116 -54.14 26.74 -35.97
C LEU B 116 -55.08 27.56 -36.84
N PRO B 117 -56.27 27.05 -37.15
CA PRO B 117 -57.25 27.89 -37.85
C PRO B 117 -57.81 28.98 -36.93
N ASN B 118 -58.18 30.10 -37.55
CA ASN B 118 -58.68 31.28 -36.85
C ASN B 118 -57.66 31.78 -35.81
N THR B 119 -56.41 31.90 -36.23
CA THR B 119 -55.38 32.52 -35.43
C THR B 119 -54.28 33.00 -36.36
N ALA B 120 -53.30 33.72 -35.81
CA ALA B 120 -52.25 34.30 -36.62
C ALA B 120 -51.00 34.55 -35.78
N LEU B 121 -49.86 34.57 -36.45
CA LEU B 121 -48.57 34.82 -35.82
C LEU B 121 -48.13 36.25 -36.10
N HIS B 122 -47.68 36.94 -35.06
CA HIS B 122 -47.25 38.33 -35.15
C HIS B 122 -45.73 38.38 -35.25
N LEU B 123 -45.21 38.64 -36.45
CA LEU B 123 -43.80 38.51 -36.74
C LEU B 123 -43.21 39.84 -37.21
N LYS B 124 -42.13 40.26 -36.56
CA LYS B 124 -41.44 41.51 -36.83
C LYS B 124 -40.03 41.24 -37.33
N ALA B 125 -39.59 41.99 -38.34
CA ALA B 125 -38.27 41.82 -38.91
C ALA B 125 -37.22 42.47 -38.00
N LEU B 126 -36.28 41.66 -37.52
CA LEU B 126 -35.18 42.19 -36.71
C LEU B 126 -34.16 42.92 -37.58
N LEU B 127 -33.69 42.27 -38.64
CA LEU B 127 -32.71 42.84 -39.54
C LEU B 127 -33.31 42.91 -40.94
N ASP B 128 -32.95 43.95 -41.68
CA ASP B 128 -33.47 44.12 -43.04
C ASP B 128 -33.15 42.90 -43.88
N PHE B 129 -33.99 42.66 -44.88
CA PHE B 129 -33.80 41.54 -45.79
C PHE B 129 -34.71 41.74 -46.99
N GLU B 130 -34.70 40.76 -47.88
CA GLU B 130 -35.54 40.78 -49.08
C GLU B 130 -36.57 39.66 -48.99
N ASP B 131 -37.77 39.93 -49.47
CA ASP B 131 -38.90 39.05 -49.21
C ASP B 131 -39.04 37.99 -50.30
N LYS B 132 -39.81 36.94 -49.97
CA LYS B 132 -40.03 35.85 -50.92
C LYS B 132 -40.82 36.33 -52.13
N ASP B 133 -41.70 37.31 -51.95
CA ASP B 133 -42.55 37.79 -53.01
C ASP B 133 -41.88 38.86 -53.87
N GLY B 134 -40.61 39.18 -53.62
CA GLY B 134 -39.91 40.21 -54.35
C GLY B 134 -39.84 41.54 -53.64
N ASP B 135 -40.19 41.59 -52.36
CA ASP B 135 -40.22 42.86 -51.65
C ASP B 135 -39.00 43.03 -50.76
N LYS B 136 -38.71 44.27 -50.41
CA LYS B 136 -37.64 44.60 -49.48
C LYS B 136 -38.25 44.97 -48.14
N VAL B 137 -37.99 44.16 -47.12
CA VAL B 137 -38.63 44.28 -45.82
C VAL B 137 -37.66 44.99 -44.88
N VAL B 138 -37.80 46.31 -44.76
CA VAL B 138 -36.92 47.05 -43.88
C VAL B 138 -37.11 46.57 -42.45
N ALA B 139 -36.00 46.53 -41.71
CA ALA B 139 -36.05 46.07 -40.32
C ALA B 139 -37.00 46.94 -39.52
N GLY B 140 -37.81 46.29 -38.69
CA GLY B 140 -38.81 46.98 -37.91
C GLY B 140 -40.22 46.91 -38.46
N ASP B 141 -40.44 46.21 -39.57
CA ASP B 141 -41.78 46.07 -40.11
C ASP B 141 -42.56 44.99 -39.36
N GLU B 142 -43.88 45.04 -39.51
CA GLU B 142 -44.81 44.15 -38.82
C GLU B 142 -45.62 43.35 -39.83
N TRP B 143 -45.78 42.06 -39.55
CA TRP B 143 -46.50 41.15 -40.42
C TRP B 143 -47.57 40.40 -39.64
N LEU B 144 -48.39 39.67 -40.38
CA LEU B 144 -49.24 38.63 -39.83
C LEU B 144 -49.13 37.43 -40.76
N PHE B 145 -48.63 36.31 -40.24
CA PHE B 145 -48.74 35.03 -40.93
C PHE B 145 -49.94 34.30 -40.33
N GLU B 146 -51.00 34.18 -41.12
CA GLU B 146 -52.26 33.66 -40.62
C GLU B 146 -52.73 32.51 -41.49
N GLY B 147 -53.74 31.80 -40.99
CA GLY B 147 -54.25 30.63 -41.65
C GLY B 147 -53.90 29.40 -40.84
N PRO B 148 -54.15 28.22 -41.41
CA PRO B 148 -53.78 26.97 -40.72
C PRO B 148 -52.39 26.43 -41.04
N GLY B 149 -51.52 27.20 -41.68
CA GLY B 149 -50.29 26.63 -42.21
C GLY B 149 -49.24 26.38 -41.14
N THR B 150 -48.09 25.91 -41.61
CA THR B 150 -46.91 25.78 -40.75
C THR B 150 -45.95 26.94 -41.01
N TYR B 151 -45.33 27.44 -39.94
CA TYR B 151 -44.37 28.53 -40.04
C TYR B 151 -42.95 27.99 -39.93
N ILE B 152 -42.16 28.21 -40.98
CA ILE B 152 -40.73 27.88 -40.99
C ILE B 152 -39.97 29.11 -40.49
N PRO B 153 -39.22 29.01 -39.40
CA PRO B 153 -38.56 30.20 -38.85
C PRO B 153 -37.58 30.80 -39.85
N ARG B 154 -37.16 32.03 -39.55
CA ARG B 154 -36.10 32.67 -40.29
C ARG B 154 -35.13 33.28 -39.29
N LYS B 155 -33.99 33.74 -39.79
CA LYS B 155 -32.96 34.28 -38.91
C LYS B 155 -33.28 35.71 -38.49
N GLU B 156 -33.51 36.58 -39.46
CA GLU B 156 -33.72 38.00 -39.22
C GLU B 156 -35.17 38.35 -38.95
N VAL B 157 -36.03 37.35 -38.75
CA VAL B 157 -37.45 37.55 -38.55
C VAL B 157 -37.85 36.87 -37.26
N GLU B 158 -38.47 37.63 -36.36
CA GLU B 158 -38.77 37.16 -35.01
C GLU B 158 -40.27 37.22 -34.79
N VAL B 159 -40.80 36.20 -34.10
CA VAL B 159 -42.23 36.10 -33.85
C VAL B 159 -42.53 36.77 -32.51
N VAL B 160 -43.43 37.76 -32.52
CA VAL B 160 -43.71 38.52 -31.32
C VAL B 160 -44.74 37.80 -30.46
N GLU B 161 -45.80 37.29 -31.09
CA GLU B 161 -46.90 36.67 -30.37
C GLU B 161 -47.87 36.07 -31.36
N ILE B 162 -48.86 35.36 -30.83
CA ILE B 162 -49.96 34.81 -31.59
C ILE B 162 -51.24 35.53 -31.18
N ILE B 163 -52.08 35.84 -32.16
CA ILE B 163 -53.32 36.58 -31.93
C ILE B 163 -54.49 35.68 -32.32
N GLN B 164 -55.46 35.56 -31.42
CA GLN B 164 -56.68 34.80 -31.71
C GLN B 164 -57.69 35.67 -32.43
N ALA B 165 -58.61 35.02 -33.13
CA ALA B 165 -59.74 35.76 -33.68
C ALA B 165 -60.75 36.05 -32.59
N THR B 166 -61.49 37.14 -32.79
CA THR B 166 -62.64 37.45 -31.96
C THR B 166 -63.88 37.13 -32.77
N ILE B 167 -64.92 36.66 -32.09
CA ILE B 167 -66.13 36.19 -32.75
C ILE B 167 -67.18 37.30 -32.73
N ILE B 168 -67.72 37.61 -33.90
CA ILE B 168 -68.76 38.62 -34.05
C ILE B 168 -70.03 37.91 -34.52
N ARG B 169 -71.08 37.96 -33.70
CA ARG B 169 -72.35 37.34 -34.03
C ARG B 169 -73.22 38.34 -34.78
N GLN B 170 -74.49 37.99 -34.95
CA GLN B 170 -75.42 38.92 -35.56
C GLN B 170 -75.76 40.03 -34.58
N ASN B 171 -75.99 41.24 -35.11
CA ASN B 171 -76.30 42.45 -34.33
C ASN B 171 -75.22 42.81 -33.31
N GLN B 172 -73.98 42.89 -33.78
CA GLN B 172 -72.84 43.26 -32.94
C GLN B 172 -71.86 44.08 -33.75
N ALA B 173 -70.99 44.87 -33.11
CA ALA B 173 -70.04 45.67 -33.87
C ALA B 173 -68.52 45.52 -33.62
N LEU B 174 -68.10 45.17 -32.40
CA LEU B 174 -66.66 45.05 -32.09
C LEU B 174 -65.74 46.25 -32.37
N ARG B 175 -65.82 47.29 -31.53
CA ARG B 175 -64.99 48.48 -31.72
C ARG B 175 -63.47 48.25 -31.65
N LEU B 176 -62.74 48.90 -32.58
CA LEU B 176 -61.29 48.81 -32.69
C LEU B 176 -60.59 50.17 -32.65
N ARG B 177 -59.50 50.26 -31.89
CA ARG B 177 -58.73 51.51 -31.80
C ARG B 177 -57.32 51.32 -32.38
N ALA B 178 -56.91 52.24 -33.25
CA ALA B 178 -55.61 52.18 -33.92
C ALA B 178 -54.33 52.43 -33.08
N ARG B 179 -53.36 51.52 -33.18
CA ARG B 179 -52.06 51.67 -32.52
C ARG B 179 -51.30 52.87 -33.08
N LYS B 180 -51.39 53.07 -34.39
CA LYS B 180 -50.67 54.12 -35.07
C LYS B 180 -51.44 54.50 -36.31
N GLU B 181 -50.97 55.52 -37.02
CA GLU B 181 -51.61 55.90 -38.26
C GLU B 181 -51.60 54.72 -39.22
N CYS B 182 -52.76 54.41 -39.79
CA CYS B 182 -52.90 53.14 -40.48
C CYS B 182 -53.92 53.17 -41.61
N TRP B 183 -54.35 51.99 -41.98
CA TRP B 183 -55.38 51.81 -42.98
C TRP B 183 -56.34 50.74 -42.47
N ASP B 184 -57.47 50.56 -43.15
CA ASP B 184 -58.43 49.57 -42.65
C ASP B 184 -58.98 48.75 -43.81
N ARG B 185 -59.56 47.60 -43.45
CA ARG B 185 -60.12 46.66 -44.41
C ARG B 185 -61.06 47.35 -45.37
N ASP B 186 -61.90 48.22 -44.81
CA ASP B 186 -62.85 48.93 -45.63
C ASP B 186 -62.18 49.93 -46.56
N GLY B 187 -60.85 50.04 -46.47
CA GLY B 187 -60.11 50.85 -47.42
C GLY B 187 -60.24 52.35 -47.20
N LYS B 188 -60.17 52.79 -45.94
CA LYS B 188 -60.25 54.21 -45.65
C LYS B 188 -59.30 54.60 -44.53
N GLU B 189 -58.80 55.82 -44.62
CA GLU B 189 -57.81 56.37 -43.70
C GLU B 189 -58.23 56.21 -42.25
N ARG B 190 -57.25 55.90 -41.40
CA ARG B 190 -57.39 56.03 -39.95
C ARG B 190 -56.14 56.74 -39.44
N VAL B 191 -56.25 57.30 -38.23
CA VAL B 191 -55.14 58.00 -37.60
C VAL B 191 -54.96 57.45 -36.20
N THR B 192 -53.90 57.90 -35.54
CA THR B 192 -53.59 57.40 -34.21
C THR B 192 -54.68 57.79 -33.23
N GLY B 193 -55.17 56.83 -32.45
CA GLY B 193 -56.18 57.08 -31.45
C GLY B 193 -57.60 56.97 -31.95
N GLU B 194 -57.84 57.06 -33.25
CA GLU B 194 -59.18 56.97 -33.79
C GLU B 194 -59.77 55.60 -33.54
N GLU B 195 -61.10 55.55 -33.40
CA GLU B 195 -61.81 54.32 -33.16
C GLU B 195 -62.89 54.12 -34.21
N TRP B 196 -63.29 52.87 -34.42
CA TRP B 196 -64.35 52.52 -35.37
C TRP B 196 -64.91 51.15 -35.03
N LEU B 197 -65.95 50.72 -35.75
CA LEU B 197 -66.56 49.42 -35.51
C LEU B 197 -66.63 48.58 -36.78
N VAL B 198 -66.25 47.32 -36.70
CA VAL B 198 -66.30 46.43 -37.87
C VAL B 198 -67.49 45.47 -37.78
N THR B 199 -68.58 45.79 -38.47
CA THR B 199 -69.81 45.02 -38.37
C THR B 199 -69.85 43.54 -38.79
N THR B 200 -69.18 43.18 -39.89
CA THR B 200 -69.15 41.80 -40.43
C THR B 200 -69.21 40.63 -39.45
N VAL B 201 -70.12 39.69 -39.71
CA VAL B 201 -70.32 38.53 -38.86
C VAL B 201 -69.30 37.46 -39.19
N GLY B 202 -68.90 36.70 -38.19
CA GLY B 202 -67.92 35.65 -38.37
C GLY B 202 -66.85 35.64 -37.30
N ALA B 203 -65.61 35.39 -37.71
CA ALA B 203 -64.45 35.50 -36.84
C ALA B 203 -63.48 36.48 -37.46
N TYR B 204 -62.88 37.32 -36.63
CA TYR B 204 -62.14 38.49 -37.08
C TYR B 204 -60.72 38.47 -36.53
N LEU B 205 -59.75 38.62 -37.43
CA LEU B 205 -58.36 38.79 -37.00
C LEU B 205 -57.99 40.26 -37.06
N PRO B 206 -57.64 40.89 -35.95
CA PRO B 206 -57.17 42.27 -36.03
C PRO B 206 -55.83 42.36 -36.72
N ALA B 207 -55.59 43.49 -37.38
CA ALA B 207 -54.30 43.74 -37.99
C ALA B 207 -53.24 43.94 -36.92
N VAL B 208 -52.01 44.21 -37.36
CA VAL B 208 -50.91 44.45 -36.45
C VAL B 208 -51.11 45.78 -35.74
N PHE B 209 -51.68 46.74 -36.45
CA PHE B 209 -51.84 48.09 -35.93
C PHE B 209 -53.20 48.29 -35.27
N GLU B 210 -54.15 47.41 -35.55
CA GLU B 210 -55.45 47.49 -34.91
C GLU B 210 -55.42 46.77 -33.58
N GLU B 211 -56.25 47.20 -32.65
CA GLU B 211 -56.44 46.47 -31.41
C GLU B 211 -57.92 46.35 -31.10
N VAL B 212 -58.28 45.26 -30.46
CA VAL B 212 -59.65 44.97 -30.08
C VAL B 212 -59.91 45.59 -28.73
N LEU B 213 -61.05 46.28 -28.61
CA LEU B 213 -61.44 46.93 -27.36
C LEU B 213 -62.58 46.21 -26.65
N ASP B 214 -63.72 46.04 -27.33
CA ASP B 214 -64.87 45.40 -26.71
C ASP B 214 -65.98 45.20 -27.74
N LEU B 215 -66.82 44.21 -27.46
CA LEU B 215 -67.98 43.87 -28.27
C LEU B 215 -69.15 44.77 -27.86
N VAL B 216 -69.91 45.24 -28.85
CA VAL B 216 -71.03 46.14 -28.62
C VAL B 216 -72.24 45.61 -29.37
N ASP B 217 -73.26 45.19 -28.64
CA ASP B 217 -74.45 44.58 -29.21
C ASP B 217 -75.56 45.61 -29.40
N ALA B 218 -76.45 45.34 -30.34
CA ALA B 218 -77.47 46.31 -30.71
C ALA B 218 -78.48 46.49 -29.59
N VAL B 219 -79.15 47.64 -29.62
CA VAL B 219 -80.31 47.90 -28.78
C VAL B 219 -81.55 47.59 -29.59
N ILE B 220 -82.46 46.81 -29.01
CA ILE B 220 -83.65 46.37 -29.73
C ILE B 220 -84.77 47.39 -29.50
N LEU B 221 -85.39 47.83 -30.56
CA LEU B 221 -86.42 48.86 -30.51
C LEU B 221 -87.78 48.27 -30.83
N THR B 222 -88.80 48.70 -30.11
CA THR B 222 -90.17 48.24 -30.29
C THR B 222 -91.10 49.44 -30.44
N GLU B 223 -92.40 49.16 -30.41
CA GLU B 223 -93.38 50.24 -30.56
C GLU B 223 -93.50 51.05 -29.28
N LYS B 224 -93.06 50.48 -28.16
CA LYS B 224 -93.21 51.08 -26.85
C LYS B 224 -91.91 51.64 -26.31
N THR B 225 -90.95 51.96 -27.20
CA THR B 225 -89.59 52.25 -26.79
C THR B 225 -88.91 53.12 -27.84
N ALA B 226 -88.00 53.96 -27.37
CA ALA B 226 -87.12 54.73 -28.24
C ALA B 226 -85.77 54.86 -27.56
N LEU B 227 -84.81 55.42 -28.29
CA LEU B 227 -83.42 55.44 -27.87
C LEU B 227 -82.87 56.85 -27.96
N HIS B 228 -82.40 57.36 -26.84
CA HIS B 228 -81.99 58.75 -26.69
C HIS B 228 -80.48 58.86 -26.86
N LEU B 229 -80.05 59.49 -27.95
CA LEU B 229 -78.65 59.54 -28.33
C LEU B 229 -78.15 60.98 -28.39
N ARG B 230 -76.88 61.16 -28.04
CA ARG B 230 -76.21 62.45 -28.05
C ARG B 230 -74.96 62.36 -28.92
N ALA B 231 -74.65 63.41 -29.66
CA ALA B 231 -73.48 63.38 -30.52
C ALA B 231 -72.18 63.62 -29.74
N ARG B 232 -71.24 62.70 -29.87
CA ARG B 232 -69.88 62.91 -29.35
C ARG B 232 -69.16 63.99 -30.12
N ARG B 233 -69.31 63.97 -31.44
CA ARG B 233 -68.69 64.94 -32.33
C ARG B 233 -69.60 65.13 -33.53
N ASN B 234 -69.15 65.89 -34.51
CA ASN B 234 -69.94 66.07 -35.72
C ASN B 234 -69.79 64.85 -36.61
N PHE B 235 -70.90 64.34 -37.13
CA PHE B 235 -70.82 63.12 -37.94
C PHE B 235 -72.10 62.95 -38.74
N ARG B 236 -72.21 61.80 -39.38
CA ARG B 236 -73.37 61.40 -40.16
C ARG B 236 -73.86 60.06 -39.66
N ASP B 237 -75.17 59.92 -39.51
CA ASP B 237 -75.72 58.66 -39.03
C ASP B 237 -76.32 57.86 -40.17
N PHE B 238 -76.92 56.71 -39.85
CA PHE B 238 -77.31 55.76 -40.88
C PHE B 238 -78.49 56.25 -41.70
N ARG B 239 -79.28 57.18 -41.17
CA ARG B 239 -80.30 57.83 -41.98
C ARG B 239 -79.68 58.76 -43.00
N GLY B 240 -78.41 59.07 -42.86
CA GLY B 240 -77.77 60.08 -43.67
C GLY B 240 -77.94 61.48 -43.15
N VAL B 241 -78.61 61.65 -42.00
CA VAL B 241 -78.83 62.97 -41.45
C VAL B 241 -77.61 63.42 -40.67
N SER B 242 -77.27 64.70 -40.80
CA SER B 242 -76.06 65.25 -40.21
C SER B 242 -76.31 65.59 -38.74
N ARG B 243 -75.30 65.39 -37.92
CA ARG B 243 -75.39 65.55 -36.47
C ARG B 243 -74.25 66.42 -35.98
N ARG B 244 -74.58 67.55 -35.35
CA ARG B 244 -73.58 68.43 -34.78
C ARG B 244 -73.23 67.99 -33.37
N THR B 245 -72.13 68.51 -32.85
CA THR B 245 -71.69 68.15 -31.52
C THR B 245 -72.74 68.55 -30.50
N GLY B 246 -73.10 67.62 -29.62
CA GLY B 246 -73.95 67.93 -28.50
C GLY B 246 -75.43 67.76 -28.72
N GLU B 247 -75.92 67.84 -29.95
CA GLU B 247 -77.37 67.84 -30.14
C GLU B 247 -77.91 66.44 -29.95
N GLU B 248 -79.20 66.36 -29.64
CA GLU B 248 -79.81 65.12 -29.20
C GLU B 248 -81.01 64.79 -30.08
N TRP B 249 -81.33 63.50 -30.15
CA TRP B 249 -82.46 63.06 -30.95
C TRP B 249 -82.89 61.70 -30.44
N LEU B 250 -83.96 61.19 -31.03
CA LEU B 250 -84.50 59.88 -30.70
C LEU B 250 -84.50 58.99 -31.92
N VAL B 251 -84.23 57.71 -31.73
CA VAL B 251 -84.31 56.69 -32.77
C VAL B 251 -85.48 55.78 -32.41
N THR B 252 -86.41 55.61 -33.35
CA THR B 252 -87.64 54.87 -33.12
C THR B 252 -87.60 53.54 -33.88
N VAL B 253 -88.60 52.70 -33.64
CA VAL B 253 -88.67 51.42 -34.33
C VAL B 253 -89.05 51.61 -35.78
N GLN B 254 -89.46 52.82 -36.16
CA GLN B 254 -89.65 53.12 -37.57
C GLN B 254 -88.33 53.41 -38.27
N ASP B 255 -87.27 53.62 -37.49
CA ASP B 255 -85.95 53.78 -38.08
C ASP B 255 -85.26 52.43 -38.26
N THR B 256 -85.08 51.69 -37.18
CA THR B 256 -84.49 50.36 -37.22
C THR B 256 -85.05 49.56 -36.06
N GLU B 257 -85.02 48.24 -36.20
CA GLU B 257 -85.44 47.38 -35.10
C GLU B 257 -84.26 47.04 -34.20
N ALA B 258 -83.06 47.13 -34.74
CA ALA B 258 -81.84 46.94 -33.97
C ALA B 258 -80.86 48.04 -34.34
N HIS B 259 -80.39 48.76 -33.34
CA HIS B 259 -79.44 49.82 -33.54
C HIS B 259 -78.25 49.56 -32.63
N VAL B 260 -77.07 49.66 -33.20
CA VAL B 260 -75.83 49.59 -32.42
C VAL B 260 -75.33 51.01 -32.26
N PRO B 261 -75.09 51.47 -31.04
CA PRO B 261 -74.58 52.83 -30.84
C PRO B 261 -73.23 53.03 -31.51
N ASP B 262 -73.14 54.03 -32.36
CA ASP B 262 -71.93 54.37 -33.08
C ASP B 262 -70.84 54.82 -32.09
N VAL B 263 -69.65 55.10 -32.62
CA VAL B 263 -68.58 55.61 -31.77
C VAL B 263 -68.73 57.11 -31.58
N HIS B 264 -69.56 57.74 -32.39
CA HIS B 264 -69.83 59.17 -32.34
C HIS B 264 -71.14 59.48 -31.64
N GLU B 265 -71.66 58.57 -30.83
CA GLU B 265 -72.96 58.70 -30.21
C GLU B 265 -72.86 58.36 -28.74
N GLU B 266 -73.79 58.89 -27.95
CA GLU B 266 -73.86 58.59 -26.53
C GLU B 266 -75.27 58.16 -26.18
N VAL B 267 -75.39 57.04 -25.47
CA VAL B 267 -76.67 56.51 -25.09
C VAL B 267 -77.07 57.16 -23.78
N LEU B 268 -78.03 58.10 -23.86
CA LEU B 268 -78.50 58.78 -22.66
C LEU B 268 -79.58 57.98 -21.95
N GLY B 269 -80.34 57.19 -22.69
CA GLY B 269 -81.25 56.25 -22.07
C GLY B 269 -82.38 55.87 -23.00
N VAL B 270 -83.24 55.00 -22.49
CA VAL B 270 -84.35 54.44 -23.24
C VAL B 270 -85.63 55.13 -22.81
N VAL B 271 -86.44 55.53 -23.78
CA VAL B 271 -87.57 56.42 -23.57
C VAL B 271 -88.85 55.59 -23.64
N PRO B 272 -89.50 55.29 -22.53
CA PRO B 272 -90.79 54.60 -22.60
C PRO B 272 -91.85 55.52 -23.17
N ILE B 273 -92.74 54.95 -23.98
CA ILE B 273 -93.74 55.74 -24.67
C ILE B 273 -94.73 56.32 -23.67
N THR B 274 -95.36 57.42 -24.07
CA THR B 274 -96.41 58.06 -23.29
C THR B 274 -97.73 57.88 -24.04
N THR B 275 -98.65 57.15 -23.44
CA THR B 275 -99.92 56.87 -24.10
C THR B 275 -101.03 57.59 -23.37
N LEU B 276 -101.86 58.28 -24.14
CA LEU B 276 -103.05 58.96 -23.62
C LEU B 276 -104.28 58.21 -24.12
N GLY B 277 -105.18 57.88 -23.20
CA GLY B 277 -106.44 57.27 -23.57
C GLY B 277 -107.48 58.33 -23.89
N PRO B 278 -108.64 57.92 -24.42
CA PRO B 278 -109.63 58.92 -24.86
C PRO B 278 -110.24 59.72 -23.72
N HIS B 279 -109.87 59.42 -22.48
CA HIS B 279 -110.30 60.14 -21.30
C HIS B 279 -109.13 60.85 -20.63
N ASN B 280 -107.98 60.91 -21.31
CA ASN B 280 -106.75 61.44 -20.76
C ASN B 280 -106.23 62.58 -21.62
N TYR B 281 -105.62 63.56 -20.96
CA TYR B 281 -104.84 64.56 -21.67
C TYR B 281 -103.58 64.81 -20.86
N CYS B 282 -102.73 65.67 -21.41
CA CYS B 282 -101.48 66.05 -20.75
C CYS B 282 -101.13 67.44 -21.23
N VAL B 283 -100.14 68.05 -20.59
CA VAL B 283 -99.59 69.32 -21.02
C VAL B 283 -98.09 69.13 -21.13
N ILE B 284 -97.51 69.54 -22.27
CA ILE B 284 -96.09 69.38 -22.53
C ILE B 284 -95.37 70.69 -22.28
N LEU B 285 -94.33 70.65 -21.47
CA LEU B 285 -93.53 71.83 -21.16
C LEU B 285 -92.34 71.90 -22.10
N ASP B 286 -92.14 73.06 -22.72
CA ASP B 286 -91.08 73.32 -23.69
C ASP B 286 -91.23 72.44 -24.92
N PRO B 287 -92.36 72.50 -25.61
CA PRO B 287 -92.57 71.61 -26.76
C PRO B 287 -91.58 71.91 -27.87
N VAL B 288 -91.34 70.92 -28.72
CA VAL B 288 -90.50 71.11 -29.88
C VAL B 288 -91.30 71.74 -31.00
N GLY B 289 -90.75 72.77 -31.63
CA GLY B 289 -91.45 73.48 -32.66
C GLY B 289 -91.21 72.93 -34.04
N PRO B 290 -91.64 73.67 -35.07
CA PRO B 290 -91.42 73.19 -36.44
C PRO B 290 -89.96 73.05 -36.80
N ASP B 291 -89.11 73.97 -36.34
CA ASP B 291 -87.69 73.98 -36.69
C ASP B 291 -86.87 73.00 -35.86
N GLY B 292 -87.51 72.19 -35.02
CA GLY B 292 -86.79 71.19 -34.25
C GLY B 292 -86.20 71.68 -32.95
N LYS B 293 -86.53 72.89 -32.52
CA LYS B 293 -86.04 73.44 -31.26
C LYS B 293 -87.11 73.31 -30.18
N ASN B 294 -86.69 73.04 -28.95
CA ASN B 294 -87.57 73.26 -27.82
C ASN B 294 -87.99 74.72 -27.74
N GLN B 295 -89.29 74.96 -27.65
CA GLN B 295 -89.84 76.29 -27.49
C GLN B 295 -89.90 76.59 -26.01
N LEU B 296 -88.89 77.29 -25.51
CA LEU B 296 -88.72 77.43 -24.07
C LEU B 296 -89.80 78.33 -23.48
N GLY B 297 -90.27 77.97 -22.29
CA GLY B 297 -91.26 78.77 -21.60
C GLY B 297 -92.64 78.76 -22.21
N GLN B 298 -92.86 77.83 -23.15
CA GLN B 298 -94.14 77.64 -23.79
C GLN B 298 -94.70 76.29 -23.33
N LYS B 299 -95.91 75.97 -23.76
CA LYS B 299 -96.53 74.71 -23.38
C LYS B 299 -97.63 74.35 -24.36
N ARG B 300 -97.90 73.06 -24.49
CA ARG B 300 -98.88 72.55 -25.43
C ARG B 300 -99.75 71.51 -24.75
N VAL B 301 -101.07 71.65 -24.94
CA VAL B 301 -102.05 70.74 -24.36
C VAL B 301 -102.33 69.66 -25.38
N VAL B 302 -101.94 68.44 -25.06
CA VAL B 302 -102.11 67.29 -25.93
C VAL B 302 -103.22 66.43 -25.34
N LYS B 303 -104.30 66.28 -26.11
CA LYS B 303 -105.49 65.58 -25.66
C LYS B 303 -105.92 64.42 -26.58
N GLY B 304 -106.80 63.56 -26.08
CA GLY B 304 -107.35 62.44 -26.80
C GLY B 304 -106.54 61.19 -26.62
N GLU B 305 -106.98 60.10 -27.24
CA GLU B 305 -106.22 58.87 -27.13
C GLU B 305 -105.11 59.06 -28.14
N LYS B 306 -103.89 59.04 -27.66
CA LYS B 306 -102.73 59.24 -28.51
C LYS B 306 -101.51 58.62 -27.88
N SER B 307 -100.53 58.32 -28.71
CA SER B 307 -99.28 57.76 -28.25
C SER B 307 -98.17 58.53 -28.92
N PHE B 308 -97.20 58.95 -28.12
CA PHE B 308 -96.07 59.70 -28.64
C PHE B 308 -94.91 59.49 -27.69
N PHE B 309 -93.73 59.92 -28.13
CA PHE B 309 -92.54 59.93 -27.30
C PHE B 309 -92.21 61.36 -26.91
N LEU B 310 -91.99 61.58 -25.62
CA LEU B 310 -91.41 62.84 -25.19
C LEU B 310 -90.02 63.01 -25.76
N GLN B 311 -89.86 63.96 -26.66
CA GLN B 311 -88.60 64.25 -27.29
C GLN B 311 -87.63 64.85 -26.28
N PRO B 312 -86.35 65.02 -26.63
CA PRO B 312 -85.40 65.60 -25.68
C PRO B 312 -85.72 67.05 -25.36
N GLY B 313 -85.73 67.36 -24.08
CA GLY B 313 -86.08 68.69 -23.63
C GLY B 313 -87.53 68.85 -23.24
N GLU B 314 -88.45 68.19 -23.95
CA GLU B 314 -89.86 68.22 -23.60
C GLU B 314 -90.07 67.58 -22.23
N GLN B 315 -91.25 67.82 -21.67
CA GLN B 315 -91.55 67.40 -20.32
C GLN B 315 -93.04 67.48 -20.09
N LEU B 316 -93.54 66.63 -19.20
CA LEU B 316 -94.95 66.68 -18.81
C LEU B 316 -95.11 67.47 -17.52
N GLU B 317 -96.19 68.24 -17.44
CA GLU B 317 -96.36 69.14 -16.32
C GLU B 317 -96.87 68.41 -15.09
N GLN B 318 -98.02 67.75 -15.19
CA GLN B 318 -98.54 66.97 -14.07
C GLN B 318 -98.81 65.51 -14.41
N GLY B 319 -98.03 64.91 -15.30
CA GLY B 319 -98.26 63.54 -15.66
C GLY B 319 -99.47 63.41 -16.57
N ILE B 320 -100.00 62.19 -16.62
CA ILE B 320 -101.23 61.96 -17.36
C ILE B 320 -102.40 62.45 -16.51
N GLN B 321 -103.41 63.01 -17.17
CA GLN B 321 -104.49 63.68 -16.48
C GLN B 321 -105.83 63.24 -17.03
N ASP B 322 -106.88 63.61 -16.31
CA ASP B 322 -108.24 63.19 -16.63
C ASP B 322 -109.04 64.34 -17.20
N VAL B 323 -109.70 64.10 -18.32
CA VAL B 323 -110.62 65.06 -18.91
C VAL B 323 -111.82 65.27 -17.99
N TYR B 324 -112.33 66.50 -17.96
CA TYR B 324 -113.50 66.86 -17.15
C TYR B 324 -114.78 66.48 -17.88
N VAL B 325 -115.52 65.51 -17.35
CA VAL B 325 -116.85 65.20 -17.85
C VAL B 325 -117.85 65.78 -16.86
N LEU B 326 -118.75 66.62 -17.35
CA LEU B 326 -119.68 67.35 -16.52
C LEU B 326 -121.09 66.82 -16.76
N SER B 327 -121.80 66.53 -15.69
CA SER B 327 -123.22 66.25 -15.79
C SER B 327 -123.98 67.53 -16.09
N GLU B 328 -125.30 67.42 -16.15
CA GLU B 328 -126.11 68.61 -16.28
C GLU B 328 -126.26 69.37 -14.97
N GLN B 329 -125.93 68.75 -13.84
CA GLN B 329 -126.05 69.39 -12.56
C GLN B 329 -124.71 69.93 -12.06
N GLN B 330 -123.73 70.11 -12.94
CA GLN B 330 -122.34 70.38 -12.58
C GLN B 330 -121.73 71.41 -13.52
N GLY B 331 -120.94 72.32 -12.94
CA GLY B 331 -120.34 73.38 -13.72
C GLY B 331 -118.98 73.77 -13.19
N LEU B 332 -118.27 74.55 -13.99
CA LEU B 332 -116.91 74.99 -13.69
C LEU B 332 -116.81 76.50 -13.85
N LEU B 333 -116.14 77.16 -12.91
CA LEU B 333 -115.88 78.59 -13.02
C LEU B 333 -114.48 78.78 -13.59
N LEU B 334 -114.38 79.39 -14.76
CA LEU B 334 -113.14 79.46 -15.50
C LEU B 334 -112.59 80.87 -15.45
N ARG B 335 -111.27 81.01 -15.54
CA ARG B 335 -110.61 82.31 -15.45
C ARG B 335 -109.58 82.46 -16.55
N ALA B 336 -109.67 83.54 -17.31
CA ALA B 336 -108.72 83.79 -18.39
C ALA B 336 -107.44 84.39 -17.85
N LEU B 337 -106.30 83.84 -18.27
CA LEU B 337 -105.00 84.39 -17.90
C LEU B 337 -104.48 85.37 -18.93
N GLN B 338 -104.65 85.07 -20.21
CA GLN B 338 -104.37 85.96 -21.34
C GLN B 338 -105.68 86.22 -22.05
N PRO B 339 -105.76 87.21 -22.95
CA PRO B 339 -106.94 87.35 -23.79
C PRO B 339 -107.04 86.15 -24.73
N LEU B 340 -108.25 85.60 -24.85
CA LEU B 340 -108.42 84.38 -25.59
C LEU B 340 -109.77 84.37 -26.29
N GLU B 341 -110.08 83.24 -26.89
CA GLU B 341 -111.37 83.01 -27.52
C GLU B 341 -111.60 81.50 -27.58
N GLU B 342 -112.41 80.97 -26.67
CA GLU B 342 -112.58 79.53 -26.53
C GLU B 342 -113.46 79.02 -27.67
N GLY B 343 -112.95 78.04 -28.41
CA GLY B 343 -113.67 77.51 -29.55
C GLY B 343 -114.25 76.13 -29.33
N GLU B 344 -115.56 76.07 -29.12
CA GLU B 344 -116.28 74.81 -29.00
C GLU B 344 -117.47 74.72 -29.94
N ASP B 345 -118.00 75.84 -30.40
CA ASP B 345 -119.07 75.91 -31.38
C ASP B 345 -118.86 77.17 -32.21
N GLU B 346 -119.90 77.57 -32.95
CA GLU B 346 -119.82 78.82 -33.70
C GLU B 346 -119.74 80.02 -32.75
N GLU B 347 -120.16 79.82 -31.50
CA GLU B 347 -120.08 80.88 -30.49
C GLU B 347 -118.73 80.79 -29.78
N LYS B 348 -117.67 81.04 -30.55
CA LYS B 348 -116.32 81.12 -30.02
C LYS B 348 -116.17 82.51 -29.38
N VAL B 349 -116.41 82.58 -28.07
CA VAL B 349 -116.55 83.87 -27.38
C VAL B 349 -115.17 84.34 -26.93
N SER B 350 -114.93 85.64 -27.08
CA SER B 350 -113.68 86.22 -26.63
C SER B 350 -113.75 86.62 -25.16
N HIS B 351 -112.64 86.43 -24.45
CA HIS B 351 -112.53 86.80 -23.05
C HIS B 351 -111.30 87.68 -22.88
N GLN B 352 -111.22 88.37 -21.75
CA GLN B 352 -110.11 89.26 -21.49
C GLN B 352 -109.25 88.72 -20.35
N ALA B 353 -108.11 89.35 -20.11
CA ALA B 353 -107.08 88.73 -19.30
C ALA B 353 -107.43 88.65 -17.82
N GLY B 354 -108.65 88.96 -17.44
CA GLY B 354 -108.99 88.78 -16.04
C GLY B 354 -110.37 88.24 -15.82
N ASP B 355 -111.03 87.77 -16.89
CA ASP B 355 -112.43 87.43 -16.80
C ASP B 355 -112.69 86.18 -15.98
N HIS B 356 -113.94 86.03 -15.60
CA HIS B 356 -114.51 84.79 -15.11
C HIS B 356 -115.70 84.44 -15.97
N TRP B 357 -116.03 83.16 -16.02
CA TRP B 357 -117.28 82.73 -16.65
C TRP B 357 -117.52 81.28 -16.27
N LEU B 358 -118.78 80.91 -16.18
CA LEU B 358 -119.20 79.57 -15.81
C LEU B 358 -119.45 78.75 -17.05
N ILE B 359 -118.96 77.51 -17.05
CA ILE B 359 -119.27 76.57 -18.11
C ILE B 359 -120.13 75.48 -17.48
N ARG B 360 -121.27 75.18 -18.11
CA ARG B 360 -122.19 74.20 -17.58
C ARG B 360 -122.60 73.25 -18.69
N GLY B 361 -123.07 72.08 -18.28
CA GLY B 361 -123.85 71.24 -19.14
C GLY B 361 -123.31 69.84 -19.14
N PRO B 362 -123.97 68.96 -19.84
CA PRO B 362 -123.36 67.65 -20.11
C PRO B 362 -122.32 67.78 -21.20
N LEU B 363 -121.04 67.73 -20.83
CA LEU B 363 -119.99 67.87 -21.84
C LEU B 363 -118.66 67.43 -21.25
N GLU B 364 -117.63 67.48 -22.08
CA GLU B 364 -116.28 67.09 -21.71
C GLU B 364 -115.31 68.23 -22.01
N TYR B 365 -114.57 68.65 -20.98
CA TYR B 365 -113.74 69.84 -21.07
C TYR B 365 -112.30 69.49 -20.73
N VAL B 366 -111.36 70.02 -21.52
CA VAL B 366 -109.95 70.06 -21.16
C VAL B 366 -109.57 71.53 -21.02
N PRO B 367 -108.86 71.91 -19.97
CA PRO B 367 -108.45 73.31 -19.84
C PRO B 367 -107.51 73.72 -20.95
N SER B 368 -107.69 74.94 -21.43
CA SER B 368 -106.73 75.51 -22.36
C SER B 368 -105.43 75.79 -21.63
N ALA B 369 -104.44 76.27 -22.38
CA ALA B 369 -103.16 76.61 -21.77
C ALA B 369 -103.22 77.97 -21.08
N LYS B 370 -104.20 78.78 -21.46
CA LYS B 370 -104.38 80.09 -20.89
C LYS B 370 -105.72 80.25 -20.17
N VAL B 371 -106.21 79.19 -19.54
CA VAL B 371 -107.44 79.19 -18.77
C VAL B 371 -107.16 78.47 -17.46
N GLU B 372 -107.74 78.96 -16.38
CA GLU B 372 -107.62 78.36 -15.07
C GLU B 372 -108.98 77.90 -14.57
N VAL B 373 -109.07 76.68 -14.08
CA VAL B 373 -110.24 76.21 -13.36
C VAL B 373 -110.09 76.71 -11.92
N VAL B 374 -111.10 77.42 -11.42
CA VAL B 374 -110.99 77.93 -10.06
C VAL B 374 -111.97 77.23 -9.14
N GLU B 375 -112.98 76.57 -9.68
CA GLU B 375 -114.03 76.04 -8.82
C GLU B 375 -114.90 75.08 -9.60
N GLU B 376 -115.56 74.19 -8.87
CA GLU B 376 -116.62 73.33 -9.38
C GLU B 376 -117.92 73.73 -8.68
N ARG B 377 -119.02 73.78 -9.42
CA ARG B 377 -120.31 74.13 -8.85
C ARG B 377 -121.36 73.06 -9.11
N GLN B 378 -122.34 72.98 -8.23
CA GLN B 378 -123.51 72.13 -8.40
C GLN B 378 -124.75 72.98 -8.42
N ALA B 379 -125.66 72.69 -9.34
CA ALA B 379 -127.00 73.24 -9.25
C ALA B 379 -127.60 72.90 -7.89
N ILE B 380 -128.34 73.85 -7.32
CA ILE B 380 -128.96 73.67 -6.02
C ILE B 380 -130.42 73.31 -6.25
N PRO B 381 -130.87 72.14 -5.79
CA PRO B 381 -132.26 71.73 -6.06
C PRO B 381 -133.23 72.50 -5.18
N LEU B 382 -134.30 72.98 -5.79
CA LEU B 382 -135.30 73.80 -5.12
C LEU B 382 -136.69 73.41 -5.61
N ASP B 383 -137.58 73.12 -4.66
CA ASP B 383 -138.96 72.87 -4.99
C ASP B 383 -139.71 74.19 -5.17
N GLU B 384 -140.81 74.14 -5.89
CA GLU B 384 -141.71 75.28 -5.95
C GLU B 384 -142.03 75.78 -4.55
N ASN B 385 -142.03 77.09 -4.37
CA ASN B 385 -142.18 77.70 -3.04
C ASN B 385 -141.04 77.30 -2.12
N GLU B 386 -139.82 77.51 -2.59
CA GLU B 386 -138.61 77.29 -1.80
C GLU B 386 -137.51 78.05 -2.52
N GLY B 387 -136.50 78.49 -1.79
CA GLY B 387 -135.54 79.35 -2.44
C GLY B 387 -134.30 79.65 -1.62
N ILE B 388 -133.47 80.52 -2.18
CA ILE B 388 -132.26 81.01 -1.56
C ILE B 388 -132.03 82.45 -1.99
N TYR B 389 -131.27 83.18 -1.17
CA TYR B 389 -130.95 84.57 -1.45
C TYR B 389 -129.57 84.63 -2.10
N VAL B 390 -129.48 85.21 -3.29
CA VAL B 390 -128.21 85.31 -4.01
C VAL B 390 -127.82 86.77 -4.08
N GLN B 391 -126.52 87.04 -4.01
CA GLN B 391 -125.99 88.37 -4.22
C GLN B 391 -125.20 88.44 -5.51
N ASP B 392 -125.44 89.47 -6.30
CA ASP B 392 -124.64 89.75 -7.48
C ASP B 392 -123.50 90.68 -7.08
N VAL B 393 -122.33 90.12 -6.78
CA VAL B 393 -121.25 90.93 -6.21
C VAL B 393 -120.74 91.95 -7.22
N LYS B 394 -121.02 91.74 -8.50
CA LYS B 394 -120.64 92.74 -9.48
C LYS B 394 -121.45 94.02 -9.34
N THR B 395 -122.77 93.88 -9.20
CA THR B 395 -123.62 95.04 -9.11
C THR B 395 -124.05 95.34 -7.68
N GLY B 396 -123.81 94.42 -6.75
CA GLY B 396 -124.13 94.59 -5.35
C GLY B 396 -125.45 94.00 -4.90
N LYS B 397 -126.44 93.91 -5.79
CA LYS B 397 -127.81 93.59 -5.40
C LYS B 397 -127.94 92.24 -4.73
N VAL B 398 -128.98 92.07 -3.92
CA VAL B 398 -129.38 90.75 -3.44
C VAL B 398 -130.82 90.54 -3.87
N ARG B 399 -131.19 89.30 -4.11
CA ARG B 399 -132.54 88.97 -4.52
C ARG B 399 -132.86 87.59 -4.00
N ALA B 400 -134.14 87.30 -3.88
CA ALA B 400 -134.63 85.96 -3.59
C ALA B 400 -134.94 85.27 -4.91
N VAL B 401 -134.45 84.04 -5.06
CA VAL B 401 -134.72 83.22 -6.23
C VAL B 401 -135.44 81.96 -5.77
N ILE B 402 -136.64 81.76 -6.30
CA ILE B 402 -137.64 80.88 -5.72
C ILE B 402 -138.12 79.91 -6.81
N GLY B 403 -138.10 78.61 -6.51
CA GLY B 403 -139.00 77.75 -7.26
C GLY B 403 -138.45 76.58 -8.04
N SER B 404 -137.27 76.70 -8.62
CA SER B 404 -136.71 75.65 -9.45
C SER B 404 -135.27 75.39 -9.07
N THR B 405 -134.74 74.28 -9.55
CA THR B 405 -133.34 73.97 -9.31
C THR B 405 -132.46 75.01 -9.99
N TYR B 406 -131.44 75.49 -9.28
CA TYR B 406 -130.72 76.69 -9.69
C TYR B 406 -129.23 76.56 -9.43
N MET B 407 -128.45 76.94 -10.44
CA MET B 407 -127.00 77.00 -10.33
C MET B 407 -126.56 78.46 -10.35
N LEU B 408 -125.94 78.90 -9.27
CA LEU B 408 -125.41 80.26 -9.19
C LEU B 408 -124.54 80.54 -10.40
N THR B 409 -124.93 81.51 -11.20
CA THR B 409 -124.09 81.89 -12.32
C THR B 409 -122.82 82.56 -11.79
N GLN B 410 -121.99 83.03 -12.72
CA GLN B 410 -120.75 83.70 -12.35
C GLN B 410 -121.02 85.01 -11.61
N ASP B 411 -120.09 85.35 -10.74
CA ASP B 411 -120.17 86.57 -9.90
C ASP B 411 -121.46 86.69 -9.08
N GLU B 412 -121.90 85.56 -8.54
CA GLU B 412 -123.06 85.46 -7.67
C GLU B 412 -122.66 84.61 -6.48
N VAL B 413 -123.12 84.99 -5.29
CA VAL B 413 -122.80 84.25 -4.08
C VAL B 413 -124.03 84.13 -3.19
N LEU B 414 -124.06 83.12 -2.34
CA LEU B 414 -125.15 82.93 -1.41
C LEU B 414 -125.08 84.04 -0.38
N TRP B 415 -126.24 84.59 -0.03
CA TRP B 415 -126.31 85.68 0.93
C TRP B 415 -127.06 85.28 2.18
N GLU B 416 -126.45 85.48 3.33
CA GLU B 416 -127.09 85.16 4.60
C GLU B 416 -128.04 86.26 5.05
N LYS B 417 -129.24 85.89 5.48
CA LYS B 417 -130.23 86.86 5.94
C LYS B 417 -130.41 86.75 7.43
N GLU B 418 -130.06 87.81 8.15
CA GLU B 418 -130.18 87.83 9.60
C GLU B 418 -131.59 88.14 10.07
N LEU B 419 -131.92 87.67 11.28
CA LEU B 419 -133.23 87.89 11.86
C LEU B 419 -133.07 88.58 13.21
N PRO B 420 -133.99 89.50 13.53
CA PRO B 420 -133.95 90.21 14.81
C PRO B 420 -134.08 89.26 15.99
N PRO B 421 -133.40 89.56 17.10
CA PRO B 421 -133.38 88.75 18.32
C PRO B 421 -134.75 88.19 18.74
N GLY B 422 -134.84 86.87 18.80
CA GLY B 422 -136.04 86.16 19.20
C GLY B 422 -137.01 85.80 18.09
N VAL B 423 -136.78 86.31 16.89
CA VAL B 423 -137.63 85.99 15.76
C VAL B 423 -137.55 84.52 15.37
N GLU B 424 -136.35 83.96 15.46
CA GLU B 424 -136.12 82.56 15.09
C GLU B 424 -136.94 81.59 15.92
N GLU B 425 -137.06 81.85 17.22
CA GLU B 425 -137.83 80.96 18.08
C GLU B 425 -139.29 80.94 17.64
N LEU B 426 -139.82 82.11 17.32
CA LEU B 426 -141.22 82.19 16.88
C LEU B 426 -141.42 81.42 15.59
N LEU B 427 -140.47 81.54 14.67
CA LEU B 427 -140.56 80.85 13.39
C LEU B 427 -140.53 79.34 13.49
N ASN B 428 -139.65 78.81 14.33
CA ASN B 428 -139.54 77.35 14.47
C ASN B 428 -139.96 76.74 15.80
N LYS B 429 -139.44 77.26 16.90
CA LYS B 429 -139.80 76.71 18.20
C LYS B 429 -141.29 76.89 18.46
N GLY B 430 -141.80 78.07 18.13
CA GLY B 430 -143.20 78.36 18.34
C GLY B 430 -144.08 77.86 17.22
N GLN B 431 -143.80 78.31 15.99
CA GLN B 431 -144.56 77.95 14.79
C GLN B 431 -146.05 78.25 14.88
N ASP B 432 -146.91 77.24 14.79
CA ASP B 432 -148.34 77.52 14.88
C ASP B 432 -148.79 77.85 16.30
N PRO B 433 -149.50 78.96 16.43
CA PRO B 433 -150.03 79.37 17.73
C PRO B 433 -151.43 78.80 17.90
N LEU B 434 -152.08 78.53 16.78
CA LEU B 434 -153.43 77.98 16.74
C LEU B 434 -153.54 76.55 17.30
N ALA B 435 -152.58 75.70 16.94
CA ALA B 435 -152.54 74.28 17.34
C ALA B 435 -152.38 74.01 18.82
N ASP B 436 -151.59 74.84 19.48
CA ASP B 436 -151.38 74.70 20.91
C ASP B 436 -151.26 76.06 21.61
N ARG B 437 -151.90 76.25 22.76
CA ARG B 437 -151.73 77.51 23.46
C ARG B 437 -151.48 77.35 24.96
N GLY B 438 -150.31 76.83 25.28
CA GLY B 438 -149.92 76.61 26.66
C GLY B 438 -148.50 77.07 26.94
N LEU B 449 -133.23 73.27 17.12
CA LEU B 449 -132.31 72.20 17.50
C LEU B 449 -131.03 72.27 16.70
N ALA B 450 -131.17 72.45 15.39
CA ALA B 450 -130.03 72.54 14.48
C ALA B 450 -129.98 73.94 13.90
N PRO B 451 -128.78 74.54 13.83
CA PRO B 451 -128.64 75.88 13.27
C PRO B 451 -129.21 75.93 11.86
N ARG B 452 -130.15 76.84 11.63
CA ARG B 452 -130.77 76.97 10.32
C ARG B 452 -129.78 77.54 9.33
N ASN B 453 -129.95 77.18 8.06
CA ASN B 453 -129.11 77.70 7.02
C ASN B 453 -129.63 79.12 6.82
N LYS B 454 -128.75 80.10 6.86
CA LYS B 454 -129.18 81.49 6.73
C LYS B 454 -129.38 81.94 5.31
N THR B 455 -128.82 81.20 4.37
CA THR B 455 -128.96 81.55 2.96
C THR B 455 -130.28 81.04 2.40
N ARG B 456 -131.14 80.47 3.23
CA ARG B 456 -132.41 79.97 2.77
C ARG B 456 -133.51 80.99 2.98
N VAL B 457 -134.30 81.22 1.93
CA VAL B 457 -135.45 82.10 2.00
C VAL B 457 -136.34 81.73 3.18
N VAL B 458 -136.68 82.71 3.99
CA VAL B 458 -137.37 82.47 5.26
C VAL B 458 -138.87 82.47 5.02
N SER B 459 -139.52 81.36 5.36
CA SER B 459 -140.95 81.20 5.17
C SER B 459 -141.63 80.94 6.50
N TYR B 460 -142.94 81.11 6.51
CA TYR B 460 -143.78 80.88 7.68
C TYR B 460 -145.15 80.45 7.22
N ARG B 461 -145.65 79.36 7.76
CA ARG B 461 -147.02 78.92 7.53
C ARG B 461 -147.92 79.67 8.50
N VAL B 462 -148.84 80.45 7.97
CA VAL B 462 -149.78 81.23 8.77
C VAL B 462 -150.96 80.32 9.10
N PRO B 463 -151.34 80.18 10.36
CA PRO B 463 -152.42 79.25 10.71
C PRO B 463 -153.78 79.79 10.29
N HIS B 464 -154.74 78.86 10.23
CA HIS B 464 -156.13 79.23 9.95
C HIS B 464 -156.61 80.28 10.94
N ASN B 465 -157.43 81.21 10.46
CA ASN B 465 -158.06 82.24 11.28
C ASN B 465 -157.01 83.10 11.98
N ALA B 466 -156.05 83.57 11.18
CA ALA B 466 -154.98 84.39 11.74
C ALA B 466 -154.45 85.29 10.64
N ALA B 467 -153.46 86.12 10.99
CA ALA B 467 -152.84 87.02 10.04
C ALA B 467 -151.49 87.49 10.58
N VAL B 468 -150.57 87.75 9.66
CA VAL B 468 -149.26 88.27 9.96
C VAL B 468 -149.13 89.61 9.27
N GLN B 469 -148.17 90.41 9.73
CA GLN B 469 -147.87 91.68 9.09
C GLN B 469 -146.41 91.69 8.74
N VAL B 470 -146.09 92.06 7.51
CA VAL B 470 -144.73 92.02 7.00
C VAL B 470 -144.48 93.28 6.21
N TYR B 471 -143.37 93.94 6.49
CA TYR B 471 -143.01 95.18 5.81
C TYR B 471 -141.70 94.99 5.04
N ASP B 472 -141.63 95.60 3.87
CA ASP B 472 -140.49 95.48 2.97
C ASP B 472 -139.71 96.80 3.04
N TYR B 473 -138.59 96.79 3.75
CA TYR B 473 -137.87 98.02 4.02
C TYR B 473 -137.07 98.49 2.81
N ARG B 474 -136.97 97.66 1.78
CA ARG B 474 -136.24 98.05 0.57
C ARG B 474 -137.19 98.68 -0.43
N GLU B 475 -138.24 97.93 -0.80
CA GLU B 475 -139.23 98.39 -1.74
C GLU B 475 -140.28 99.27 -1.08
N LYS B 476 -140.18 99.50 0.22
CA LYS B 476 -141.04 100.42 0.95
C LYS B 476 -142.50 100.10 0.71
N ARG B 477 -142.91 98.90 1.10
CA ARG B 477 -144.20 98.37 0.72
C ARG B 477 -144.71 97.43 1.81
N ALA B 478 -145.97 97.57 2.16
CA ALA B 478 -146.55 96.84 3.27
C ALA B 478 -147.56 95.82 2.76
N ARG B 479 -147.74 94.75 3.52
CA ARG B 479 -148.75 93.76 3.22
C ARG B 479 -149.13 93.04 4.50
N VAL B 480 -150.38 92.59 4.54
CA VAL B 480 -150.90 91.71 5.57
C VAL B 480 -151.51 90.50 4.89
N VAL B 481 -151.09 89.32 5.31
CA VAL B 481 -151.56 88.06 4.73
C VAL B 481 -152.53 87.44 5.72
N PHE B 482 -153.58 86.83 5.20
CA PHE B 482 -154.59 86.18 6.02
C PHE B 482 -154.54 84.67 5.84
N GLY B 483 -154.75 83.98 6.95
CA GLY B 483 -155.32 82.66 6.91
C GLY B 483 -154.32 81.55 6.86
N PRO B 484 -154.62 80.51 6.11
CA PRO B 484 -153.80 79.29 6.16
C PRO B 484 -152.60 79.29 5.24
N GLU B 485 -152.17 80.43 4.73
CA GLU B 485 -151.13 80.44 3.70
C GLU B 485 -149.72 80.39 4.27
N LEU B 486 -148.77 80.21 3.35
CA LEU B 486 -147.34 80.31 3.61
C LEU B 486 -146.86 81.69 3.21
N VAL B 487 -146.06 82.33 4.06
CA VAL B 487 -145.52 83.66 3.79
C VAL B 487 -144.00 83.58 3.78
N SER B 488 -143.38 84.16 2.76
CA SER B 488 -141.94 84.12 2.58
C SER B 488 -141.37 85.52 2.65
N LEU B 489 -140.41 85.73 3.54
CA LEU B 489 -139.74 87.01 3.63
C LEU B 489 -138.85 87.23 2.42
N GLY B 490 -138.86 88.45 1.91
CA GLY B 490 -137.93 88.86 0.89
C GLY B 490 -136.57 89.14 1.49
N PRO B 491 -135.66 89.67 0.68
CA PRO B 491 -134.33 89.99 1.19
C PRO B 491 -134.33 90.91 2.40
N GLU B 492 -135.17 91.94 2.38
CA GLU B 492 -135.20 92.91 3.46
C GLU B 492 -136.55 93.01 4.16
N GLU B 493 -137.48 92.10 3.90
CA GLU B 493 -138.75 92.11 4.59
C GLU B 493 -138.62 91.58 6.01
N GLN B 494 -139.58 91.94 6.86
CA GLN B 494 -139.53 91.63 8.28
C GLN B 494 -140.93 91.28 8.75
N PHE B 495 -141.02 90.57 9.87
CA PHE B 495 -142.29 90.32 10.52
C PHE B 495 -142.52 91.30 11.64
N THR B 496 -143.79 91.57 11.92
CA THR B 496 -144.15 92.23 13.17
C THR B 496 -144.25 91.18 14.26
N VAL B 497 -143.71 91.50 15.42
CA VAL B 497 -143.83 90.63 16.59
C VAL B 497 -144.80 91.27 17.55
N LEU B 498 -145.82 90.51 17.94
CA LEU B 498 -146.85 90.97 18.86
C LEU B 498 -146.53 90.47 20.25
N SER B 499 -146.39 91.38 21.20
CA SER B 499 -146.19 91.03 22.60
C SER B 499 -147.52 91.17 23.31
N LEU B 500 -147.96 90.11 23.97
CA LEU B 500 -149.34 90.00 24.41
C LEU B 500 -149.40 89.65 25.89
N SER B 501 -150.55 89.90 26.49
CA SER B 501 -150.74 89.59 27.90
C SER B 501 -151.20 88.16 28.09
N ALA B 502 -150.68 87.52 29.12
CA ALA B 502 -151.05 86.16 29.45
C ALA B 502 -150.90 85.94 30.96
N GLY B 503 -151.46 84.85 31.43
CA GLY B 503 -151.44 84.54 32.84
C GLY B 503 -152.84 84.51 33.43
N ARG B 504 -152.97 84.01 34.66
CA ARG B 504 -154.29 83.97 35.30
C ARG B 504 -154.73 85.40 35.54
N PRO B 505 -154.03 86.09 36.44
CA PRO B 505 -154.28 87.52 36.63
C PRO B 505 -153.36 88.14 35.58
N LYS B 506 -153.87 88.29 34.36
CA LYS B 506 -153.13 88.81 33.22
C LYS B 506 -152.04 89.85 33.42
N ARG B 507 -150.82 89.49 33.02
CA ARG B 507 -149.67 90.35 33.07
C ARG B 507 -149.24 90.69 31.66
N PRO B 508 -148.84 91.93 31.40
CA PRO B 508 -148.37 92.27 30.06
C PRO B 508 -147.02 91.65 29.78
N HIS B 509 -146.77 91.43 28.48
CA HIS B 509 -145.48 90.95 28.00
C HIS B 509 -145.17 89.55 28.54
N ALA B 510 -146.11 88.63 28.35
CA ALA B 510 -145.93 87.25 28.75
C ALA B 510 -146.01 86.28 27.59
N ARG B 511 -146.44 86.73 26.43
CA ARG B 511 -146.54 85.88 25.26
C ARG B 511 -146.05 86.70 24.08
N ARG B 512 -145.46 86.05 23.09
CA ARG B 512 -144.97 86.71 21.88
C ARG B 512 -145.37 85.89 20.67
N ALA B 513 -145.76 86.58 19.61
CA ALA B 513 -146.30 85.91 18.44
C ALA B 513 -145.92 86.68 17.19
N LEU B 514 -146.09 86.03 16.06
CA LEU B 514 -145.94 86.67 14.76
C LEU B 514 -147.26 86.80 14.04
N CYS B 515 -148.18 85.88 14.29
CA CYS B 515 -149.51 85.91 13.72
C CYS B 515 -150.48 86.43 14.75
N LEU B 516 -151.46 87.19 14.27
CA LEU B 516 -152.57 87.64 15.07
C LEU B 516 -153.70 86.66 14.90
N LEU B 517 -154.06 85.98 15.99
CA LEU B 517 -155.23 85.11 15.97
C LEU B 517 -156.46 86.00 15.88
N LEU B 518 -157.04 86.04 14.68
CA LEU B 518 -158.25 86.83 14.46
C LEU B 518 -159.47 86.15 15.05
N GLY B 519 -159.47 84.82 15.07
CA GLY B 519 -160.68 84.07 15.10
C GLY B 519 -161.35 84.02 16.44
N PRO B 520 -162.61 83.60 16.46
CA PRO B 520 -163.38 83.57 17.70
C PRO B 520 -162.76 82.68 18.76
N ASP B 521 -162.28 83.29 19.85
CA ASP B 521 -161.83 82.52 20.98
C ASP B 521 -162.36 83.20 22.22
N PHE B 522 -161.91 82.74 23.38
CA PHE B 522 -162.16 83.45 24.61
C PHE B 522 -160.86 83.57 25.38
N PHE B 523 -160.78 84.60 26.23
CA PHE B 523 -159.77 84.66 27.26
C PHE B 523 -160.43 84.97 28.59
N THR B 524 -159.74 84.62 29.66
CA THR B 524 -160.32 84.52 30.98
C THR B 524 -159.48 85.35 31.94
N ASP B 525 -160.15 86.10 32.82
CA ASP B 525 -159.46 86.98 33.74
C ASP B 525 -160.04 86.85 35.14
N VAL B 526 -159.20 87.11 36.13
CA VAL B 526 -159.59 87.14 37.54
C VAL B 526 -159.56 88.58 38.02
N ILE B 527 -160.72 89.10 38.44
CA ILE B 527 -160.85 90.48 38.86
C ILE B 527 -160.99 90.51 40.37
N THR B 528 -160.83 91.69 40.95
CA THR B 528 -161.23 91.96 42.32
C THR B 528 -162.09 93.22 42.34
N ILE B 529 -163.34 93.08 42.75
CA ILE B 529 -164.33 94.15 42.79
C ILE B 529 -164.63 94.44 44.25
N GLU B 530 -165.48 95.43 44.48
CA GLU B 530 -165.94 95.74 45.83
C GLU B 530 -167.28 96.44 45.76
N THR B 531 -168.13 96.17 46.74
CA THR B 531 -169.52 96.57 46.75
C THR B 531 -169.72 97.84 47.55
N ALA B 532 -170.92 98.42 47.40
CA ALA B 532 -171.26 99.61 48.18
C ALA B 532 -171.19 99.32 49.68
N ASP B 533 -171.08 98.05 50.05
CA ASP B 533 -171.01 97.61 51.43
C ASP B 533 -169.58 97.30 51.86
N HIS B 534 -168.62 97.37 50.94
CA HIS B 534 -167.21 97.10 51.21
C HIS B 534 -166.97 95.60 51.41
N ALA B 535 -167.78 94.80 50.73
CA ALA B 535 -167.55 93.36 50.63
C ALA B 535 -166.63 93.09 49.45
N ARG B 536 -165.43 92.60 49.72
CA ARG B 536 -164.39 92.44 48.72
C ARG B 536 -164.57 91.10 48.00
N LEU B 537 -164.83 91.16 46.71
CA LEU B 537 -165.19 89.98 45.93
C LEU B 537 -164.13 89.69 44.88
N GLN B 538 -163.97 88.41 44.56
CA GLN B 538 -163.01 87.95 43.56
C GLN B 538 -163.72 87.16 42.48
N LEU B 539 -163.60 87.61 41.24
CA LEU B 539 -164.42 87.10 40.14
C LEU B 539 -163.59 86.37 39.08
N GLN B 540 -164.19 85.34 38.49
CA GLN B 540 -163.63 84.57 37.38
C GLN B 540 -164.48 84.88 36.15
N LEU B 541 -163.92 85.60 35.17
CA LEU B 541 -164.68 86.02 34.01
C LEU B 541 -164.03 85.52 32.73
N ALA B 542 -164.81 85.47 31.66
CA ALA B 542 -164.36 84.98 30.37
C ALA B 542 -164.97 85.83 29.27
N TYR B 543 -164.19 86.15 28.25
CA TYR B 543 -164.57 87.13 27.25
C TYR B 543 -164.51 86.50 25.86
N ASN B 544 -165.67 86.36 25.23
CA ASN B 544 -165.75 85.84 23.87
C ASN B 544 -165.57 86.98 22.89
N TRP B 545 -164.57 86.88 22.03
CA TRP B 545 -164.12 87.98 21.17
C TRP B 545 -163.83 87.49 19.76
N HIS B 546 -163.78 88.44 18.83
CA HIS B 546 -163.31 88.18 17.48
C HIS B 546 -163.13 89.51 16.77
N PHE B 547 -162.47 89.47 15.62
CA PHE B 547 -162.22 90.65 14.80
C PHE B 547 -163.13 90.66 13.59
N GLU B 548 -164.01 91.64 13.53
CA GLU B 548 -164.72 91.93 12.30
C GLU B 548 -163.71 92.50 11.33
N VAL B 549 -163.57 91.87 10.17
CA VAL B 549 -162.69 92.34 9.12
C VAL B 549 -163.56 92.58 7.91
N ASN B 550 -163.99 93.83 7.72
CA ASN B 550 -164.93 94.15 6.67
C ASN B 550 -164.39 93.76 5.29
N ASP B 551 -163.27 94.34 4.90
CA ASP B 551 -162.66 94.06 3.61
C ASP B 551 -161.22 93.62 3.84
N ARG B 552 -160.89 92.41 3.42
CA ARG B 552 -159.55 91.90 3.65
C ARG B 552 -158.55 92.47 2.65
N LYS B 553 -159.04 93.03 1.54
CA LYS B 553 -158.14 93.59 0.55
C LYS B 553 -157.84 95.06 0.85
N ASP B 554 -158.60 95.67 1.75
CA ASP B 554 -158.48 97.07 2.13
C ASP B 554 -157.22 97.30 2.96
N PRO B 555 -156.22 97.99 2.43
CA PRO B 555 -154.96 98.14 3.17
C PRO B 555 -155.04 99.11 4.33
N GLN B 556 -156.04 99.99 4.34
CA GLN B 556 -156.15 100.94 5.42
C GLN B 556 -156.81 100.28 6.64
N GLU B 557 -157.89 99.54 6.40
CA GLU B 557 -158.51 98.79 7.49
C GLU B 557 -157.59 97.72 8.04
N THR B 558 -156.96 96.97 7.14
CA THR B 558 -156.24 95.75 7.55
C THR B 558 -155.04 96.09 8.42
N ALA B 559 -154.49 97.29 8.30
CA ALA B 559 -153.38 97.66 9.15
C ALA B 559 -153.84 97.95 10.57
N LYS B 560 -155.10 98.37 10.74
CA LYS B 560 -155.60 98.68 12.07
C LYS B 560 -155.69 97.45 12.96
N LEU B 561 -155.71 96.25 12.37
CA LEU B 561 -155.67 95.04 13.17
C LEU B 561 -154.43 95.01 14.06
N PHE B 562 -153.40 95.76 13.68
CA PHE B 562 -152.13 95.76 14.37
C PHE B 562 -151.86 97.07 15.09
N SER B 563 -152.85 97.97 15.12
CA SER B 563 -152.71 99.25 15.80
C SER B 563 -152.45 99.06 17.29
N VAL B 564 -153.43 98.51 18.00
CA VAL B 564 -153.35 98.32 19.43
C VAL B 564 -152.26 97.27 19.70
N PRO B 565 -151.20 97.62 20.40
CA PRO B 565 -150.10 96.68 20.61
C PRO B 565 -150.52 95.39 21.32
N ASP B 566 -151.22 95.53 22.44
CA ASP B 566 -151.60 94.38 23.27
C ASP B 566 -153.13 94.35 23.38
N PHE B 567 -153.78 93.72 22.42
CA PHE B 567 -155.23 93.81 22.35
C PHE B 567 -155.89 92.97 23.42
N VAL B 568 -155.14 92.06 24.05
CA VAL B 568 -155.70 91.24 25.11
C VAL B 568 -155.81 92.04 26.39
N GLY B 569 -154.68 92.54 26.88
CA GLY B 569 -154.70 93.30 28.13
C GLY B 569 -155.48 94.59 28.00
N ASP B 570 -155.60 95.11 26.78
CA ASP B 570 -156.41 96.29 26.55
C ASP B 570 -157.87 96.03 26.89
N ALA B 571 -158.42 94.94 26.37
CA ALA B 571 -159.82 94.64 26.62
C ALA B 571 -160.04 94.12 28.03
N CYS B 572 -159.02 93.53 28.64
CA CYS B 572 -159.16 93.08 30.01
C CYS B 572 -159.35 94.26 30.96
N LYS B 573 -158.34 95.14 31.01
CA LYS B 573 -158.40 96.30 31.88
C LYS B 573 -159.54 97.26 31.55
N ALA B 574 -159.90 97.37 30.27
CA ALA B 574 -160.97 98.27 29.88
C ALA B 574 -162.32 97.71 30.28
N ILE B 575 -162.43 96.39 30.41
CA ILE B 575 -163.65 95.80 30.92
C ILE B 575 -163.60 95.67 32.44
N ALA B 576 -162.42 95.32 32.98
CA ALA B 576 -162.31 95.19 34.43
C ALA B 576 -162.63 96.50 35.15
N SER B 577 -162.53 97.62 34.44
CA SER B 577 -162.88 98.91 35.04
C SER B 577 -164.37 99.15 34.94
N ARG B 578 -164.98 98.76 33.84
CA ARG B 578 -166.43 98.90 33.68
C ARG B 578 -167.18 98.08 34.72
N VAL B 579 -166.54 97.04 35.23
CA VAL B 579 -167.19 96.16 36.20
C VAL B 579 -166.99 96.68 37.62
N ARG B 580 -165.81 97.22 37.90
CA ARG B 580 -165.53 97.73 39.24
C ARG B 580 -166.35 98.98 39.51
N GLY B 581 -166.77 99.67 38.45
CA GLY B 581 -167.51 100.91 38.65
C GLY B 581 -168.96 100.66 39.01
N ALA B 582 -169.65 99.81 38.25
CA ALA B 582 -171.06 99.58 38.51
C ALA B 582 -171.30 98.91 39.86
N VAL B 583 -170.32 98.16 40.36
CA VAL B 583 -170.58 97.28 41.49
C VAL B 583 -170.30 97.97 42.81
N ALA B 584 -169.55 99.08 42.81
CA ALA B 584 -169.42 99.86 44.03
C ALA B 584 -170.68 100.65 44.31
N SER B 585 -171.54 100.81 43.31
CA SER B 585 -172.82 101.46 43.48
C SER B 585 -173.94 100.46 43.74
N VAL B 586 -173.61 99.19 43.91
CA VAL B 586 -174.58 98.12 44.14
C VAL B 586 -174.19 97.42 45.44
N THR B 587 -175.20 96.94 46.17
CA THR B 587 -174.95 96.30 47.45
C THR B 587 -174.72 94.79 47.27
N PHE B 588 -174.26 94.17 48.35
CA PHE B 588 -173.79 92.79 48.26
C PHE B 588 -174.91 91.83 47.90
N ASP B 589 -175.95 91.84 48.73
CA ASP B 589 -177.11 90.98 48.54
C ASP B 589 -177.66 91.10 47.13
N ASP B 590 -177.80 92.34 46.67
CA ASP B 590 -178.29 92.60 45.33
C ASP B 590 -177.36 92.00 44.29
N PHE B 591 -176.06 91.97 44.60
CA PHE B 591 -175.10 91.49 43.62
C PHE B 591 -174.96 89.98 43.68
N HIS B 592 -174.83 89.41 44.89
CA HIS B 592 -174.88 87.96 45.04
C HIS B 592 -176.08 87.36 44.33
N LYS B 593 -177.11 88.16 44.09
CA LYS B 593 -178.34 87.63 43.55
C LYS B 593 -178.48 87.90 42.07
N ASN B 594 -178.05 89.08 41.61
CA ASN B 594 -178.25 89.51 40.24
C ASN B 594 -176.94 89.69 39.49
N SER B 595 -175.86 89.11 40.02
CA SER B 595 -174.52 89.26 39.44
C SER B 595 -174.50 89.09 37.93
N ALA B 596 -175.41 88.28 37.39
CA ALA B 596 -175.34 88.00 35.96
C ALA B 596 -175.91 89.14 35.14
N ARG B 597 -177.03 89.73 35.57
CA ARG B 597 -177.58 90.87 34.86
C ARG B 597 -176.79 92.14 35.14
N ILE B 598 -176.29 92.28 36.36
CA ILE B 598 -175.45 93.43 36.69
C ILE B 598 -174.26 93.49 35.76
N ILE B 599 -173.44 92.45 35.76
CA ILE B 599 -172.19 92.43 34.99
C ILE B 599 -172.47 92.60 33.51
N ARG B 600 -173.55 92.00 33.02
CA ARG B 600 -173.81 92.08 31.58
C ARG B 600 -174.07 93.51 31.15
N THR B 601 -174.76 94.31 31.96
CA THR B 601 -175.06 95.68 31.56
C THR B 601 -173.87 96.60 31.79
N ALA B 602 -173.08 96.34 32.82
CA ALA B 602 -171.87 97.12 33.05
C ALA B 602 -170.90 97.00 31.88
N VAL B 603 -170.98 95.89 31.14
CA VAL B 603 -170.09 95.70 30.01
C VAL B 603 -170.74 96.20 28.73
N PHE B 604 -172.02 95.91 28.55
CA PHE B 604 -172.74 96.27 27.34
C PHE B 604 -173.69 97.41 27.67
N GLY B 605 -173.20 98.65 27.55
CA GLY B 605 -174.03 99.79 27.87
C GLY B 605 -175.04 100.08 26.78
N PHE B 606 -176.07 100.83 27.15
CA PHE B 606 -177.19 101.08 26.26
C PHE B 606 -176.82 102.00 25.10
N ARG B 623 -177.97 96.07 23.74
CA ARG B 623 -176.56 96.04 23.41
C ARG B 623 -175.98 94.64 23.63
N ASP B 624 -175.67 93.95 22.54
CA ASP B 624 -175.22 92.57 22.66
C ASP B 624 -173.71 92.45 22.50
N GLN B 625 -173.04 93.54 22.16
CA GLN B 625 -171.61 93.49 21.89
C GLN B 625 -170.92 94.80 22.23
N ALA B 626 -169.71 94.69 22.73
CA ALA B 626 -168.82 95.82 22.98
C ALA B 626 -167.80 95.88 21.85
N VAL B 627 -167.87 96.92 21.03
CA VAL B 627 -166.95 97.12 19.94
C VAL B 627 -165.81 97.99 20.42
N PHE B 628 -164.60 97.69 19.96
CA PHE B 628 -163.42 98.49 20.22
C PHE B 628 -162.90 99.01 18.89
N PRO B 629 -163.26 100.22 18.48
CA PRO B 629 -163.09 100.61 17.07
C PRO B 629 -161.67 100.87 16.64
N GLN B 630 -160.73 101.02 17.58
CA GLN B 630 -159.34 101.25 17.19
C GLN B 630 -158.83 100.14 16.29
N ASN B 631 -158.90 98.89 16.76
CA ASN B 631 -158.45 97.75 15.99
C ASN B 631 -159.58 96.93 15.40
N GLY B 632 -160.79 97.05 15.94
CA GLY B 632 -161.94 96.34 15.42
C GLY B 632 -162.37 95.13 16.21
N LEU B 633 -161.79 94.91 17.38
CA LEU B 633 -162.21 93.81 18.24
C LEU B 633 -163.67 93.97 18.64
N VAL B 634 -164.32 92.88 19.01
CA VAL B 634 -165.64 92.93 19.65
C VAL B 634 -165.64 91.91 20.77
N VAL B 635 -166.51 92.10 21.74
CA VAL B 635 -166.73 91.15 22.82
C VAL B 635 -168.21 90.83 22.80
N SER B 636 -168.55 89.58 22.46
CA SER B 636 -169.94 89.23 22.24
C SER B 636 -170.59 88.67 23.49
N SER B 637 -169.81 88.20 24.45
CA SER B 637 -170.41 87.68 25.66
C SER B 637 -169.38 87.69 26.77
N VAL B 638 -169.89 87.78 28.00
CA VAL B 638 -169.10 87.58 29.21
C VAL B 638 -169.74 86.46 30.01
N ASP B 639 -168.98 85.41 30.27
CA ASP B 639 -169.40 84.31 31.13
C ASP B 639 -168.77 84.55 32.50
N VAL B 640 -169.61 84.69 33.51
CA VAL B 640 -169.11 84.79 34.88
C VAL B 640 -169.10 83.40 35.49
N GLN B 641 -167.97 83.02 36.07
CA GLN B 641 -167.70 81.63 36.39
C GLN B 641 -167.55 81.35 37.87
N SER B 642 -167.29 82.37 38.67
CA SER B 642 -167.10 82.19 40.10
C SER B 642 -167.11 83.58 40.72
N VAL B 643 -167.76 83.69 41.87
CA VAL B 643 -167.81 84.91 42.64
C VAL B 643 -167.53 84.56 44.10
N GLU B 644 -166.42 85.07 44.63
CA GLU B 644 -166.02 84.66 45.95
C GLU B 644 -165.59 85.84 46.82
N PRO B 645 -166.04 85.89 48.07
CA PRO B 645 -165.44 86.82 49.03
C PRO B 645 -163.98 86.47 49.27
N VAL B 646 -163.12 87.49 49.23
CA VAL B 646 -161.69 87.26 49.47
C VAL B 646 -161.47 86.79 50.90
N ASP B 647 -162.07 87.48 51.87
CA ASP B 647 -161.79 87.18 53.28
C ASP B 647 -162.54 85.94 53.71
N GLN B 648 -161.92 85.17 54.61
CA GLN B 648 -162.53 83.94 55.08
C GLN B 648 -163.61 84.20 56.11
N ARG B 649 -163.41 85.20 56.97
CA ARG B 649 -164.38 85.49 58.02
C ARG B 649 -165.68 85.98 57.44
N THR B 650 -165.66 86.49 56.21
CA THR B 650 -166.91 86.78 55.52
C THR B 650 -167.59 85.50 55.07
N ARG B 651 -166.80 84.50 54.69
CA ARG B 651 -167.36 83.23 54.24
C ARG B 651 -167.92 82.44 55.40
N ASP B 652 -167.39 82.65 56.61
CA ASP B 652 -168.01 82.10 57.80
C ASP B 652 -169.35 82.75 58.07
N ALA B 653 -169.39 84.08 58.05
CA ALA B 653 -170.64 84.80 58.26
C ALA B 653 -171.70 84.38 57.25
N LEU B 654 -171.28 83.97 56.07
CA LEU B 654 -172.24 83.46 55.10
C LEU B 654 -172.57 81.99 55.36
N GLN B 655 -171.72 81.31 56.13
CA GLN B 655 -171.98 79.90 56.43
C GLN B 655 -173.09 79.74 57.46
N ARG B 656 -173.09 80.61 58.48
CA ARG B 656 -174.17 80.55 59.47
C ARG B 656 -175.49 80.99 58.84
N SER B 657 -175.43 81.68 57.72
CA SER B 657 -176.67 82.10 57.06
C SER B 657 -177.45 80.90 56.53
N VAL B 658 -176.76 79.83 56.16
CA VAL B 658 -177.46 78.70 55.55
C VAL B 658 -177.91 77.70 56.60
N GLN B 659 -177.15 77.60 57.70
CA GLN B 659 -177.58 76.74 58.81
C GLN B 659 -178.95 77.16 59.32
N LEU B 660 -179.21 78.47 59.35
CA LEU B 660 -180.54 78.95 59.66
C LEU B 660 -181.53 78.56 58.59
N ALA B 661 -181.18 78.76 57.32
CA ALA B 661 -182.14 78.49 56.25
C ALA B 661 -182.63 77.04 56.29
N ILE B 662 -181.78 76.13 56.75
CA ILE B 662 -182.20 74.74 56.87
C ILE B 662 -183.19 74.58 58.00
N GLU B 663 -182.88 75.12 59.18
CA GLU B 663 -183.76 74.97 60.34
C GLU B 663 -185.11 75.62 60.10
N ILE B 664 -185.20 76.50 59.10
CA ILE B 664 -186.47 77.16 58.82
C ILE B 664 -187.39 76.22 58.05
N THR B 665 -186.83 75.24 57.36
CA THR B 665 -187.66 74.29 56.63
C THR B 665 -187.97 73.06 57.48
N THR B 666 -187.09 72.72 58.43
CA THR B 666 -187.39 71.63 59.35
C THR B 666 -188.44 72.05 60.36
N ASN B 667 -188.47 73.33 60.71
CA ASN B 667 -189.50 73.81 61.63
C ASN B 667 -190.84 73.90 60.93
N SER B 668 -190.85 73.98 59.61
CA SER B 668 -192.10 74.20 58.89
C SER B 668 -192.82 72.88 58.63
N GLN B 669 -192.08 71.78 58.49
CA GLN B 669 -192.73 70.48 58.37
C GLN B 669 -193.20 69.99 59.73
N GLU B 670 -192.46 70.34 60.78
CA GLU B 670 -192.84 69.92 62.12
C GLU B 670 -194.05 70.71 62.61
N ALA B 671 -194.23 71.92 62.10
CA ALA B 671 -195.44 72.67 62.42
C ALA B 671 -196.58 72.29 61.48
N ALA B 672 -196.27 71.80 60.29
CA ALA B 672 -197.33 71.39 59.38
C ALA B 672 -197.81 69.99 59.69
N ALA B 673 -196.95 69.18 60.31
CA ALA B 673 -197.38 67.89 60.79
C ALA B 673 -198.28 68.04 62.01
N LYS B 674 -197.88 68.90 62.94
CA LYS B 674 -198.63 69.08 64.17
C LYS B 674 -200.04 69.59 63.88
N HIS B 675 -200.18 70.40 62.84
CA HIS B 675 -201.50 70.93 62.54
C HIS B 675 -202.40 69.86 61.93
N GLU B 676 -201.78 68.85 61.31
CA GLU B 676 -202.58 67.75 60.75
C GLU B 676 -202.88 66.71 61.82
N ALA B 677 -201.94 66.48 62.73
CA ALA B 677 -202.23 65.66 63.90
C ALA B 677 -203.41 66.22 64.67
N GLN B 678 -203.41 67.53 64.94
CA GLN B 678 -204.46 68.13 65.74
C GLN B 678 -205.79 68.15 65.00
N ARG B 679 -205.75 68.08 63.67
CA ARG B 679 -207.03 68.13 62.97
C ARG B 679 -207.72 66.78 63.01
N LEU B 680 -206.95 65.71 62.87
CA LEU B 680 -207.55 64.38 62.87
C LEU B 680 -207.98 63.98 64.27
N GLU B 681 -207.14 64.27 65.26
CA GLU B 681 -207.50 64.00 66.65
C GLU B 681 -208.85 64.60 67.01
N GLN B 682 -209.25 65.66 66.31
CA GLN B 682 -210.55 66.27 66.57
C GLN B 682 -211.63 65.63 65.72
N GLU B 683 -211.27 65.03 64.59
CA GLU B 683 -212.30 64.38 63.79
C GLU B 683 -212.76 63.10 64.45
N ALA B 684 -211.88 62.46 65.21
CA ALA B 684 -212.28 61.30 66.01
C ALA B 684 -213.13 61.73 67.19
N ARG B 685 -212.62 62.66 68.00
CA ARG B 685 -213.37 63.17 69.14
C ARG B 685 -214.75 63.63 68.74
N GLY B 686 -214.89 64.18 67.55
CA GLY B 686 -216.21 64.59 67.10
C GLY B 686 -217.15 63.42 66.96
N ARG B 687 -216.62 62.26 66.56
CA ARG B 687 -217.45 61.07 66.37
C ARG B 687 -217.57 60.28 67.67
N LEU B 688 -216.47 60.13 68.41
CA LEU B 688 -216.53 59.36 69.65
C LEU B 688 -217.51 60.00 70.64
N GLU B 689 -217.58 61.33 70.65
CA GLU B 689 -218.53 62.01 71.53
C GLU B 689 -219.94 61.90 71.00
N ARG B 690 -220.11 61.94 69.69
CA ARG B 690 -221.45 61.75 69.15
C ARG B 690 -221.90 60.32 69.28
N GLN B 691 -220.97 59.37 69.28
CA GLN B 691 -221.36 57.96 69.36
C GLN B 691 -221.86 57.60 70.75
N LYS B 692 -221.26 58.17 71.79
CA LYS B 692 -221.73 57.90 73.14
C LYS B 692 -223.17 58.36 73.32
N ILE B 693 -223.54 59.47 72.69
CA ILE B 693 -224.89 59.97 72.84
C ILE B 693 -225.88 59.13 72.06
N LEU B 694 -225.45 58.60 70.91
CA LEU B 694 -226.34 57.76 70.13
C LEU B 694 -226.53 56.39 70.78
N ASP B 695 -225.59 55.99 71.64
CA ASP B 695 -225.78 54.76 72.41
C ASP B 695 -226.78 54.98 73.54
N GLN B 696 -226.67 56.10 74.23
CA GLN B 696 -227.51 56.34 75.40
C GLN B 696 -228.97 56.51 75.00
N SER B 697 -229.21 56.80 73.72
CA SER B 697 -230.58 56.75 73.23
C SER B 697 -231.04 55.31 73.11
N GLU B 698 -230.10 54.39 72.89
CA GLU B 698 -230.46 52.97 72.80
C GLU B 698 -230.60 52.35 74.17
N ALA B 699 -229.75 52.75 75.11
CA ALA B 699 -229.85 52.28 76.48
C ALA B 699 -230.90 53.06 77.26
N GLU B 700 -231.81 53.69 76.53
CA GLU B 700 -232.91 54.43 77.14
C GLU B 700 -234.25 53.98 76.59
N LYS B 701 -234.28 53.53 75.33
CA LYS B 701 -235.53 52.98 74.81
C LYS B 701 -235.85 51.65 75.47
N ALA B 702 -234.82 50.92 75.87
CA ALA B 702 -235.03 49.69 76.63
C ALA B 702 -235.28 50.01 78.10
N ARG B 703 -234.60 51.02 78.63
CA ARG B 703 -234.77 51.35 80.03
C ARG B 703 -236.17 51.89 80.31
N LYS B 704 -236.87 52.36 79.28
CA LYS B 704 -238.27 52.69 79.50
C LYS B 704 -239.08 51.43 79.69
N GLU B 705 -238.65 50.33 79.06
CA GLU B 705 -239.35 49.07 79.21
C GLU B 705 -239.10 48.46 80.58
N LEU B 706 -237.86 48.53 81.07
CA LEU B 706 -237.58 48.10 82.43
C LEU B 706 -238.37 48.91 83.44
N LEU B 707 -238.67 50.17 83.13
CA LEU B 707 -239.37 51.01 84.09
C LEU B 707 -240.86 50.71 84.13
N GLU B 708 -241.48 50.42 82.98
CA GLU B 708 -242.92 50.21 83.03
C GLU B 708 -243.26 48.81 83.54
N LEU B 709 -242.28 47.89 83.52
CA LEU B 709 -242.49 46.61 84.17
C LEU B 709 -242.34 46.71 85.68
N GLU B 710 -241.47 47.61 86.14
CA GLU B 710 -241.36 47.86 87.57
C GLU B 710 -242.61 48.54 88.10
N ALA B 711 -243.41 49.13 87.22
CA ALA B 711 -244.62 49.80 87.67
C ALA B 711 -245.75 48.80 87.86
N LEU B 712 -245.75 47.73 87.06
CA LEU B 712 -246.68 46.64 87.31
C LEU B 712 -246.28 45.88 88.57
N SER B 713 -244.99 45.64 88.74
CA SER B 713 -244.49 44.92 89.90
C SER B 713 -244.72 45.69 91.18
N MET B 714 -244.52 47.00 91.16
CA MET B 714 -244.69 47.77 92.39
C MET B 714 -246.17 47.92 92.74
N ALA B 715 -247.04 47.83 91.74
CA ALA B 715 -248.46 47.73 92.03
C ALA B 715 -248.74 46.52 92.91
N VAL B 716 -248.14 45.37 92.58
CA VAL B 716 -248.40 44.15 93.31
C VAL B 716 -247.94 44.26 94.76
N GLU B 717 -246.69 44.70 94.96
CA GLU B 717 -246.15 44.76 96.31
C GLU B 717 -246.97 45.69 97.22
N SER B 718 -247.70 46.63 96.63
CA SER B 718 -248.41 47.62 97.44
C SER B 718 -249.88 47.27 97.59
N THR B 719 -250.55 46.93 96.50
CA THR B 719 -251.96 46.56 96.63
C THR B 719 -252.11 45.24 97.37
N GLY B 720 -251.11 44.36 97.26
CA GLY B 720 -251.18 43.09 97.96
C GLY B 720 -250.91 43.25 99.44
N THR B 721 -250.00 44.14 99.80
CA THR B 721 -249.70 44.35 101.21
C THR B 721 -250.87 45.03 101.93
N ALA B 722 -251.48 46.03 101.29
CA ALA B 722 -252.57 46.74 101.95
C ALA B 722 -253.84 45.92 101.94
N LYS B 723 -254.04 45.11 100.90
CA LYS B 723 -255.18 44.20 100.88
C LYS B 723 -255.08 43.16 101.99
N ALA B 724 -253.86 42.77 102.36
CA ALA B 724 -253.68 41.71 103.33
C ALA B 724 -253.91 42.22 104.75
N GLU B 725 -253.37 43.39 105.08
CA GLU B 725 -253.49 43.90 106.44
C GLU B 725 -254.88 44.42 106.72
N ALA B 726 -255.67 44.70 105.69
CA ALA B 726 -257.00 45.22 105.91
C ALA B 726 -258.04 44.10 105.97
N GLU B 727 -257.84 43.04 105.20
CA GLU B 727 -258.77 41.91 105.28
C GLU B 727 -258.58 41.13 106.56
N SER B 728 -257.39 41.18 107.15
CA SER B 728 -257.20 40.55 108.45
C SER B 728 -258.00 41.27 109.53
N ARG B 729 -257.99 42.60 109.51
CA ARG B 729 -258.73 43.34 110.52
C ARG B 729 -260.23 43.20 110.34
N ALA B 730 -260.67 42.98 109.10
CA ALA B 730 -262.10 42.84 108.86
C ALA B 730 -262.61 41.50 109.37
N GLU B 731 -261.75 40.48 109.36
CA GLU B 731 -262.17 39.15 109.77
C GLU B 731 -262.19 39.04 111.29
N ALA B 732 -261.18 39.58 111.96
CA ALA B 732 -261.18 39.60 113.42
C ALA B 732 -262.37 40.38 113.96
N ALA B 733 -262.74 41.48 113.30
CA ALA B 733 -263.85 42.28 113.78
C ALA B 733 -265.18 41.63 113.47
N ARG B 734 -265.22 40.70 112.52
CA ARG B 734 -266.46 39.96 112.29
C ARG B 734 -266.66 38.90 113.35
N ILE B 735 -265.58 38.25 113.79
CA ILE B 735 -265.70 37.28 114.87
C ILE B 735 -266.16 37.95 116.14
N GLU B 736 -265.56 39.10 116.47
CA GLU B 736 -266.00 39.86 117.62
C GLU B 736 -267.45 40.29 117.48
N GLY B 737 -267.88 40.58 116.25
CA GLY B 737 -269.22 41.08 116.04
C GLY B 737 -270.29 40.01 116.13
N GLU B 738 -269.97 38.80 115.67
CA GLU B 738 -270.93 37.72 115.79
C GLU B 738 -270.95 37.17 117.21
N GLY B 739 -269.83 37.26 117.91
CA GLY B 739 -269.81 36.83 119.30
C GLY B 739 -270.56 37.81 120.20
N SER B 740 -270.45 39.11 119.90
CA SER B 740 -271.11 40.11 120.73
C SER B 740 -272.62 39.94 120.71
N VAL B 741 -273.16 39.47 119.60
CA VAL B 741 -274.61 39.23 119.54
C VAL B 741 -274.99 38.10 120.47
N LEU B 742 -274.20 37.03 120.47
CA LEU B 742 -274.44 35.94 121.42
C LEU B 742 -274.13 36.37 122.84
N GLN B 743 -272.96 36.97 123.05
CA GLN B 743 -272.60 37.43 124.39
C GLN B 743 -273.66 38.36 124.98
N ALA B 744 -274.24 39.23 124.15
CA ALA B 744 -275.30 40.11 124.63
C ALA B 744 -276.62 39.38 124.77
N LYS B 745 -276.70 38.15 124.29
CA LYS B 745 -277.94 37.39 124.42
C LYS B 745 -277.95 36.63 125.74
N LEU B 746 -276.84 35.98 126.06
CA LEU B 746 -276.75 35.24 127.32
C LEU B 746 -276.69 36.20 128.50
N LYS B 747 -276.07 37.35 128.32
CA LYS B 747 -276.03 38.34 129.39
C LYS B 747 -277.42 38.85 129.71
N ALA B 748 -278.35 38.75 128.75
CA ALA B 748 -279.71 39.20 129.01
C ALA B 748 -280.52 38.13 129.73
N GLN B 749 -280.19 36.86 129.52
CA GLN B 749 -280.84 35.80 130.29
C GLN B 749 -280.52 35.95 131.77
N ALA B 750 -279.26 36.16 132.12
CA ALA B 750 -278.89 36.30 133.51
C ALA B 750 -279.46 37.57 134.11
N LEU B 751 -279.69 38.58 133.29
CA LEU B 751 -280.30 39.81 133.79
C LEU B 751 -281.78 39.61 134.05
N ALA B 752 -282.41 38.66 133.36
CA ALA B 752 -283.81 38.37 133.62
C ALA B 752 -283.96 37.49 134.86
N ILE B 753 -283.02 36.57 135.05
CA ILE B 753 -283.06 35.68 136.20
C ILE B 753 -282.89 36.47 137.49
N GLU B 754 -281.94 37.40 137.51
CA GLU B 754 -281.68 38.12 138.75
C GLU B 754 -282.63 39.29 138.93
N THR B 755 -283.31 39.69 137.86
CA THR B 755 -284.38 40.66 138.02
C THR B 755 -285.62 39.99 138.56
N GLU B 756 -285.93 38.79 138.08
CA GLU B 756 -287.05 38.04 138.63
C GLU B 756 -286.82 37.74 140.11
N ALA B 757 -285.63 37.29 140.46
CA ALA B 757 -285.32 37.00 141.86
C ALA B 757 -285.47 38.24 142.72
N GLU B 758 -284.88 39.35 142.29
CA GLU B 758 -284.88 40.56 143.11
C GLU B 758 -286.28 41.09 143.35
N LEU B 759 -287.12 41.10 142.31
CA LEU B 759 -288.45 41.67 142.47
C LEU B 759 -289.36 40.74 143.27
N GLN B 760 -289.12 39.43 143.24
CA GLN B 760 -289.84 38.54 144.14
C GLN B 760 -289.59 38.91 145.58
N ARG B 761 -288.34 39.25 145.91
CA ARG B 761 -287.99 39.61 147.27
C ARG B 761 -288.54 40.99 147.63
N VAL B 762 -288.23 41.99 146.83
CA VAL B 762 -288.69 43.36 147.11
C VAL B 762 -290.20 43.39 147.28
N GLN B 763 -290.92 42.68 146.42
CA GLN B 763 -292.38 42.63 146.55
C GLN B 763 -292.77 41.97 147.86
N LYS B 764 -292.18 40.82 148.17
CA LYS B 764 -292.55 40.07 149.35
C LYS B 764 -292.17 40.81 150.61
N VAL B 765 -291.09 41.59 150.56
CA VAL B 765 -290.71 42.39 151.72
C VAL B 765 -291.68 43.54 151.91
N ARG B 766 -291.79 44.42 150.92
CA ARG B 766 -292.54 45.65 151.11
C ARG B 766 -294.01 45.38 151.41
N GLU B 767 -294.56 44.28 150.88
CA GLU B 767 -295.97 44.00 151.14
C GLU B 767 -296.16 43.63 152.61
N LEU B 768 -295.20 42.92 153.20
CA LEU B 768 -295.29 42.56 154.60
C LEU B 768 -295.00 43.75 155.50
N GLU B 769 -294.09 44.63 155.08
CA GLU B 769 -293.78 45.83 155.85
C GLU B 769 -294.96 46.80 155.85
N LEU B 770 -295.84 46.70 154.85
CA LEU B 770 -297.00 47.58 154.81
C LEU B 770 -298.02 47.19 155.87
N VAL B 771 -298.07 45.90 156.22
CA VAL B 771 -298.94 45.45 157.29
C VAL B 771 -298.51 46.03 158.62
N TYR B 772 -297.22 45.96 158.91
CA TYR B 772 -296.69 46.54 160.13
C TYR B 772 -296.84 48.05 160.14
N ALA B 773 -296.78 48.67 158.96
CA ALA B 773 -296.83 50.13 158.88
C ALA B 773 -298.19 50.66 159.29
N ARG B 774 -299.25 49.94 158.93
CA ARG B 774 -300.60 50.42 159.24
C ARG B 774 -301.05 49.97 160.62
N ALA B 775 -300.40 48.96 161.20
CA ALA B 775 -300.67 48.62 162.58
C ALA B 775 -300.09 49.65 163.53
N GLN B 776 -298.94 50.24 163.16
CA GLN B 776 -298.41 51.36 163.94
C GLN B 776 -299.33 52.55 163.86
N LEU B 777 -300.10 52.66 162.77
CA LEU B 777 -300.94 53.85 162.57
C LEU B 777 -302.14 53.84 163.49
N GLU B 778 -302.91 52.74 163.47
CA GLU B 778 -304.09 52.68 164.33
C GLU B 778 -303.70 52.75 165.79
N LEU B 779 -302.48 52.29 166.13
CA LEU B 779 -302.00 52.43 167.50
C LEU B 779 -301.62 53.87 167.78
N GLU B 780 -301.03 54.56 166.80
CA GLU B 780 -300.78 55.99 166.93
C GLU B 780 -302.08 56.77 167.08
N VAL B 781 -303.06 56.48 166.23
CA VAL B 781 -304.35 57.17 166.31
C VAL B 781 -305.04 56.81 167.61
N SER B 782 -304.89 55.57 168.07
CA SER B 782 -305.49 55.15 169.33
C SER B 782 -304.99 56.02 170.48
N LYS B 783 -303.70 56.36 170.45
CA LYS B 783 -303.14 57.18 171.53
C LYS B 783 -303.62 58.62 171.45
N ALA B 784 -303.48 59.25 170.28
CA ALA B 784 -303.77 60.67 170.15
C ALA B 784 -305.21 60.98 170.54
N GLN B 785 -306.14 60.10 170.20
CA GLN B 785 -307.54 60.38 170.51
C GLN B 785 -307.86 60.05 171.96
N GLN B 786 -307.13 59.10 172.55
CA GLN B 786 -307.46 58.67 173.90
C GLN B 786 -306.83 59.57 174.94
N LEU B 787 -305.68 60.15 174.64
CA LEU B 787 -305.13 61.18 175.52
C LEU B 787 -305.84 62.51 175.32
N ALA B 788 -306.54 62.66 174.20
CA ALA B 788 -307.32 63.87 173.99
C ALA B 788 -308.62 63.82 174.77
N GLU B 789 -309.03 62.63 175.22
CA GLU B 789 -310.19 62.54 176.10
C GLU B 789 -309.85 63.03 177.50
N VAL B 790 -308.72 62.57 178.04
CA VAL B 790 -308.34 62.96 179.39
C VAL B 790 -308.02 64.45 179.43
N GLU B 791 -307.61 65.01 178.30
CA GLU B 791 -307.35 66.45 178.23
C GLU B 791 -308.65 67.24 178.24
N VAL B 792 -309.62 66.83 177.42
CA VAL B 792 -310.87 67.57 177.34
C VAL B 792 -311.66 67.42 178.64
N LYS B 793 -311.84 66.19 179.11
CA LYS B 793 -312.66 65.98 180.29
C LYS B 793 -312.07 66.68 181.51
N LYS B 794 -310.74 66.65 181.65
CA LYS B 794 -310.12 67.36 182.75
C LYS B 794 -310.25 68.87 182.59
N PHE B 795 -310.26 69.35 181.34
CA PHE B 795 -310.53 70.76 181.12
C PHE B 795 -311.98 71.08 181.43
N LYS B 796 -312.90 70.18 181.09
CA LYS B 796 -314.32 70.45 181.26
C LYS B 796 -314.72 70.45 182.73
N GLN B 797 -314.14 69.54 183.53
CA GLN B 797 -314.50 69.48 184.94
C GLN B 797 -314.09 70.76 185.67
N MET B 798 -312.85 71.19 185.49
CA MET B 798 -312.37 72.36 186.22
C MET B 798 -312.66 73.67 185.49
N THR B 799 -313.29 73.62 184.32
CA THR B 799 -313.79 74.84 183.71
C THR B 799 -315.13 75.25 184.31
N GLU B 800 -315.93 74.27 184.76
CA GLU B 800 -317.18 74.56 185.45
C GLU B 800 -316.99 74.85 186.93
N ALA B 801 -315.91 74.35 187.54
CA ALA B 801 -315.62 74.66 188.93
C ALA B 801 -315.42 76.16 189.11
N ILE B 802 -314.59 76.76 188.25
CA ILE B 802 -314.47 78.22 188.23
C ILE B 802 -315.77 78.83 187.73
N GLY B 803 -316.30 78.29 186.64
CA GLY B 803 -317.53 78.79 186.06
C GLY B 803 -317.26 79.68 184.86
N PRO B 804 -317.98 79.46 183.76
CA PRO B 804 -317.77 80.30 182.57
C PRO B 804 -318.41 81.67 182.70
N SER B 805 -318.23 82.30 183.86
CA SER B 805 -318.67 83.67 184.09
C SER B 805 -317.57 84.42 184.84
N THR B 806 -316.72 83.66 185.53
CA THR B 806 -315.61 84.22 186.29
C THR B 806 -314.27 84.08 185.56
N ILE B 807 -314.13 83.06 184.72
CA ILE B 807 -312.89 82.85 183.96
C ILE B 807 -312.52 84.05 183.09
N ARG B 808 -313.49 84.92 182.77
CA ARG B 808 -313.19 86.12 182.00
C ARG B 808 -312.50 87.19 182.83
N ASP B 809 -312.31 86.95 184.12
CA ASP B 809 -311.76 87.95 185.02
C ASP B 809 -310.39 87.55 185.60
N LEU B 810 -309.68 86.62 184.96
CA LEU B 810 -308.34 86.23 185.39
C LEU B 810 -307.25 86.88 184.54
N ALA B 811 -307.62 87.60 183.50
CA ALA B 811 -306.67 88.39 182.73
C ALA B 811 -307.38 89.61 182.15
N VAL B 812 -307.32 90.75 182.85
CA VAL B 812 -308.01 91.95 182.42
C VAL B 812 -307.03 93.12 182.35
#